data_1KKD
#
_entry.id   1KKD
#
_entity_poly.entity_id   1
_entity_poly.type   'polypeptide(L)'
_entity_poly.pdbx_seq_one_letter_code
;MGRKLELTKAEKHVHNFMMDTQLTKRVKNAAANVLRETWLIYKNTKLVKKIDHAKVRKHQRKFLQAIHQLRSVKMEQRKL
NDQANTLVDLAKTQLEHHHHHH
;
_entity_poly.pdbx_strand_id   A
#
# COMPACT_ATOMS: atom_id res chain seq x y z
N ARG A 3 40.33 -14.84 44.29
CA ARG A 3 39.41 -13.77 44.66
C ARG A 3 38.18 -14.36 45.36
N LYS A 4 38.25 -14.37 46.68
CA LYS A 4 37.15 -14.91 47.48
C LYS A 4 36.26 -13.75 47.92
N LEU A 5 35.60 -13.15 46.94
CA LEU A 5 34.71 -12.03 47.21
C LEU A 5 33.99 -11.64 45.92
N GLU A 6 33.05 -10.70 46.07
CA GLU A 6 32.29 -10.22 44.92
C GLU A 6 31.78 -11.40 44.10
N LEU A 7 31.18 -11.07 42.96
CA LEU A 7 30.65 -12.09 42.07
C LEU A 7 29.55 -12.87 42.81
N THR A 8 28.94 -13.80 42.08
CA THR A 8 27.88 -14.61 42.64
C THR A 8 27.01 -13.78 43.57
N LYS A 9 26.42 -12.72 43.01
CA LYS A 9 25.57 -11.85 43.77
C LYS A 9 24.35 -12.62 44.26
N ALA A 10 23.51 -11.93 45.03
CA ALA A 10 22.31 -12.56 45.57
C ALA A 10 22.70 -13.65 46.56
N GLU A 11 22.14 -13.54 47.76
CA GLU A 11 22.43 -14.52 48.80
C GLU A 11 21.16 -14.84 49.58
N LYS A 12 20.03 -14.43 49.02
CA LYS A 12 18.74 -14.66 49.65
C LYS A 12 17.92 -15.62 48.78
N HIS A 13 18.06 -15.44 47.47
CA HIS A 13 17.33 -16.28 46.53
C HIS A 13 15.83 -15.98 46.63
N VAL A 14 15.21 -15.78 45.48
CA VAL A 14 13.79 -15.50 45.43
C VAL A 14 13.36 -15.36 43.97
N HIS A 15 12.29 -16.07 43.64
CA HIS A 15 11.76 -16.02 42.28
C HIS A 15 12.76 -16.66 41.31
N ASN A 16 13.24 -17.84 41.70
CA ASN A 16 14.21 -18.55 40.88
C ASN A 16 13.47 -19.50 39.94
N PHE A 17 12.33 -19.03 39.44
CA PHE A 17 11.52 -19.82 38.53
C PHE A 17 12.36 -20.33 37.36
N MET A 18 11.76 -21.20 36.56
CA MET A 18 12.43 -21.77 35.41
C MET A 18 12.44 -20.78 34.24
N MET A 19 13.24 -19.72 34.40
CA MET A 19 13.35 -18.70 33.38
C MET A 19 12.13 -17.79 33.39
N ASP A 20 10.96 -18.41 33.28
CA ASP A 20 9.72 -17.66 33.26
C ASP A 20 8.55 -18.63 33.08
N THR A 21 7.84 -18.86 34.17
CA THR A 21 6.70 -19.76 34.15
C THR A 21 5.40 -18.99 34.36
N GLN A 22 5.14 -18.06 33.44
CA GLN A 22 3.95 -17.25 33.52
C GLN A 22 3.90 -16.49 34.85
N LEU A 23 4.96 -15.73 35.10
CA LEU A 23 5.05 -14.96 36.32
C LEU A 23 5.17 -13.48 35.98
N THR A 24 6.10 -13.18 35.09
CA THR A 24 6.33 -11.81 34.66
C THR A 24 5.23 -11.37 33.67
N LYS A 25 4.13 -10.90 34.24
CA LYS A 25 3.02 -10.46 33.43
C LYS A 25 3.27 -9.02 32.97
N ARG A 26 2.28 -8.45 32.30
CA ARG A 26 2.38 -7.10 31.80
C ARG A 26 2.10 -6.09 32.94
N VAL A 27 1.70 -4.90 32.54
CA VAL A 27 1.40 -3.86 33.50
C VAL A 27 -0.04 -4.00 33.98
N LYS A 28 -0.39 -5.22 34.35
CA LYS A 28 -1.73 -5.52 34.84
C LYS A 28 -2.65 -5.73 33.63
N ASN A 29 -2.06 -6.22 32.55
CA ASN A 29 -2.83 -6.46 31.34
C ASN A 29 -3.83 -5.33 31.12
N ALA A 30 -3.44 -4.15 31.58
CA ALA A 30 -4.28 -2.98 31.44
C ALA A 30 -4.22 -2.48 30.00
N ALA A 31 -3.28 -3.03 29.25
CA ALA A 31 -3.10 -2.64 27.86
C ALA A 31 -4.27 -3.18 27.03
N ALA A 32 -4.53 -4.47 27.20
CA ALA A 32 -5.62 -5.11 26.47
C ALA A 32 -5.33 -5.04 24.98
N ASN A 33 -5.69 -3.91 24.39
CA ASN A 33 -5.48 -3.71 22.96
C ASN A 33 -4.97 -2.28 22.72
N VAL A 34 -4.40 -1.71 23.77
CA VAL A 34 -3.87 -0.37 23.69
C VAL A 34 -4.93 0.56 23.10
N LEU A 35 -6.17 0.11 23.18
CA LEU A 35 -7.29 0.88 22.66
C LEU A 35 -7.22 0.91 21.13
N ARG A 36 -6.12 1.43 20.62
CA ARG A 36 -5.91 1.51 19.19
C ARG A 36 -5.90 0.11 18.58
N GLU A 37 -5.46 -0.85 19.37
CA GLU A 37 -5.40 -2.22 18.92
C GLU A 37 -4.83 -2.30 17.50
N THR A 38 -3.87 -1.40 17.24
CA THR A 38 -3.25 -1.36 15.93
C THR A 38 -2.49 -2.65 15.65
N TRP A 39 -2.14 -3.34 16.73
CA TRP A 39 -1.42 -4.60 16.62
C TRP A 39 -2.44 -5.73 16.60
N LEU A 40 -3.66 -5.38 16.22
CA LEU A 40 -4.74 -6.35 16.15
C LEU A 40 -5.60 -6.09 14.92
N ILE A 41 -5.91 -4.82 14.73
CA ILE A 41 -6.72 -4.40 13.60
C ILE A 41 -5.94 -4.62 12.31
N TYR A 42 -4.65 -4.32 12.38
CA TYR A 42 -3.78 -4.47 11.23
C TYR A 42 -4.19 -5.68 10.38
N LYS A 43 -4.09 -5.51 9.07
CA LYS A 43 -4.44 -6.58 8.15
C LYS A 43 -3.68 -6.39 6.84
N ASN A 44 -3.24 -7.52 6.28
CA ASN A 44 -2.49 -7.49 5.03
C ASN A 44 -1.08 -6.97 5.30
N THR A 45 -1.02 -5.74 5.79
CA THR A 45 0.26 -5.13 6.09
C THR A 45 0.25 -4.56 7.51
N LYS A 46 1.41 -4.06 7.92
CA LYS A 46 1.57 -3.50 9.25
C LYS A 46 2.91 -2.76 9.34
N LEU A 47 3.08 -1.80 8.45
CA LEU A 47 4.31 -1.02 8.42
C LEU A 47 4.05 0.36 9.02
N VAL A 48 3.80 0.37 10.32
CA VAL A 48 3.53 1.62 11.02
C VAL A 48 4.16 1.57 12.41
N LYS A 49 5.30 2.23 12.54
CA LYS A 49 6.01 2.26 13.80
C LYS A 49 6.83 3.55 13.88
N LYS A 50 7.11 3.97 15.11
CA LYS A 50 7.88 5.18 15.34
C LYS A 50 9.25 5.04 14.68
N ILE A 51 9.53 5.93 13.75
CA ILE A 51 10.79 5.92 13.04
C ILE A 51 11.93 5.69 14.03
N ASP A 52 13.08 5.33 13.49
CA ASP A 52 14.25 5.07 14.31
C ASP A 52 13.98 3.87 15.21
N HIS A 53 14.71 2.80 14.95
CA HIS A 53 14.55 1.57 15.73
C HIS A 53 15.68 0.60 15.38
N ALA A 54 15.96 0.51 14.09
CA ALA A 54 17.01 -0.37 13.61
C ALA A 54 18.13 0.46 12.98
N LYS A 55 19.14 -0.25 12.50
CA LYS A 55 20.28 0.40 11.87
C LYS A 55 19.77 1.46 10.89
N VAL A 56 19.08 0.99 9.86
CA VAL A 56 18.55 1.88 8.85
C VAL A 56 19.69 2.54 8.08
N ARG A 57 19.95 2.02 6.89
CA ARG A 57 21.02 2.54 6.05
C ARG A 57 20.50 2.81 4.65
N LYS A 58 21.39 2.68 3.68
CA LYS A 58 21.05 2.92 2.29
C LYS A 58 19.67 2.31 2.01
N HIS A 59 18.76 3.15 1.55
CA HIS A 59 17.42 2.71 1.24
C HIS A 59 16.63 3.86 0.59
N GLN A 60 16.46 3.75 -0.72
CA GLN A 60 15.73 4.77 -1.46
C GLN A 60 16.58 6.05 -1.57
N ARG A 61 16.92 6.59 -0.41
CA ARG A 61 17.71 7.80 -0.35
C ARG A 61 18.93 7.62 0.56
N LYS A 62 20.11 7.83 -0.02
CA LYS A 62 21.34 7.68 0.73
C LYS A 62 21.18 8.35 2.09
N PHE A 63 22.11 8.02 2.98
CA PHE A 63 22.09 8.58 4.32
C PHE A 63 23.38 9.36 4.61
N LEU A 64 23.36 10.07 5.73
CA LEU A 64 24.50 10.87 6.14
C LEU A 64 24.76 10.67 7.63
N GLN A 65 25.88 11.22 8.08
CA GLN A 65 26.25 11.12 9.48
C GLN A 65 25.58 12.22 10.29
N ALA A 66 26.04 12.38 11.52
CA ALA A 66 25.50 13.39 12.41
C ALA A 66 24.09 12.97 12.84
N ILE A 67 23.80 11.70 12.65
CA ILE A 67 22.49 11.16 13.01
C ILE A 67 22.61 10.41 14.34
N HIS A 68 22.50 9.10 14.26
CA HIS A 68 22.58 8.27 15.44
C HIS A 68 23.56 7.12 15.20
N GLN A 69 24.75 7.48 14.74
CA GLN A 69 25.79 6.50 14.46
C GLN A 69 27.15 7.04 14.88
N LEU A 70 27.91 6.18 15.55
CA LEU A 70 29.23 6.54 16.01
C LEU A 70 29.10 7.59 17.13
N ARG A 71 30.25 7.97 17.67
CA ARG A 71 30.28 8.96 18.73
C ARG A 71 29.60 8.41 19.99
N SER A 72 30.36 7.61 20.73
CA SER A 72 29.85 7.02 21.95
C SER A 72 30.97 6.30 22.70
N VAL A 73 31.76 7.09 23.41
CA VAL A 73 32.87 6.54 24.17
C VAL A 73 32.49 6.49 25.66
N LYS A 74 31.38 7.12 25.97
CA LYS A 74 30.89 7.15 27.34
C LYS A 74 29.43 7.61 27.35
N MET A 75 28.57 6.71 27.81
CA MET A 75 27.15 7.01 27.88
C MET A 75 26.91 8.44 28.37
N GLU A 76 27.71 8.85 29.34
CA GLU A 76 27.59 10.18 29.91
C GLU A 76 26.16 10.44 30.36
N GLN A 77 25.98 11.58 31.03
CA GLN A 77 24.67 11.97 31.52
C GLN A 77 23.63 11.80 30.42
N ARG A 78 22.38 12.01 30.80
CA ARG A 78 21.27 11.89 29.85
C ARG A 78 21.18 10.46 29.33
N LYS A 79 20.54 9.61 30.10
CA LYS A 79 20.38 8.22 29.73
C LYS A 79 18.91 7.82 29.90
N LEU A 80 18.46 6.95 29.00
CA LEU A 80 17.08 6.48 29.03
C LEU A 80 17.07 4.99 29.39
N ASN A 81 15.90 4.52 29.79
CA ASN A 81 15.74 3.13 30.16
C ASN A 81 14.25 2.83 30.39
N ASP A 82 13.58 3.80 31.01
CA ASP A 82 12.16 3.64 31.29
C ASP A 82 11.36 4.42 30.25
N GLN A 83 11.62 5.71 30.18
CA GLN A 83 10.93 6.57 29.22
C GLN A 83 9.42 6.42 29.38
N ALA A 84 8.84 7.35 30.13
CA ALA A 84 7.41 7.33 30.36
C ALA A 84 6.98 8.68 30.95
N ASN A 85 5.74 9.05 30.66
CA ASN A 85 5.20 10.30 31.16
C ASN A 85 3.70 10.37 30.84
N THR A 86 2.90 10.44 31.90
CA THR A 86 1.46 10.51 31.76
C THR A 86 0.85 11.30 32.91
N LEU A 87 0.51 12.55 32.61
CA LEU A 87 -0.09 13.42 33.60
C LEU A 87 -1.56 13.69 33.23
N VAL A 88 -1.90 13.29 32.02
CA VAL A 88 -3.26 13.48 31.53
C VAL A 88 -3.91 12.12 31.31
N ASP A 89 -3.92 11.31 32.37
CA ASP A 89 -4.50 9.99 32.32
C ASP A 89 -5.40 9.78 33.54
N LEU A 90 -6.09 8.65 33.53
CA LEU A 90 -6.99 8.32 34.63
C LEU A 90 -7.69 9.59 35.12
N ALA A 91 -7.91 10.51 34.17
CA ALA A 91 -8.56 11.76 34.49
C ALA A 91 -9.21 12.32 33.22
N LYS A 92 -8.35 12.75 32.30
CA LYS A 92 -8.81 13.31 31.04
C LYS A 92 -8.93 12.20 30.00
N THR A 93 -10.17 11.79 29.74
CA THR A 93 -10.43 10.74 28.78
C THR A 93 -11.15 11.31 27.55
N GLN A 94 -11.53 12.57 27.66
CA GLN A 94 -12.23 13.24 26.58
C GLN A 94 -12.87 14.53 27.08
N ARG A 3 48.82 -39.66 18.06
CA ARG A 3 48.51 -38.65 17.06
C ARG A 3 47.11 -38.06 17.32
N LYS A 4 46.83 -36.97 16.60
CA LYS A 4 45.55 -36.31 16.75
C LYS A 4 45.47 -35.64 18.12
N LEU A 5 44.78 -34.51 18.16
CA LEU A 5 44.62 -33.77 19.40
C LEU A 5 43.37 -32.90 19.31
N GLU A 6 43.08 -32.22 20.41
CA GLU A 6 41.92 -31.35 20.48
C GLU A 6 42.34 -29.91 20.69
N LEU A 7 41.51 -29.00 20.20
CA LEU A 7 41.78 -27.58 20.33
C LEU A 7 40.62 -26.78 19.75
N THR A 8 40.35 -25.63 20.38
CA THR A 8 39.27 -24.78 19.93
C THR A 8 38.06 -25.61 19.51
N LYS A 9 37.22 -25.90 20.49
CA LYS A 9 36.03 -26.68 20.23
C LYS A 9 35.11 -25.92 19.27
N ALA A 10 34.60 -24.80 19.76
CA ALA A 10 33.71 -23.98 18.95
C ALA A 10 33.35 -22.72 19.73
N GLU A 11 33.58 -21.58 19.09
CA GLU A 11 33.27 -20.30 19.71
C GLU A 11 32.68 -19.33 18.68
N LYS A 12 32.29 -19.89 17.55
CA LYS A 12 31.71 -19.10 16.49
C LYS A 12 30.25 -19.52 16.28
N HIS A 13 30.01 -20.81 16.42
CA HIS A 13 28.67 -21.35 16.27
C HIS A 13 27.78 -20.86 17.41
N VAL A 14 26.50 -21.21 17.31
CA VAL A 14 25.54 -20.81 18.32
C VAL A 14 24.18 -21.44 18.01
N HIS A 15 23.61 -22.08 19.03
CA HIS A 15 22.32 -22.72 18.87
C HIS A 15 21.54 -22.64 20.18
N ASN A 16 21.29 -21.41 20.62
CA ASN A 16 20.57 -21.19 21.85
C ASN A 16 20.53 -19.69 22.15
N PHE A 17 20.33 -18.91 21.10
CA PHE A 17 20.28 -17.46 21.24
C PHE A 17 19.00 -17.04 21.97
N MET A 18 18.94 -15.75 22.27
CA MET A 18 17.79 -15.20 22.96
C MET A 18 16.53 -15.31 22.11
N MET A 19 15.87 -16.46 22.24
CA MET A 19 14.65 -16.70 21.50
C MET A 19 13.47 -15.94 22.10
N ASP A 20 13.44 -15.91 23.42
CA ASP A 20 12.38 -15.22 24.13
C ASP A 20 12.97 -14.04 24.90
N THR A 21 13.25 -12.98 24.17
CA THR A 21 13.82 -11.78 24.77
C THR A 21 12.75 -11.03 25.58
N GLN A 22 11.53 -11.04 25.06
CA GLN A 22 10.43 -10.37 25.71
C GLN A 22 9.11 -10.70 25.00
N LEU A 23 8.65 -11.92 25.23
CA LEU A 23 7.41 -12.38 24.62
C LEU A 23 6.75 -13.42 25.53
N THR A 24 5.88 -12.94 26.40
CA THR A 24 5.18 -13.82 27.33
C THR A 24 3.72 -13.40 27.46
N LYS A 25 3.53 -12.15 27.84
CA LYS A 25 2.19 -11.61 28.01
C LYS A 25 1.50 -11.52 26.65
N ARG A 26 0.29 -10.99 26.65
CA ARG A 26 -0.48 -10.84 25.44
C ARG A 26 -1.12 -9.46 25.38
N VAL A 27 -2.05 -9.30 24.44
CA VAL A 27 -2.74 -8.04 24.26
C VAL A 27 -3.83 -7.93 25.33
N LYS A 28 -3.82 -8.88 26.25
CA LYS A 28 -4.80 -8.89 27.33
C LYS A 28 -4.07 -8.96 28.67
N ASN A 29 -2.88 -8.38 28.69
CA ASN A 29 -2.08 -8.37 29.90
C ASN A 29 -1.43 -7.00 30.07
N ALA A 30 -2.25 -6.04 30.45
CA ALA A 30 -1.78 -4.68 30.65
C ALA A 30 -1.81 -3.92 29.31
N ALA A 31 -2.06 -4.69 28.26
CA ALA A 31 -2.13 -4.11 26.92
C ALA A 31 -3.56 -3.66 26.63
N ALA A 32 -4.49 -4.58 26.85
CA ALA A 32 -5.90 -4.30 26.63
C ALA A 32 -6.09 -3.84 25.18
N ASN A 33 -5.10 -4.15 24.36
CA ASN A 33 -5.15 -3.78 22.95
C ASN A 33 -4.67 -2.33 22.79
N VAL A 34 -4.07 -1.83 23.86
CA VAL A 34 -3.56 -0.46 23.85
C VAL A 34 -4.67 0.50 23.42
N LEU A 35 -5.90 0.01 23.52
CA LEU A 35 -7.06 0.81 23.14
C LEU A 35 -7.08 0.97 21.62
N ARG A 36 -6.00 1.55 21.10
CA ARG A 36 -5.89 1.77 19.67
C ARG A 36 -6.16 0.47 18.91
N GLU A 37 -5.70 -0.63 19.49
CA GLU A 37 -5.89 -1.94 18.88
C GLU A 37 -5.56 -1.87 17.39
N THR A 38 -4.31 -1.56 17.10
CA THR A 38 -3.85 -1.45 15.72
C THR A 38 -2.97 -2.65 15.36
N TRP A 39 -2.69 -3.46 16.37
CA TRP A 39 -1.86 -4.64 16.18
C TRP A 39 -2.79 -5.82 15.90
N LEU A 40 -4.01 -5.70 16.39
CA LEU A 40 -5.00 -6.76 16.19
C LEU A 40 -5.60 -6.63 14.79
N ILE A 41 -5.81 -5.38 14.40
CA ILE A 41 -6.39 -5.11 13.09
C ILE A 41 -5.31 -5.22 12.03
N TYR A 42 -4.12 -4.76 12.39
CA TYR A 42 -2.99 -4.80 11.48
C TYR A 42 -3.31 -4.06 10.17
N LYS A 43 -2.64 -2.93 9.98
CA LYS A 43 -2.84 -2.14 8.79
C LYS A 43 -4.24 -1.50 8.85
N ASN A 44 -4.32 -0.28 8.32
CA ASN A 44 -5.57 0.45 8.29
C ASN A 44 -5.54 1.49 7.18
N THR A 45 -4.45 2.25 7.16
CA THR A 45 -4.28 3.28 6.15
C THR A 45 -4.79 2.80 4.80
N LYS A 46 -4.37 1.61 4.43
CA LYS A 46 -4.78 1.02 3.16
C LYS A 46 -6.26 1.31 2.93
N LEU A 47 -6.52 2.30 2.08
CA LEU A 47 -7.88 2.68 1.77
C LEU A 47 -8.43 1.75 0.69
N VAL A 48 -8.40 0.46 1.00
CA VAL A 48 -8.89 -0.54 0.07
C VAL A 48 -10.31 -0.18 -0.37
N LYS A 49 -11.09 0.27 0.61
CA LYS A 49 -12.46 0.66 0.34
C LYS A 49 -13.04 1.37 1.57
N LYS A 50 -12.79 2.67 1.62
CA LYS A 50 -13.27 3.49 2.73
C LYS A 50 -14.78 3.27 2.90
N ILE A 51 -15.18 3.08 4.14
CA ILE A 51 -16.59 2.86 4.45
C ILE A 51 -17.41 4.02 3.89
N ASP A 52 -18.71 3.92 4.06
CA ASP A 52 -19.62 4.94 3.59
C ASP A 52 -21.02 4.68 4.14
N HIS A 53 -21.43 3.43 4.07
CA HIS A 53 -22.74 3.04 4.57
C HIS A 53 -23.77 4.10 4.19
N ALA A 54 -23.88 4.35 2.90
CA ALA A 54 -24.82 5.33 2.40
C ALA A 54 -25.88 4.64 1.54
N LYS A 55 -26.90 5.41 1.19
CA LYS A 55 -27.98 4.88 0.37
C LYS A 55 -27.46 4.58 -1.04
N VAL A 56 -27.08 5.65 -1.73
CA VAL A 56 -26.56 5.52 -3.09
C VAL A 56 -27.38 4.46 -3.84
N ARG A 57 -28.48 4.91 -4.41
CA ARG A 57 -29.35 4.02 -5.17
C ARG A 57 -28.96 4.02 -6.64
N LYS A 58 -27.95 3.22 -6.95
CA LYS A 58 -27.46 3.11 -8.32
C LYS A 58 -28.60 2.62 -9.22
N HIS A 59 -28.38 2.75 -10.52
CA HIS A 59 -29.37 2.32 -11.49
C HIS A 59 -30.77 2.71 -11.01
N GLN A 60 -31.13 3.96 -11.30
CA GLN A 60 -32.43 4.47 -10.90
C GLN A 60 -33.44 4.26 -12.02
N ARG A 61 -33.46 3.04 -12.54
CA ARG A 61 -34.39 2.69 -13.61
C ARG A 61 -34.09 3.53 -14.85
N LYS A 62 -34.48 3.00 -16.00
CA LYS A 62 -34.26 3.67 -17.26
C LYS A 62 -34.90 5.06 -17.20
N PHE A 63 -35.00 5.69 -18.36
CA PHE A 63 -35.59 7.02 -18.45
C PHE A 63 -36.60 7.10 -19.60
N LEU A 64 -37.86 7.30 -19.24
CA LEU A 64 -38.92 7.40 -20.23
C LEU A 64 -39.96 8.41 -19.75
N GLN A 65 -40.72 8.93 -20.70
CA GLN A 65 -41.75 9.90 -20.40
C GLN A 65 -42.60 9.42 -19.21
N ALA A 66 -43.32 8.34 -19.43
CA ALA A 66 -44.17 7.78 -18.40
C ALA A 66 -45.51 8.51 -18.38
N ILE A 67 -46.50 7.88 -18.99
CA ILE A 67 -47.83 8.47 -19.05
C ILE A 67 -48.87 7.42 -18.63
N HIS A 68 -49.58 6.92 -19.63
CA HIS A 68 -50.60 5.91 -19.39
C HIS A 68 -51.37 6.26 -18.11
N GLN A 69 -52.02 7.41 -18.16
CA GLN A 69 -52.79 7.87 -17.01
C GLN A 69 -54.17 7.20 -17.00
N LEU A 70 -54.14 5.88 -16.98
CA LEU A 70 -55.38 5.11 -16.97
C LEU A 70 -56.40 5.77 -17.89
N ARG A 71 -56.18 5.57 -19.18
CA ARG A 71 -57.08 6.15 -20.19
C ARG A 71 -57.66 5.04 -21.06
N SER A 72 -58.35 4.11 -20.41
CA SER A 72 -58.97 3.00 -21.12
C SER A 72 -59.88 2.22 -20.17
N VAL A 73 -60.80 2.93 -19.55
CA VAL A 73 -61.73 2.32 -18.63
C VAL A 73 -62.66 1.36 -19.39
N LYS A 74 -62.59 1.45 -20.71
CA LYS A 74 -63.41 0.62 -21.56
C LYS A 74 -63.00 0.82 -23.03
N MET A 75 -62.41 -0.23 -23.60
CA MET A 75 -61.97 -0.17 -24.98
C MET A 75 -63.05 0.44 -25.87
N GLU A 76 -62.64 1.41 -26.68
CA GLU A 76 -63.55 2.07 -27.58
C GLU A 76 -63.44 1.48 -28.99
N GLN A 77 -64.58 1.40 -29.66
CA GLN A 77 -64.63 0.84 -31.00
C GLN A 77 -65.57 1.68 -31.88
N ARG A 78 -65.53 1.39 -33.17
CA ARG A 78 -66.36 2.10 -34.12
C ARG A 78 -67.78 1.53 -34.11
N LYS A 79 -68.40 1.59 -32.95
CA LYS A 79 -69.76 1.09 -32.79
C LYS A 79 -70.42 1.76 -31.59
N LEU A 80 -71.68 1.43 -31.38
CA LEU A 80 -72.43 1.99 -30.27
C LEU A 80 -72.53 3.51 -30.45
N ASN A 81 -71.45 4.19 -30.14
CA ASN A 81 -71.40 5.63 -30.27
C ASN A 81 -72.71 6.23 -29.76
N ASP A 82 -73.31 5.52 -28.81
CA ASP A 82 -74.57 5.96 -28.23
C ASP A 82 -75.62 6.07 -29.33
N GLN A 83 -76.34 4.97 -29.54
CA GLN A 83 -77.39 4.93 -30.55
C GLN A 83 -78.76 5.14 -29.91
N ALA A 84 -79.06 6.40 -29.63
CA ALA A 84 -80.34 6.74 -29.03
C ALA A 84 -80.76 8.12 -29.51
N ASN A 85 -81.87 8.14 -30.25
CA ASN A 85 -82.39 9.39 -30.78
C ASN A 85 -83.76 9.13 -31.42
N THR A 86 -84.78 9.75 -30.84
CA THR A 86 -86.13 9.60 -31.35
C THR A 86 -86.16 9.77 -32.87
N LEU A 87 -85.20 10.53 -33.36
CA LEU A 87 -85.10 10.78 -34.79
C LEU A 87 -84.18 11.98 -35.04
N VAL A 88 -84.17 12.89 -34.05
CA VAL A 88 -83.33 14.07 -34.15
C VAL A 88 -82.48 14.20 -32.89
N ASP A 89 -82.88 15.13 -32.03
CA ASP A 89 -82.17 15.36 -30.79
C ASP A 89 -80.66 15.34 -31.06
N LEU A 90 -80.15 16.50 -31.39
CA LEU A 90 -78.72 16.63 -31.68
C LEU A 90 -78.25 18.02 -31.24
N ALA A 91 -79.03 18.64 -30.37
CA ALA A 91 -78.70 19.96 -29.87
C ALA A 91 -78.95 20.99 -30.97
N LYS A 92 -80.20 21.06 -31.40
CA LYS A 92 -80.58 21.99 -32.44
C LYS A 92 -80.33 23.42 -31.96
N THR A 93 -80.63 23.64 -30.68
CA THR A 93 -80.44 24.96 -30.09
C THR A 93 -79.21 24.96 -29.19
N GLN A 94 -78.68 23.77 -28.95
CA GLN A 94 -77.50 23.62 -28.11
C GLN A 94 -77.57 24.59 -26.93
N ARG A 3 -25.49 7.94 72.47
CA ARG A 3 -24.12 8.39 72.59
C ARG A 3 -23.24 7.71 71.55
N LYS A 4 -22.23 8.44 71.09
CA LYS A 4 -21.31 7.91 70.10
C LYS A 4 -22.00 7.91 68.73
N LEU A 5 -21.20 7.65 67.71
CA LEU A 5 -21.71 7.61 66.35
C LEU A 5 -21.84 6.16 65.90
N GLU A 6 -22.35 5.99 64.68
CA GLU A 6 -22.53 4.66 64.12
C GLU A 6 -21.44 4.37 63.09
N LEU A 7 -21.45 3.14 62.59
CA LEU A 7 -20.48 2.72 61.60
C LEU A 7 -20.62 3.59 60.35
N THR A 8 -19.76 3.33 59.38
CA THR A 8 -19.79 4.07 58.13
C THR A 8 -20.58 3.30 57.07
N LYS A 9 -21.66 3.92 56.63
CA LYS A 9 -22.51 3.31 55.62
C LYS A 9 -21.71 3.15 54.32
N ALA A 10 -22.42 2.75 53.27
CA ALA A 10 -21.79 2.55 51.97
C ALA A 10 -20.89 3.75 51.66
N GLU A 11 -19.91 3.51 50.81
CA GLU A 11 -18.98 4.56 50.43
C GLU A 11 -18.66 4.45 48.93
N LYS A 12 -19.45 5.13 48.13
CA LYS A 12 -19.26 5.13 46.69
C LYS A 12 -18.86 3.71 46.25
N HIS A 13 -19.35 2.73 46.98
CA HIS A 13 -19.04 1.35 46.67
C HIS A 13 -19.82 0.91 45.43
N VAL A 14 -19.18 1.11 44.28
CA VAL A 14 -19.80 0.75 43.01
C VAL A 14 -18.84 -0.14 42.22
N HIS A 15 -17.74 -0.51 42.88
CA HIS A 15 -16.74 -1.36 42.25
C HIS A 15 -16.90 -2.79 42.73
N ASN A 16 -15.84 -3.56 42.57
CA ASN A 16 -15.85 -4.95 42.99
C ASN A 16 -17.20 -5.58 42.64
N PHE A 17 -17.65 -5.30 41.42
CA PHE A 17 -18.92 -5.82 40.95
C PHE A 17 -18.78 -6.49 39.58
N MET A 18 -18.09 -5.78 38.69
CA MET A 18 -17.87 -6.28 37.35
C MET A 18 -17.61 -7.79 37.36
N MET A 19 -16.55 -8.17 38.04
CA MET A 19 -16.18 -9.57 38.15
C MET A 19 -16.14 -10.02 39.61
N ASP A 20 -15.32 -9.34 40.38
CA ASP A 20 -15.19 -9.66 41.80
C ASP A 20 -14.40 -10.97 41.94
N THR A 21 -13.29 -10.87 42.66
CA THR A 21 -12.45 -12.03 42.88
C THR A 21 -12.39 -12.90 41.63
N GLN A 22 -11.99 -12.28 40.52
CA GLN A 22 -11.88 -12.98 39.26
C GLN A 22 -11.16 -12.11 38.22
N LEU A 23 -11.51 -10.83 38.24
CA LEU A 23 -10.91 -9.89 37.31
C LEU A 23 -9.40 -10.10 37.27
N THR A 24 -8.78 -10.02 38.44
CA THR A 24 -7.35 -10.21 38.56
C THR A 24 -6.62 -9.53 37.40
N LYS A 25 -7.26 -8.47 36.89
CA LYS A 25 -6.69 -7.73 35.78
C LYS A 25 -7.00 -6.24 35.96
N ARG A 26 -6.23 -5.42 35.26
CA ARG A 26 -6.41 -3.97 35.33
C ARG A 26 -6.39 -3.38 33.92
N VAL A 27 -7.04 -2.22 33.79
CA VAL A 27 -7.10 -1.53 32.52
C VAL A 27 -7.29 -2.56 31.40
N LYS A 28 -8.47 -3.17 31.40
CA LYS A 28 -8.78 -4.17 30.40
C LYS A 28 -8.00 -5.45 30.68
N ASN A 29 -6.68 -5.33 30.54
CA ASN A 29 -5.81 -6.47 30.77
C ASN A 29 -4.35 -5.99 30.79
N ALA A 30 -4.16 -4.80 31.34
CA ALA A 30 -2.83 -4.22 31.41
C ALA A 30 -2.49 -3.54 30.09
N ALA A 31 -3.36 -3.77 29.10
CA ALA A 31 -3.17 -3.20 27.79
C ALA A 31 -4.33 -3.60 26.88
N ALA A 32 -4.63 -4.89 26.90
CA ALA A 32 -5.72 -5.42 26.09
C ALA A 32 -5.39 -5.21 24.61
N ASN A 33 -5.64 -4.00 24.14
CA ASN A 33 -5.37 -3.67 22.76
C ASN A 33 -4.74 -2.27 22.68
N VAL A 34 -4.31 -1.79 23.84
CA VAL A 34 -3.69 -0.48 23.92
C VAL A 34 -4.72 0.59 23.56
N LEU A 35 -5.96 0.16 23.45
CA LEU A 35 -7.04 1.07 23.12
C LEU A 35 -7.08 1.28 21.61
N ARG A 36 -5.91 1.57 21.07
CA ARG A 36 -5.79 1.80 19.63
C ARG A 36 -6.10 0.52 18.86
N GLU A 37 -5.58 -0.59 19.37
CA GLU A 37 -5.79 -1.88 18.74
C GLU A 37 -5.29 -1.86 17.29
N THR A 38 -4.20 -1.13 17.09
CA THR A 38 -3.61 -1.02 15.77
C THR A 38 -2.90 -2.32 15.40
N TRP A 39 -2.48 -3.04 16.42
CA TRP A 39 -1.77 -4.30 16.22
C TRP A 39 -2.81 -5.42 16.25
N LEU A 40 -4.04 -5.05 16.56
CA LEU A 40 -5.12 -6.01 16.62
C LEU A 40 -5.84 -6.07 15.27
N ILE A 41 -5.75 -4.97 14.54
CA ILE A 41 -6.38 -4.88 13.24
C ILE A 41 -5.48 -5.55 12.20
N TYR A 42 -4.18 -5.39 12.40
CA TYR A 42 -3.20 -5.96 11.48
C TYR A 42 -3.44 -5.47 10.06
N LYS A 43 -2.53 -4.61 9.60
CA LYS A 43 -2.63 -4.06 8.26
C LYS A 43 -2.88 -5.21 7.26
N ASN A 44 -2.43 -6.39 7.65
CA ASN A 44 -2.59 -7.56 6.80
C ASN A 44 -1.87 -7.34 5.47
N THR A 45 -0.69 -7.95 5.37
CA THR A 45 0.10 -7.82 4.16
C THR A 45 -0.79 -7.96 2.91
N LYS A 46 -0.31 -7.40 1.82
CA LYS A 46 -1.04 -7.46 0.56
C LYS A 46 -0.05 -7.29 -0.60
N LEU A 47 0.64 -8.38 -0.90
CA LEU A 47 1.61 -8.38 -1.99
C LEU A 47 0.87 -8.46 -3.33
N VAL A 48 -0.01 -7.49 -3.53
CA VAL A 48 -0.79 -7.43 -4.76
C VAL A 48 -0.68 -6.04 -5.36
N LYS A 49 0.56 -5.60 -5.58
CA LYS A 49 0.81 -4.29 -6.15
C LYS A 49 2.26 -4.22 -6.63
N LYS A 50 2.42 -4.36 -7.95
CA LYS A 50 3.74 -4.31 -8.54
C LYS A 50 4.44 -3.02 -8.13
N ILE A 51 5.53 -3.19 -7.40
CA ILE A 51 6.29 -2.04 -6.93
C ILE A 51 6.81 -1.25 -8.14
N ASP A 52 7.66 -0.28 -7.85
CA ASP A 52 8.24 0.55 -8.89
C ASP A 52 9.66 0.07 -9.19
N HIS A 53 10.38 -0.24 -8.12
CA HIS A 53 11.75 -0.70 -8.25
C HIS A 53 12.47 0.10 -9.34
N ALA A 54 12.61 1.39 -9.08
CA ALA A 54 13.27 2.27 -10.02
C ALA A 54 12.70 2.03 -11.43
N LYS A 55 11.70 2.83 -11.77
CA LYS A 55 11.06 2.72 -13.06
C LYS A 55 11.90 3.49 -14.10
N VAL A 56 11.69 4.79 -14.12
CA VAL A 56 12.40 5.65 -15.06
C VAL A 56 13.79 5.96 -14.49
N ARG A 57 14.52 4.90 -14.15
CA ARG A 57 15.85 5.05 -13.61
C ARG A 57 16.83 4.13 -14.33
N LYS A 58 17.36 4.64 -15.44
CA LYS A 58 18.31 3.89 -16.23
C LYS A 58 19.70 3.98 -15.59
N HIS A 59 19.85 3.29 -14.48
CA HIS A 59 21.11 3.28 -13.76
C HIS A 59 21.56 4.73 -13.50
N GLN A 60 21.32 5.18 -12.28
CA GLN A 60 21.70 6.53 -11.90
C GLN A 60 23.22 6.69 -11.94
N ARG A 61 23.65 7.88 -12.35
CA ARG A 61 25.07 8.17 -12.43
C ARG A 61 25.75 7.24 -13.44
N LYS A 62 26.63 7.82 -14.23
CA LYS A 62 27.35 7.07 -15.24
C LYS A 62 28.45 7.94 -15.85
N PHE A 63 29.22 8.56 -14.97
CA PHE A 63 30.30 9.43 -15.40
C PHE A 63 31.20 9.81 -14.23
N LEU A 64 32.43 10.20 -14.58
CA LEU A 64 33.40 10.59 -13.56
C LEU A 64 33.60 12.11 -13.62
N GLN A 65 34.52 12.58 -12.79
CA GLN A 65 34.83 14.00 -12.74
C GLN A 65 35.80 14.38 -13.86
N ALA A 66 35.30 15.17 -14.80
CA ALA A 66 36.11 15.60 -15.92
C ALA A 66 36.87 16.88 -15.53
N ILE A 67 36.88 17.15 -14.23
CA ILE A 67 37.56 18.32 -13.72
C ILE A 67 39.01 17.97 -13.37
N HIS A 68 39.27 17.91 -12.08
CA HIS A 68 40.60 17.58 -11.60
C HIS A 68 40.91 16.10 -11.90
N GLN A 69 41.57 15.90 -13.04
CA GLN A 69 41.92 14.55 -13.46
C GLN A 69 43.43 14.35 -13.34
N LEU A 70 43.85 13.12 -13.63
CA LEU A 70 45.26 12.78 -13.56
C LEU A 70 45.89 12.98 -14.94
N ARG A 71 47.22 12.97 -14.95
CA ARG A 71 47.95 13.15 -16.19
C ARG A 71 49.46 13.10 -15.93
N SER A 72 50.22 12.97 -17.01
CA SER A 72 51.66 12.91 -16.91
C SER A 72 52.23 14.31 -16.65
N VAL A 73 53.52 14.36 -16.36
CA VAL A 73 54.18 15.62 -16.09
C VAL A 73 55.02 16.02 -17.30
N LYS A 74 54.72 15.38 -18.42
CA LYS A 74 55.44 15.66 -19.66
C LYS A 74 56.90 15.20 -19.51
N MET A 75 57.55 15.04 -20.65
CA MET A 75 58.93 14.61 -20.66
C MET A 75 59.76 15.42 -19.66
N GLU A 76 61.03 15.03 -19.53
CA GLU A 76 61.93 15.71 -18.62
C GLU A 76 63.19 16.16 -19.37
N GLN A 77 63.98 16.98 -18.68
CA GLN A 77 65.21 17.48 -19.26
C GLN A 77 66.33 16.44 -19.14
N ARG A 78 67.47 16.76 -19.73
CA ARG A 78 68.62 15.87 -19.69
C ARG A 78 69.91 16.67 -19.70
N LYS A 79 70.75 16.40 -18.71
CA LYS A 79 72.02 17.09 -18.59
C LYS A 79 73.05 16.15 -17.96
N LEU A 80 74.19 16.72 -17.61
CA LEU A 80 75.26 15.95 -17.00
C LEU A 80 75.82 14.96 -18.02
N ASN A 81 74.96 14.04 -18.43
CA ASN A 81 75.34 13.03 -19.40
C ASN A 81 75.53 13.69 -20.77
N ASP A 82 76.41 14.67 -20.80
CA ASP A 82 76.69 15.38 -22.04
C ASP A 82 75.39 15.97 -22.58
N GLN A 83 75.25 17.28 -22.41
CA GLN A 83 74.06 17.97 -22.87
C GLN A 83 74.25 19.49 -22.78
N ALA A 84 75.36 19.94 -23.33
CA ALA A 84 75.68 21.36 -23.32
C ALA A 84 76.96 21.61 -24.12
N ASN A 85 77.40 22.86 -24.11
CA ASN A 85 78.60 23.23 -24.84
C ASN A 85 78.42 22.94 -26.32
N THR A 86 79.09 23.74 -27.14
CA THR A 86 79.00 23.58 -28.58
C THR A 86 80.33 23.06 -29.13
N LEU A 87 81.10 23.99 -29.69
CA LEU A 87 82.39 23.64 -30.27
C LEU A 87 83.50 24.07 -29.30
N VAL A 88 83.10 24.85 -28.31
CA VAL A 88 84.06 25.34 -27.33
C VAL A 88 85.34 25.77 -28.03
N ASP A 89 85.18 26.63 -29.03
CA ASP A 89 86.31 27.12 -29.78
C ASP A 89 86.34 28.65 -29.70
N LEU A 90 87.02 29.14 -28.67
CA LEU A 90 87.14 30.57 -28.47
C LEU A 90 88.51 30.88 -27.84
N ALA A 91 89.43 29.93 -27.99
CA ALA A 91 90.75 30.10 -27.45
C ALA A 91 91.65 28.95 -27.95
N LYS A 92 91.33 27.75 -27.48
CA LYS A 92 92.08 26.58 -27.87
C LYS A 92 91.57 26.08 -29.22
N THR A 93 92.52 25.60 -30.03
CA THR A 93 92.18 25.09 -31.35
C THR A 93 93.39 24.42 -32.00
N GLN A 94 93.90 23.39 -31.32
CA GLN A 94 95.05 22.67 -31.81
C GLN A 94 95.44 21.56 -30.84
N ARG A 3 -3.07 14.62 64.44
CA ARG A 3 -2.19 15.68 64.00
C ARG A 3 -0.99 15.81 64.95
N LYS A 4 0.14 16.20 64.39
CA LYS A 4 1.35 16.36 65.18
C LYS A 4 2.42 17.04 64.31
N LEU A 5 2.87 18.19 64.79
CA LEU A 5 3.89 18.94 64.09
C LEU A 5 3.39 19.27 62.67
N GLU A 6 3.06 20.54 62.48
CA GLU A 6 2.58 20.99 61.18
C GLU A 6 3.51 20.52 60.07
N LEU A 7 2.94 19.71 59.18
CA LEU A 7 3.70 19.18 58.06
C LEU A 7 2.76 18.39 57.14
N THR A 8 2.71 18.82 55.90
CA THR A 8 1.86 18.17 54.91
C THR A 8 2.64 17.07 54.17
N LYS A 9 3.22 16.18 54.96
CA LYS A 9 3.99 15.09 54.41
C LYS A 9 4.58 15.51 53.06
N ALA A 10 5.49 16.48 53.12
CA ALA A 10 6.12 16.97 51.91
C ALA A 10 6.43 15.80 50.97
N GLU A 11 7.16 14.83 51.51
CA GLU A 11 7.52 13.66 50.74
C GLU A 11 8.12 14.07 49.39
N LYS A 12 9.43 14.31 49.40
CA LYS A 12 10.13 14.71 48.19
C LYS A 12 9.18 15.54 47.32
N HIS A 13 8.42 16.40 47.98
CA HIS A 13 7.48 17.26 47.27
C HIS A 13 6.46 16.40 46.54
N VAL A 14 5.71 15.64 47.32
CA VAL A 14 4.68 14.76 46.74
C VAL A 14 3.57 14.55 47.78
N HIS A 15 2.36 14.95 47.37
CA HIS A 15 1.21 14.82 48.24
C HIS A 15 0.59 13.44 48.05
N ASN A 16 -0.08 13.28 46.92
CA ASN A 16 -0.73 12.02 46.60
C ASN A 16 -1.45 12.14 45.26
N PHE A 17 -0.87 11.53 44.24
CA PHE A 17 -1.44 11.57 42.90
C PHE A 17 -0.56 10.82 41.91
N MET A 18 0.74 11.07 42.00
CA MET A 18 1.69 10.42 41.12
C MET A 18 2.33 9.20 41.80
N MET A 19 1.48 8.27 42.20
CA MET A 19 1.95 7.07 42.85
C MET A 19 0.94 5.93 42.70
N ASP A 20 0.04 5.84 43.66
CA ASP A 20 -0.99 4.80 43.64
C ASP A 20 -1.78 4.85 44.94
N THR A 21 -3.07 5.15 44.79
CA THR A 21 -3.95 5.23 45.95
C THR A 21 -5.34 4.69 45.59
N GLN A 22 -5.34 3.60 44.86
CA GLN A 22 -6.60 2.99 44.44
C GLN A 22 -6.33 1.81 43.50
N LEU A 23 -5.80 2.14 42.33
CA LEU A 23 -5.49 1.13 41.33
C LEU A 23 -4.48 1.70 40.34
N THR A 24 -4.82 2.85 39.79
CA THR A 24 -3.96 3.50 38.83
C THR A 24 -3.30 2.48 37.91
N LYS A 25 -3.98 2.20 36.80
CA LYS A 25 -3.47 1.23 35.84
C LYS A 25 -2.11 1.70 35.31
N ARG A 26 -1.36 0.75 34.78
CA ARG A 26 -0.04 1.05 34.23
C ARG A 26 0.05 0.58 32.79
N VAL A 27 0.97 1.21 32.05
CA VAL A 27 1.18 0.86 30.66
C VAL A 27 -0.18 0.63 29.99
N LYS A 28 -0.92 1.73 29.84
CA LYS A 28 -2.23 1.66 29.22
C LYS A 28 -2.96 0.41 29.71
N ASN A 29 -2.88 0.18 31.01
CA ASN A 29 -3.53 -0.97 31.61
C ASN A 29 -2.96 -2.25 30.98
N ALA A 30 -1.64 -2.32 30.94
CA ALA A 30 -0.97 -3.47 30.37
C ALA A 30 -0.99 -3.37 28.85
N ALA A 31 -1.65 -2.32 28.37
CA ALA A 31 -1.75 -2.10 26.93
C ALA A 31 -2.92 -2.92 26.37
N ALA A 32 -3.95 -3.07 27.21
CA ALA A 32 -5.12 -3.83 26.81
C ALA A 32 -5.53 -3.42 25.39
N ASN A 33 -5.17 -4.27 24.44
CA ASN A 33 -5.50 -4.01 23.05
C ASN A 33 -5.06 -2.59 22.68
N VAL A 34 -4.09 -2.09 23.43
CA VAL A 34 -3.58 -0.75 23.20
C VAL A 34 -4.75 0.18 22.84
N LEU A 35 -5.92 -0.17 23.34
CA LEU A 35 -7.11 0.62 23.07
C LEU A 35 -7.43 0.55 21.58
N ARG A 36 -6.56 1.14 20.78
CA ARG A 36 -6.74 1.16 19.35
C ARG A 36 -6.45 -0.22 18.75
N GLU A 37 -5.88 -1.07 19.59
CA GLU A 37 -5.54 -2.42 19.17
C GLU A 37 -4.86 -2.39 17.80
N THR A 38 -3.77 -1.64 17.73
CA THR A 38 -3.03 -1.52 16.49
C THR A 38 -2.51 -2.89 16.04
N TRP A 39 -2.38 -3.78 17.02
CA TRP A 39 -1.90 -5.12 16.74
C TRP A 39 -3.11 -6.02 16.50
N LEU A 40 -4.14 -5.43 15.92
CA LEU A 40 -5.36 -6.16 15.62
C LEU A 40 -5.92 -5.71 14.27
N ILE A 41 -5.95 -4.40 14.10
CA ILE A 41 -6.45 -3.82 12.87
C ILE A 41 -5.44 -4.09 11.74
N TYR A 42 -4.19 -4.23 12.14
CA TYR A 42 -3.12 -4.48 11.18
C TYR A 42 -3.43 -5.72 10.33
N LYS A 43 -2.68 -5.85 9.25
CA LYS A 43 -2.87 -6.99 8.35
C LYS A 43 -1.62 -7.86 8.39
N ASN A 44 -1.51 -8.73 7.38
CA ASN A 44 -0.38 -9.62 7.29
C ASN A 44 0.05 -9.75 5.83
N THR A 45 -0.94 -9.96 4.97
CA THR A 45 -0.68 -10.10 3.55
C THR A 45 -0.91 -8.78 2.83
N LYS A 46 -0.18 -8.58 1.75
CA LYS A 46 -0.30 -7.36 0.96
C LYS A 46 0.14 -7.64 -0.48
N LEU A 47 -0.85 -7.74 -1.35
CA LEU A 47 -0.60 -8.00 -2.75
C LEU A 47 -1.20 -6.88 -3.59
N VAL A 48 -0.71 -5.67 -3.34
CA VAL A 48 -1.18 -4.50 -4.07
C VAL A 48 -0.29 -3.31 -3.74
N LYS A 49 0.70 -3.10 -4.59
CA LYS A 49 1.63 -2.00 -4.41
C LYS A 49 1.20 -0.82 -5.28
N LYS A 50 0.28 -1.10 -6.19
CA LYS A 50 -0.22 -0.09 -7.10
C LYS A 50 -1.09 0.90 -6.31
N ILE A 51 -0.44 1.92 -5.79
CA ILE A 51 -1.14 2.94 -5.01
C ILE A 51 -2.42 3.34 -5.74
N ASP A 52 -3.30 3.99 -5.00
CA ASP A 52 -4.57 4.43 -5.58
C ASP A 52 -4.49 5.93 -5.91
N HIS A 53 -3.89 6.67 -4.99
CA HIS A 53 -3.75 8.11 -5.18
C HIS A 53 -5.02 8.68 -5.80
N ALA A 54 -6.13 8.44 -5.12
CA ALA A 54 -7.42 8.93 -5.59
C ALA A 54 -7.73 8.28 -6.95
N LYS A 55 -8.46 7.18 -6.89
CA LYS A 55 -8.83 6.47 -8.10
C LYS A 55 -10.12 7.07 -8.66
N VAL A 56 -11.23 6.66 -8.08
CA VAL A 56 -12.53 7.15 -8.51
C VAL A 56 -12.81 8.51 -7.86
N ARG A 57 -11.85 9.41 -8.02
CA ARG A 57 -11.98 10.74 -7.45
C ARG A 57 -11.44 11.79 -8.43
N LYS A 58 -12.27 12.10 -9.43
CA LYS A 58 -11.89 13.08 -10.43
C LYS A 58 -12.00 14.49 -9.83
N HIS A 59 -11.63 15.47 -10.64
CA HIS A 59 -11.68 16.85 -10.20
C HIS A 59 -12.23 17.72 -11.34
N GLN A 60 -13.46 17.40 -11.74
CA GLN A 60 -14.10 18.15 -12.81
C GLN A 60 -15.55 17.70 -12.97
N ARG A 61 -16.28 18.42 -13.81
CA ARG A 61 -17.67 18.10 -14.06
C ARG A 61 -18.03 18.39 -15.52
N LYS A 62 -18.47 17.34 -16.20
CA LYS A 62 -18.84 17.47 -17.60
C LYS A 62 -20.22 18.13 -17.70
N PHE A 63 -20.29 19.15 -18.55
CA PHE A 63 -21.53 19.88 -18.74
C PHE A 63 -21.40 20.88 -19.88
N LEU A 64 -22.09 20.60 -20.97
CA LEU A 64 -22.06 21.47 -22.13
C LEU A 64 -23.43 22.11 -22.33
N GLN A 65 -24.46 21.27 -22.19
CA GLN A 65 -25.82 21.73 -22.36
C GLN A 65 -26.70 21.20 -21.22
N ALA A 66 -27.09 19.93 -21.35
CA ALA A 66 -27.93 19.30 -20.36
C ALA A 66 -29.39 19.66 -20.62
N ILE A 67 -30.10 18.72 -21.23
CA ILE A 67 -31.50 18.92 -21.54
C ILE A 67 -32.29 17.69 -21.11
N HIS A 68 -32.78 16.96 -22.10
CA HIS A 68 -33.57 15.76 -21.83
C HIS A 68 -33.04 14.61 -22.70
N GLN A 69 -31.73 14.45 -22.70
CA GLN A 69 -31.11 13.40 -23.48
C GLN A 69 -31.58 13.45 -24.93
N LEU A 70 -31.03 12.56 -25.73
CA LEU A 70 -31.39 12.50 -27.14
C LEU A 70 -32.64 11.64 -27.30
N ARG A 71 -33.72 12.09 -26.70
CA ARG A 71 -34.99 11.38 -26.77
C ARG A 71 -36.06 12.11 -25.95
N SER A 72 -37.30 11.75 -26.23
CA SER A 72 -38.43 12.36 -25.54
C SER A 72 -39.54 11.34 -25.34
N VAL A 73 -39.13 10.13 -24.96
CA VAL A 73 -40.08 9.05 -24.74
C VAL A 73 -40.84 8.77 -26.03
N LYS A 74 -40.30 9.28 -27.12
CA LYS A 74 -40.91 9.09 -28.43
C LYS A 74 -39.90 9.43 -29.52
N MET A 75 -38.83 8.65 -29.56
CA MET A 75 -37.78 8.86 -30.55
C MET A 75 -38.24 8.42 -31.93
N GLU A 76 -39.31 9.05 -32.40
CA GLU A 76 -39.86 8.74 -33.71
C GLU A 76 -41.15 9.53 -33.95
N GLN A 77 -41.11 10.79 -33.57
CA GLN A 77 -42.25 11.67 -33.75
C GLN A 77 -42.08 12.54 -34.99
N ARG A 78 -43.01 12.37 -35.93
CA ARG A 78 -42.97 13.13 -37.17
C ARG A 78 -43.79 14.41 -37.02
N LYS A 79 -43.29 15.47 -37.65
CA LYS A 79 -43.96 16.75 -37.60
C LYS A 79 -43.33 17.71 -38.61
N LEU A 80 -44.14 18.60 -39.13
CA LEU A 80 -43.67 19.57 -40.11
C LEU A 80 -44.58 20.80 -40.08
N ASN A 81 -45.87 20.54 -40.10
CA ASN A 81 -46.85 21.62 -40.07
C ASN A 81 -47.12 22.02 -38.62
N ASP A 82 -46.04 22.23 -37.89
CA ASP A 82 -46.15 22.63 -36.49
C ASP A 82 -46.65 21.44 -35.66
N GLN A 83 -47.88 21.04 -35.96
CA GLN A 83 -48.50 19.93 -35.25
C GLN A 83 -49.75 19.46 -35.99
N ALA A 84 -50.04 18.18 -35.83
CA ALA A 84 -51.21 17.60 -36.47
C ALA A 84 -51.14 17.85 -37.98
N ASN A 85 -52.16 17.36 -38.67
CA ASN A 85 -52.22 17.52 -40.12
C ASN A 85 -52.90 18.86 -40.44
N THR A 86 -54.22 18.80 -40.56
CA THR A 86 -54.99 19.99 -40.86
C THR A 86 -54.29 20.83 -41.93
N LEU A 87 -54.57 20.49 -43.18
CA LEU A 87 -53.97 21.21 -44.30
C LEU A 87 -55.06 21.95 -45.07
N VAL A 88 -56.30 21.63 -44.73
CA VAL A 88 -57.44 22.27 -45.37
C VAL A 88 -58.63 22.26 -44.42
N ASP A 89 -58.58 23.16 -43.45
CA ASP A 89 -59.65 23.27 -42.47
C ASP A 89 -59.29 24.34 -41.45
N LEU A 90 -59.18 25.57 -41.94
CA LEU A 90 -58.84 26.68 -41.07
C LEU A 90 -59.97 26.90 -40.06
N ALA A 91 -61.19 26.58 -40.49
CA ALA A 91 -62.35 26.74 -39.64
C ALA A 91 -63.59 26.23 -40.38
N LYS A 92 -63.78 24.92 -40.32
CA LYS A 92 -64.92 24.30 -40.97
C LYS A 92 -64.76 24.45 -42.49
N THR A 93 -65.83 24.09 -43.20
CA THR A 93 -65.84 24.18 -44.64
C THR A 93 -66.88 25.18 -45.13
N GLN A 94 -66.77 26.40 -44.60
CA GLN A 94 -67.70 27.46 -44.97
C GLN A 94 -69.14 26.99 -44.75
N ARG A 3 -19.98 -35.72 79.30
CA ARG A 3 -19.09 -34.57 79.25
C ARG A 3 -17.87 -34.88 78.38
N LYS A 4 -17.34 -33.84 77.76
CA LYS A 4 -16.18 -33.99 76.91
C LYS A 4 -16.64 -34.36 75.49
N LEU A 5 -15.84 -33.94 74.52
CA LEU A 5 -16.15 -34.22 73.12
C LEU A 5 -14.93 -33.92 72.26
N GLU A 6 -15.08 -34.17 70.97
CA GLU A 6 -13.99 -33.94 70.03
C GLU A 6 -14.24 -32.65 69.25
N LEU A 7 -13.23 -32.26 68.48
CA LEU A 7 -13.33 -31.05 67.67
C LEU A 7 -12.10 -30.95 66.77
N THR A 8 -12.27 -30.23 65.67
CA THR A 8 -11.19 -30.06 64.72
C THR A 8 -10.78 -28.58 64.64
N LYS A 9 -9.63 -28.29 65.22
CA LYS A 9 -9.11 -26.93 65.24
C LYS A 9 -8.85 -26.47 63.80
N ALA A 10 -8.40 -25.24 63.67
CA ALA A 10 -8.11 -24.67 62.37
C ALA A 10 -6.68 -25.03 61.97
N GLU A 11 -6.50 -26.28 61.59
CA GLU A 11 -5.18 -26.77 61.18
C GLU A 11 -5.02 -26.61 59.66
N LYS A 12 -5.76 -25.68 59.11
CA LYS A 12 -5.69 -25.42 57.67
C LYS A 12 -4.99 -24.08 57.43
N HIS A 13 -5.30 -23.13 58.29
CA HIS A 13 -4.73 -21.79 58.18
C HIS A 13 -4.67 -21.38 56.70
N VAL A 14 -5.74 -20.73 56.27
CA VAL A 14 -5.83 -20.27 54.89
C VAL A 14 -6.24 -18.80 54.87
N HIS A 15 -5.24 -17.95 55.04
CA HIS A 15 -5.48 -16.51 55.03
C HIS A 15 -5.09 -15.92 53.68
N ASN A 16 -5.76 -16.40 52.65
CA ASN A 16 -5.49 -15.93 51.30
C ASN A 16 -6.47 -14.82 50.94
N PHE A 17 -6.95 -14.15 51.97
CA PHE A 17 -7.91 -13.06 51.77
C PHE A 17 -7.36 -12.02 50.80
N MET A 18 -8.24 -11.56 49.92
CA MET A 18 -7.86 -10.56 48.94
C MET A 18 -6.89 -9.54 49.53
N MET A 19 -5.61 -9.78 49.29
CA MET A 19 -4.57 -8.89 49.79
C MET A 19 -4.74 -7.48 49.24
N ASP A 20 -4.92 -7.40 47.92
CA ASP A 20 -5.10 -6.12 47.26
C ASP A 20 -4.13 -5.10 47.87
N THR A 21 -2.90 -5.16 47.42
CA THR A 21 -1.87 -4.24 47.92
C THR A 21 -2.01 -2.88 47.24
N GLN A 22 -2.42 -2.93 45.99
CA GLN A 22 -2.59 -1.70 45.21
C GLN A 22 -2.79 -2.04 43.73
N LEU A 23 -3.97 -2.57 43.44
CA LEU A 23 -4.31 -2.92 42.07
C LEU A 23 -3.93 -1.78 41.13
N THR A 24 -4.66 -0.69 41.26
CA THR A 24 -4.41 0.48 40.44
C THR A 24 -4.04 0.06 39.01
N LYS A 25 -5.07 -0.04 38.18
CA LYS A 25 -4.87 -0.44 36.80
C LYS A 25 -3.99 0.60 36.10
N ARG A 26 -3.50 0.23 34.93
CA ARG A 26 -2.64 1.11 34.15
C ARG A 26 -2.94 0.97 32.66
N VAL A 27 -2.59 2.00 31.91
CA VAL A 27 -2.81 2.00 30.48
C VAL A 27 -4.16 1.34 30.18
N LYS A 28 -5.22 2.04 30.54
CA LYS A 28 -6.57 1.54 30.31
C LYS A 28 -6.83 0.38 31.27
N ASN A 29 -6.24 -0.77 30.95
CA ASN A 29 -6.41 -1.95 31.78
C ASN A 29 -5.47 -3.04 31.30
N ALA A 30 -4.19 -2.89 31.66
CA ALA A 30 -3.18 -3.85 31.28
C ALA A 30 -2.73 -3.56 29.83
N ALA A 31 -3.39 -2.58 29.23
CA ALA A 31 -3.06 -2.19 27.87
C ALA A 31 -3.84 -3.09 26.90
N ALA A 32 -5.06 -3.41 27.28
CA ALA A 32 -5.91 -4.26 26.46
C ALA A 32 -5.93 -3.71 25.03
N ASN A 33 -5.17 -4.36 24.17
CA ASN A 33 -5.10 -3.95 22.78
C ASN A 33 -4.63 -2.50 22.70
N VAL A 34 -4.05 -2.04 23.80
CA VAL A 34 -3.56 -0.68 23.87
C VAL A 34 -4.67 0.29 23.48
N LEU A 35 -5.90 -0.21 23.56
CA LEU A 35 -7.06 0.59 23.21
C LEU A 35 -7.08 0.82 21.70
N ARG A 36 -6.01 1.42 21.20
CA ARG A 36 -5.90 1.70 19.79
C ARG A 36 -6.13 0.42 18.98
N GLU A 37 -5.65 -0.69 19.52
CA GLU A 37 -5.80 -1.98 18.87
C GLU A 37 -5.46 -1.85 17.39
N THR A 38 -4.19 -1.54 17.12
CA THR A 38 -3.73 -1.40 15.75
C THR A 38 -2.85 -2.59 15.36
N TRP A 39 -2.52 -3.40 16.35
CA TRP A 39 -1.69 -4.56 16.12
C TRP A 39 -2.62 -5.76 15.90
N LEU A 40 -3.89 -5.54 16.21
CA LEU A 40 -4.88 -6.59 16.05
C LEU A 40 -5.54 -6.46 14.67
N ILE A 41 -5.98 -5.24 14.38
CA ILE A 41 -6.61 -4.97 13.10
C ILE A 41 -5.55 -4.65 12.05
N TYR A 42 -4.30 -4.77 12.46
CA TYR A 42 -3.19 -4.51 11.58
C TYR A 42 -3.34 -5.25 10.26
N LYS A 43 -2.62 -4.77 9.25
CA LYS A 43 -2.67 -5.38 7.93
C LYS A 43 -1.67 -6.54 7.88
N ASN A 44 -1.26 -6.87 6.66
CA ASN A 44 -0.31 -7.96 6.46
C ASN A 44 0.62 -7.58 5.31
N THR A 45 0.04 -7.28 4.16
CA THR A 45 0.81 -6.92 3.00
C THR A 45 -0.12 -6.43 1.88
N LYS A 46 -1.10 -7.27 1.56
CA LYS A 46 -2.05 -6.94 0.51
C LYS A 46 -1.29 -6.57 -0.76
N LEU A 47 -1.03 -7.58 -1.56
CA LEU A 47 -0.31 -7.38 -2.82
C LEU A 47 -1.30 -7.44 -3.97
N VAL A 48 -2.24 -6.50 -3.96
CA VAL A 48 -3.25 -6.44 -5.00
C VAL A 48 -2.58 -6.07 -6.33
N LYS A 49 -1.88 -7.04 -6.89
CA LYS A 49 -1.19 -6.82 -8.16
C LYS A 49 -2.21 -6.84 -9.29
N LYS A 50 -1.94 -6.02 -10.30
CA LYS A 50 -2.82 -5.94 -11.45
C LYS A 50 -2.94 -7.32 -12.10
N ILE A 51 -4.10 -7.94 -11.88
CA ILE A 51 -4.35 -9.26 -12.44
C ILE A 51 -4.29 -9.19 -13.97
N ASP A 52 -4.55 -10.32 -14.58
CA ASP A 52 -4.53 -10.41 -16.04
C ASP A 52 -3.10 -10.28 -16.53
N HIS A 53 -2.53 -9.10 -16.30
CA HIS A 53 -1.17 -8.84 -16.72
C HIS A 53 -0.95 -9.36 -18.14
N ALA A 54 -1.56 -8.67 -19.10
CA ALA A 54 -1.44 -9.06 -20.49
C ALA A 54 0.00 -9.49 -20.78
N LYS A 55 0.13 -10.32 -21.80
CA LYS A 55 1.45 -10.81 -22.19
C LYS A 55 1.99 -9.95 -23.33
N VAL A 56 1.50 -10.26 -24.53
CA VAL A 56 1.93 -9.53 -25.71
C VAL A 56 1.06 -9.95 -26.91
N ARG A 57 0.07 -9.10 -27.19
CA ARG A 57 -0.83 -9.37 -28.30
C ARG A 57 -0.55 -8.41 -29.45
N LYS A 58 0.71 -8.36 -29.84
CA LYS A 58 1.12 -7.49 -30.93
C LYS A 58 1.40 -8.33 -32.17
N HIS A 59 1.68 -7.63 -33.27
CA HIS A 59 1.96 -8.31 -34.53
C HIS A 59 0.69 -9.01 -35.03
N GLN A 60 -0.08 -8.27 -35.82
CA GLN A 60 -1.32 -8.81 -36.37
C GLN A 60 -1.07 -9.38 -37.77
N ARG A 61 -2.09 -10.04 -38.29
CA ARG A 61 -2.00 -10.63 -39.61
C ARG A 61 -1.43 -9.62 -40.61
N LYS A 62 -1.05 -10.14 -41.78
CA LYS A 62 -0.50 -9.30 -42.83
C LYS A 62 -1.13 -9.68 -44.16
N PHE A 63 -0.73 -8.95 -45.20
CA PHE A 63 -1.25 -9.20 -46.54
C PHE A 63 -0.40 -8.47 -47.58
N LEU A 64 -0.54 -8.93 -48.82
CA LEU A 64 0.19 -8.34 -49.92
C LEU A 64 -0.72 -8.23 -51.14
N GLN A 65 -0.40 -7.26 -52.00
CA GLN A 65 -1.19 -7.03 -53.19
C GLN A 65 -0.75 -7.99 -54.30
N ALA A 66 -1.73 -8.40 -55.10
CA ALA A 66 -1.46 -9.32 -56.19
C ALA A 66 -2.76 -9.61 -56.93
N ILE A 67 -2.99 -8.86 -58.00
CA ILE A 67 -4.18 -9.02 -58.80
C ILE A 67 -3.84 -9.79 -60.08
N HIS A 68 -3.89 -9.07 -61.19
CA HIS A 68 -3.58 -9.66 -62.49
C HIS A 68 -2.59 -8.77 -63.24
N GLN A 69 -1.51 -8.42 -62.56
CA GLN A 69 -0.49 -7.58 -63.15
C GLN A 69 0.07 -8.23 -64.41
N LEU A 70 -0.32 -7.66 -65.56
CA LEU A 70 0.14 -8.18 -66.84
C LEU A 70 1.52 -7.59 -67.16
N ARG A 71 2.07 -8.04 -68.27
CA ARG A 71 3.37 -7.57 -68.70
C ARG A 71 3.57 -7.85 -70.19
N SER A 72 4.44 -7.06 -70.80
CA SER A 72 4.72 -7.20 -72.21
C SER A 72 3.45 -7.01 -73.03
N VAL A 73 3.64 -6.54 -74.26
CA VAL A 73 2.51 -6.31 -75.15
C VAL A 73 2.42 -7.45 -76.16
N LYS A 74 3.45 -8.27 -76.18
CA LYS A 74 3.50 -9.41 -77.08
C LYS A 74 2.72 -10.57 -76.48
N MET A 75 1.41 -10.38 -76.40
CA MET A 75 0.53 -11.41 -75.85
C MET A 75 0.46 -12.62 -76.77
N GLU A 76 0.39 -12.34 -78.07
CA GLU A 76 0.31 -13.39 -79.06
C GLU A 76 1.52 -13.32 -80.01
N GLN A 77 1.73 -14.41 -80.72
CA GLN A 77 2.84 -14.49 -81.66
C GLN A 77 2.31 -14.69 -83.08
N ARG A 78 3.23 -14.59 -84.04
CA ARG A 78 2.87 -14.76 -85.43
C ARG A 78 2.44 -16.21 -85.70
N LYS A 79 1.33 -16.34 -86.43
CA LYS A 79 0.81 -17.65 -86.76
C LYS A 79 1.22 -18.01 -88.19
N LEU A 80 1.10 -19.30 -88.49
CA LEU A 80 1.45 -19.79 -89.81
C LEU A 80 1.05 -18.75 -90.87
N ASN A 81 1.74 -18.81 -91.99
CA ASN A 81 1.47 -17.89 -93.08
C ASN A 81 2.26 -18.32 -94.32
N ASP A 82 3.49 -18.74 -94.08
CA ASP A 82 4.37 -19.18 -95.15
C ASP A 82 3.90 -20.56 -95.65
N GLN A 83 4.11 -20.78 -96.93
CA GLN A 83 3.72 -22.04 -97.55
C GLN A 83 2.24 -22.32 -97.30
N ALA A 84 1.46 -22.11 -98.35
CA ALA A 84 0.02 -22.33 -98.27
C ALA A 84 -0.34 -23.60 -99.03
N ASN A 85 0.54 -23.99 -99.94
CA ASN A 85 0.34 -25.18 -100.74
C ASN A 85 1.59 -25.48 -101.55
N THR A 86 2.01 -26.73 -101.51
CA THR A 86 3.19 -27.16 -102.24
C THR A 86 3.16 -28.68 -102.45
N LEU A 87 2.20 -29.10 -103.26
CA LEU A 87 2.06 -30.52 -103.58
C LEU A 87 2.41 -30.75 -105.04
N VAL A 88 2.54 -29.65 -105.77
CA VAL A 88 2.86 -29.73 -107.18
C VAL A 88 2.13 -30.92 -107.81
N ASP A 89 0.95 -31.19 -107.27
CA ASP A 89 0.13 -32.28 -107.78
C ASP A 89 -0.68 -31.81 -108.99
N LEU A 90 -1.62 -32.64 -109.39
CA LEU A 90 -2.46 -32.32 -110.53
C LEU A 90 -1.62 -31.70 -111.64
N ALA A 91 -0.33 -32.02 -111.60
CA ALA A 91 0.60 -31.51 -112.58
C ALA A 91 0.50 -32.34 -113.87
N LYS A 92 0.48 -33.65 -113.67
CA LYS A 92 0.38 -34.57 -114.80
C LYS A 92 1.65 -34.47 -115.64
N THR A 93 1.89 -35.51 -116.42
CA THR A 93 3.07 -35.55 -117.28
C THR A 93 3.02 -36.79 -118.18
N GLN A 94 2.67 -36.56 -119.43
CA GLN A 94 2.58 -37.64 -120.40
C GLN A 94 1.20 -38.29 -120.36
N ARG A 3 -5.73 13.97 60.14
CA ARG A 3 -5.74 15.21 59.38
C ARG A 3 -6.60 16.26 60.11
N LYS A 4 -6.38 17.51 59.73
CA LYS A 4 -7.11 18.61 60.33
C LYS A 4 -8.47 18.75 59.63
N LEU A 5 -9.30 19.64 60.17
CA LEU A 5 -10.62 19.87 59.62
C LEU A 5 -11.47 18.63 59.81
N GLU A 6 -12.65 18.84 60.39
CA GLU A 6 -13.57 17.74 60.63
C GLU A 6 -14.96 18.09 60.08
N LEU A 7 -15.04 18.15 58.76
CA LEU A 7 -16.29 18.46 58.11
C LEU A 7 -16.24 17.98 56.65
N THR A 8 -15.32 18.57 55.90
CA THR A 8 -15.16 18.21 54.50
C THR A 8 -13.69 17.84 54.22
N LYS A 9 -13.18 16.94 55.04
CA LYS A 9 -11.80 16.50 54.89
C LYS A 9 -11.69 15.64 53.63
N ALA A 10 -12.00 16.26 52.50
CA ALA A 10 -11.93 15.57 51.22
C ALA A 10 -11.43 16.54 50.15
N GLU A 11 -10.17 16.92 50.29
CA GLU A 11 -9.56 17.84 49.33
C GLU A 11 -8.89 17.07 48.21
N LYS A 12 -9.27 15.81 48.09
CA LYS A 12 -8.71 14.95 47.04
C LYS A 12 -9.81 14.58 46.05
N HIS A 13 -11.01 14.37 46.59
CA HIS A 13 -12.15 14.01 45.77
C HIS A 13 -11.94 12.60 45.19
N VAL A 14 -12.97 11.79 45.34
CA VAL A 14 -12.92 10.42 44.84
C VAL A 14 -14.15 10.15 43.97
N HIS A 15 -14.64 8.93 44.07
CA HIS A 15 -15.81 8.53 43.30
C HIS A 15 -15.40 8.25 41.85
N ASN A 16 -16.22 7.47 41.17
CA ASN A 16 -15.95 7.12 39.79
C ASN A 16 -14.98 5.95 39.74
N PHE A 17 -14.48 5.58 40.90
CA PHE A 17 -13.54 4.48 41.00
C PHE A 17 -13.56 3.86 42.40
N MET A 18 -14.77 3.48 42.82
CA MET A 18 -14.95 2.88 44.13
C MET A 18 -15.51 1.47 44.00
N MET A 19 -16.37 1.30 43.01
CA MET A 19 -16.99 0.00 42.77
C MET A 19 -15.98 -1.13 42.89
N ASP A 20 -14.77 -0.85 42.41
CA ASP A 20 -13.70 -1.84 42.46
C ASP A 20 -12.36 -1.11 42.56
N THR A 21 -11.85 -1.03 43.78
CA THR A 21 -10.59 -0.37 44.03
C THR A 21 -9.42 -1.31 43.68
N GLN A 22 -9.37 -1.70 42.42
CA GLN A 22 -8.33 -2.59 41.95
C GLN A 22 -8.55 -2.94 40.48
N LEU A 23 -9.73 -3.47 40.20
CA LEU A 23 -10.08 -3.85 38.85
C LEU A 23 -8.84 -4.40 38.13
N THR A 24 -8.63 -5.69 38.29
CA THR A 24 -7.48 -6.34 37.67
C THR A 24 -7.89 -7.02 36.37
N LYS A 25 -9.12 -7.52 36.36
CA LYS A 25 -9.65 -8.20 35.19
C LYS A 25 -8.54 -9.03 34.55
N ARG A 26 -8.51 -9.01 33.22
CA ARG A 26 -7.52 -9.76 32.47
C ARG A 26 -7.21 -9.06 31.15
N VAL A 27 -7.01 -9.87 30.12
CA VAL A 27 -6.71 -9.34 28.80
C VAL A 27 -5.70 -8.20 28.93
N LYS A 28 -4.45 -8.58 29.15
CA LYS A 28 -3.38 -7.60 29.30
C LYS A 28 -3.58 -6.82 30.60
N ASN A 29 -4.71 -6.12 30.67
CA ASN A 29 -5.02 -5.33 31.84
C ASN A 29 -4.35 -3.97 31.75
N ALA A 30 -5.15 -2.97 31.39
CA ALA A 30 -4.63 -1.62 31.25
C ALA A 30 -4.06 -1.44 29.85
N ALA A 31 -3.96 -2.55 29.14
CA ALA A 31 -3.42 -2.52 27.78
C ALA A 31 -4.11 -3.61 26.96
N ALA A 32 -5.40 -3.78 27.21
CA ALA A 32 -6.17 -4.78 26.49
C ALA A 32 -5.67 -4.88 25.05
N ASN A 33 -5.55 -3.72 24.41
CA ASN A 33 -5.08 -3.67 23.04
C ASN A 33 -4.66 -2.24 22.71
N VAL A 34 -4.04 -1.59 23.69
CA VAL A 34 -3.59 -0.23 23.52
C VAL A 34 -4.74 0.62 22.96
N LEU A 35 -5.95 0.12 23.15
CA LEU A 35 -7.13 0.81 22.66
C LEU A 35 -7.17 0.76 21.14
N ARG A 36 -6.11 1.28 20.53
CA ARG A 36 -6.00 1.30 19.08
C ARG A 36 -6.01 -0.13 18.53
N GLU A 37 -5.43 -1.04 19.31
CA GLU A 37 -5.36 -2.43 18.92
C GLU A 37 -4.88 -2.54 17.46
N THR A 38 -3.98 -1.65 17.10
CA THR A 38 -3.44 -1.65 15.75
C THR A 38 -2.62 -2.91 15.50
N TRP A 39 -2.15 -3.50 16.59
CA TRP A 39 -1.36 -4.72 16.50
C TRP A 39 -2.29 -5.91 16.64
N LEU A 40 -3.53 -5.71 16.22
CA LEU A 40 -4.53 -6.75 16.29
C LEU A 40 -5.41 -6.71 15.03
N ILE A 41 -5.83 -5.50 14.68
CA ILE A 41 -6.67 -5.32 13.52
C ILE A 41 -5.82 -4.75 12.38
N TYR A 42 -4.79 -4.00 12.76
CA TYR A 42 -3.90 -3.41 11.78
C TYR A 42 -4.66 -2.97 10.53
N LYS A 43 -5.62 -2.08 10.74
CA LYS A 43 -6.44 -1.58 9.64
C LYS A 43 -7.25 -2.73 9.05
N ASN A 44 -6.64 -3.44 8.12
CA ASN A 44 -7.29 -4.56 7.47
C ASN A 44 -6.25 -5.43 6.76
N THR A 45 -5.51 -4.80 5.86
CA THR A 45 -4.49 -5.49 5.11
C THR A 45 -3.09 -5.10 5.63
N LYS A 46 -2.17 -6.04 5.50
CA LYS A 46 -0.81 -5.81 5.95
C LYS A 46 0.01 -5.20 4.81
N LEU A 47 0.19 -3.88 4.88
CA LEU A 47 0.94 -3.17 3.87
C LEU A 47 2.32 -2.81 4.42
N VAL A 48 3.07 -3.84 4.78
CA VAL A 48 4.40 -3.65 5.32
C VAL A 48 5.26 -2.88 4.31
N LYS A 49 4.98 -3.13 3.03
CA LYS A 49 5.71 -2.48 1.96
C LYS A 49 7.15 -2.98 1.96
N LYS A 50 7.35 -4.13 1.33
CA LYS A 50 8.67 -4.72 1.25
C LYS A 50 9.62 -3.73 0.56
N ILE A 51 10.91 -3.96 0.78
CA ILE A 51 11.93 -3.11 0.19
C ILE A 51 11.61 -2.87 -1.29
N ASP A 52 12.25 -1.86 -1.85
CA ASP A 52 12.05 -1.54 -3.25
C ASP A 52 13.22 -2.07 -4.08
N HIS A 53 14.41 -1.88 -3.53
CA HIS A 53 15.63 -2.33 -4.21
C HIS A 53 15.72 -1.68 -5.58
N ALA A 54 15.72 -0.35 -5.58
CA ALA A 54 15.80 0.39 -6.83
C ALA A 54 15.91 1.89 -6.51
N LYS A 55 16.16 2.66 -7.54
CA LYS A 55 16.29 4.10 -7.40
C LYS A 55 15.02 4.66 -6.75
N VAL A 56 14.02 4.87 -7.58
CA VAL A 56 12.74 5.39 -7.11
C VAL A 56 12.96 6.78 -6.52
N ARG A 57 13.37 7.70 -7.39
CA ARG A 57 13.62 9.06 -6.96
C ARG A 57 12.88 10.05 -7.87
N LYS A 58 13.47 11.23 -8.02
CA LYS A 58 12.88 12.26 -8.86
C LYS A 58 13.94 12.78 -9.83
N HIS A 59 13.49 13.62 -10.75
CA HIS A 59 14.38 14.20 -11.75
C HIS A 59 14.78 15.61 -11.32
N GLN A 60 15.42 15.69 -10.15
CA GLN A 60 15.86 16.96 -9.62
C GLN A 60 17.12 17.43 -10.34
N ARG A 61 17.00 17.55 -11.65
CA ARG A 61 18.13 17.99 -12.47
C ARG A 61 19.28 16.98 -12.38
N LYS A 62 19.63 16.43 -13.52
CA LYS A 62 20.71 15.46 -13.59
C LYS A 62 21.89 15.95 -12.74
N PHE A 63 22.44 15.05 -11.95
CA PHE A 63 23.57 15.39 -11.09
C PHE A 63 24.85 15.49 -11.92
N LEU A 64 25.15 16.72 -12.32
CA LEU A 64 26.35 16.97 -13.10
C LEU A 64 26.66 18.47 -13.09
N GLN A 65 27.82 18.81 -13.62
CA GLN A 65 28.25 20.20 -13.67
C GLN A 65 27.11 21.08 -14.20
N ALA A 66 26.52 21.84 -13.29
CA ALA A 66 25.43 22.73 -13.65
C ALA A 66 26.00 24.07 -14.10
N ILE A 67 27.30 24.07 -14.37
CA ILE A 67 27.97 25.28 -14.82
C ILE A 67 28.22 25.19 -16.33
N HIS A 68 29.48 25.03 -16.69
CA HIS A 68 29.86 24.94 -18.09
C HIS A 68 29.48 23.56 -18.63
N GLN A 69 28.19 23.42 -18.92
CA GLN A 69 27.68 22.16 -19.44
C GLN A 69 27.25 22.33 -20.90
N LEU A 70 28.17 22.86 -21.70
CA LEU A 70 27.90 23.07 -23.11
C LEU A 70 26.47 23.63 -23.27
N ARG A 71 26.37 24.95 -23.15
CA ARG A 71 25.08 25.61 -23.27
C ARG A 71 25.19 26.78 -24.25
N SER A 72 25.83 26.52 -25.38
CA SER A 72 26.00 27.54 -26.40
C SER A 72 26.57 28.82 -25.77
N VAL A 73 27.83 28.73 -25.38
CA VAL A 73 28.50 29.87 -24.77
C VAL A 73 28.63 30.99 -25.81
N LYS A 74 27.51 31.66 -26.05
CA LYS A 74 27.48 32.75 -27.01
C LYS A 74 28.32 32.37 -28.23
N MET A 75 27.88 31.32 -28.90
CA MET A 75 28.57 30.84 -30.09
C MET A 75 29.07 32.02 -30.94
N GLU A 76 30.15 31.77 -31.65
CA GLU A 76 30.74 32.80 -32.52
C GLU A 76 31.09 32.20 -33.88
N GLN A 77 30.11 31.53 -34.47
CA GLN A 77 30.30 30.91 -35.77
C GLN A 77 31.01 31.89 -36.72
N ARG A 78 31.47 31.35 -37.85
CA ARG A 78 32.16 32.16 -38.84
C ARG A 78 33.35 32.89 -38.19
N LYS A 79 34.49 32.20 -38.19
CA LYS A 79 35.69 32.77 -37.61
C LYS A 79 36.72 33.01 -38.73
N LEU A 80 37.62 33.95 -38.47
CA LEU A 80 38.65 34.28 -39.43
C LEU A 80 38.10 34.11 -40.86
N ASN A 81 38.38 32.95 -41.43
CA ASN A 81 37.92 32.64 -42.77
C ASN A 81 38.17 33.86 -43.67
N ASP A 82 39.22 34.59 -43.34
CA ASP A 82 39.59 35.76 -44.11
C ASP A 82 40.38 35.33 -45.34
N GLN A 83 41.43 34.55 -45.10
CA GLN A 83 42.27 34.06 -46.17
C GLN A 83 42.62 35.20 -47.13
N ALA A 84 43.50 36.08 -46.66
CA ALA A 84 43.93 37.22 -47.47
C ALA A 84 44.73 36.71 -48.66
N ASN A 85 44.04 36.60 -49.79
CA ASN A 85 44.68 36.13 -51.01
C ASN A 85 43.93 36.71 -52.22
N THR A 86 44.17 37.99 -52.46
CA THR A 86 43.54 38.66 -53.59
C THR A 86 42.07 38.22 -53.72
N LEU A 87 41.25 38.73 -52.80
CA LEU A 87 39.84 38.39 -52.81
C LEU A 87 39.13 39.19 -51.72
N VAL A 88 39.81 39.32 -50.59
CA VAL A 88 39.26 40.05 -49.46
C VAL A 88 40.02 41.36 -49.29
N ASP A 89 40.37 41.96 -50.41
CA ASP A 89 41.10 43.22 -50.41
C ASP A 89 40.40 44.22 -51.32
N LEU A 90 40.85 44.24 -52.57
CA LEU A 90 40.28 45.15 -53.55
C LEU A 90 39.97 46.49 -52.88
N ALA A 91 40.74 46.80 -51.86
CA ALA A 91 40.54 48.04 -51.13
C ALA A 91 39.24 47.97 -50.33
N LYS A 92 39.25 47.15 -49.30
CA LYS A 92 38.08 46.98 -48.46
C LYS A 92 36.87 46.64 -49.33
N THR A 93 36.09 47.67 -49.63
CA THR A 93 34.91 47.49 -50.46
C THR A 93 34.66 48.74 -51.30
N GLN A 94 35.62 49.03 -52.17
CA GLN A 94 35.53 50.19 -53.04
C GLN A 94 35.43 51.48 -52.22
N ARG A 3 -14.11 -20.34 53.35
CA ARG A 3 -14.91 -20.60 52.17
C ARG A 3 -15.41 -19.29 51.56
N LYS A 4 -14.55 -18.68 50.76
CA LYS A 4 -14.89 -17.42 50.11
C LYS A 4 -15.43 -17.71 48.71
N LEU A 5 -16.57 -17.11 48.42
CA LEU A 5 -17.20 -17.29 47.11
C LEU A 5 -17.39 -18.79 46.84
N GLU A 6 -18.04 -19.07 45.72
CA GLU A 6 -18.29 -20.45 45.35
C GLU A 6 -17.07 -21.32 45.65
N LEU A 7 -15.96 -20.96 45.05
CA LEU A 7 -14.72 -21.69 45.24
C LEU A 7 -13.54 -20.72 45.20
N THR A 8 -13.13 -20.40 43.99
CA THR A 8 -12.01 -19.48 43.80
C THR A 8 -11.91 -19.07 42.32
N LYS A 9 -11.92 -17.76 42.11
CA LYS A 9 -11.82 -17.22 40.76
C LYS A 9 -10.47 -17.62 40.15
N ALA A 10 -10.54 -18.21 38.97
CA ALA A 10 -9.34 -18.65 38.27
C ALA A 10 -9.73 -19.45 37.04
N GLU A 11 -10.25 -18.74 36.04
CA GLU A 11 -10.67 -19.36 34.81
C GLU A 11 -9.53 -19.34 33.79
N LYS A 12 -8.31 -19.35 34.31
CA LYS A 12 -7.14 -19.33 33.45
C LYS A 12 -6.31 -20.59 33.70
N HIS A 13 -6.19 -20.94 34.98
CA HIS A 13 -5.43 -22.11 35.37
C HIS A 13 -4.16 -22.20 34.54
N VAL A 14 -3.20 -21.34 34.87
CA VAL A 14 -1.93 -21.31 34.17
C VAL A 14 -0.80 -21.56 35.16
N HIS A 15 -1.18 -21.89 36.38
CA HIS A 15 -0.21 -22.17 37.43
C HIS A 15 0.22 -23.63 37.36
N ASN A 16 0.61 -24.04 36.16
CA ASN A 16 1.05 -25.41 35.94
C ASN A 16 2.10 -25.43 34.83
N PHE A 17 2.24 -26.59 34.21
CA PHE A 17 3.21 -26.77 33.14
C PHE A 17 3.08 -25.64 32.12
N MET A 18 1.88 -25.11 32.01
CA MET A 18 1.61 -24.03 31.07
C MET A 18 2.78 -23.05 31.02
N MET A 19 3.04 -22.44 32.17
CA MET A 19 4.14 -21.48 32.28
C MET A 19 4.17 -20.85 33.67
N ASP A 20 5.34 -20.99 34.31
CA ASP A 20 5.52 -20.44 35.64
C ASP A 20 7.01 -20.31 35.93
N THR A 21 7.59 -19.24 35.42
CA THR A 21 9.01 -18.99 35.63
C THR A 21 9.42 -17.66 34.99
N GLN A 22 8.85 -17.40 33.82
CA GLN A 22 9.14 -16.17 33.10
C GLN A 22 7.87 -15.63 32.44
N LEU A 23 6.85 -15.46 33.26
CA LEU A 23 5.57 -14.94 32.77
C LEU A 23 5.82 -13.72 31.90
N THR A 24 6.62 -12.80 32.44
CA THR A 24 6.95 -11.58 31.72
C THR A 24 5.68 -10.95 31.13
N LYS A 25 4.57 -11.15 31.84
CA LYS A 25 3.30 -10.61 31.41
C LYS A 25 3.39 -9.08 31.35
N ARG A 26 2.38 -8.48 30.74
CA ARG A 26 2.33 -7.04 30.62
C ARG A 26 1.98 -6.40 31.97
N VAL A 27 1.42 -5.21 31.89
CA VAL A 27 1.03 -4.48 33.09
C VAL A 27 -0.34 -4.97 33.56
N LYS A 28 -0.46 -6.29 33.68
CA LYS A 28 -1.70 -6.90 34.11
C LYS A 28 -2.73 -6.80 32.99
N ASN A 29 -2.30 -7.19 31.80
CA ASN A 29 -3.18 -7.15 30.63
C ASN A 29 -4.03 -5.88 30.68
N ALA A 30 -3.44 -4.84 31.25
CA ALA A 30 -4.12 -3.56 31.36
C ALA A 30 -4.09 -2.85 30.00
N ALA A 31 -3.29 -3.39 29.10
CA ALA A 31 -3.17 -2.82 27.76
C ALA A 31 -4.31 -3.32 26.89
N ALA A 32 -4.57 -4.62 26.98
CA ALA A 32 -5.63 -5.23 26.20
C ALA A 32 -5.32 -5.08 24.72
N ASN A 33 -5.65 -3.90 24.20
CA ASN A 33 -5.42 -3.61 22.80
C ASN A 33 -4.87 -2.19 22.65
N VAL A 34 -4.47 -1.63 23.79
CA VAL A 34 -3.93 -0.28 23.81
C VAL A 34 -4.97 0.69 23.22
N LEU A 35 -6.21 0.22 23.19
CA LEU A 35 -7.29 1.03 22.65
C LEU A 35 -7.24 1.02 21.13
N ARG A 36 -6.08 1.43 20.61
CA ARG A 36 -5.89 1.46 19.17
C ARG A 36 -6.08 0.07 18.57
N GLU A 37 -5.38 -0.89 19.15
CA GLU A 37 -5.45 -2.26 18.69
C GLU A 37 -4.75 -2.40 17.34
N THR A 38 -3.88 -1.45 17.06
CA THR A 38 -3.13 -1.45 15.81
C THR A 38 -2.42 -2.79 15.62
N TRP A 39 -2.06 -3.39 16.74
CA TRP A 39 -1.37 -4.67 16.71
C TRP A 39 -2.42 -5.78 16.82
N LEU A 40 -3.63 -5.44 16.42
CA LEU A 40 -4.74 -6.39 16.46
C LEU A 40 -5.61 -6.20 15.23
N ILE A 41 -5.92 -4.94 14.94
CA ILE A 41 -6.75 -4.62 13.79
C ILE A 41 -5.95 -4.88 12.51
N TYR A 42 -4.67 -4.57 12.56
CA TYR A 42 -3.80 -4.77 11.42
C TYR A 42 -4.36 -4.08 10.17
N LYS A 43 -3.58 -4.11 9.11
CA LYS A 43 -3.99 -3.50 7.86
C LYS A 43 -4.90 -4.47 7.11
N ASN A 44 -4.40 -5.68 6.90
CA ASN A 44 -5.16 -6.70 6.20
C ASN A 44 -6.22 -7.28 7.14
N THR A 45 -7.13 -6.41 7.56
CA THR A 45 -8.19 -6.82 8.46
C THR A 45 -9.31 -7.52 7.69
N LYS A 46 -9.97 -8.45 8.35
CA LYS A 46 -11.06 -9.18 7.74
C LYS A 46 -12.11 -8.20 7.23
N LEU A 47 -13.11 -7.96 8.07
CA LEU A 47 -14.18 -7.05 7.71
C LEU A 47 -14.56 -7.26 6.24
N VAL A 48 -14.78 -8.52 5.90
CA VAL A 48 -15.15 -8.86 4.53
C VAL A 48 -16.53 -8.28 4.21
N LYS A 49 -16.55 -6.97 4.02
CA LYS A 49 -17.80 -6.29 3.71
C LYS A 49 -18.30 -6.75 2.33
N LYS A 50 -19.62 -6.85 2.23
CA LYS A 50 -20.23 -7.27 0.98
C LYS A 50 -19.96 -6.23 -0.10
N ILE A 51 -19.47 -6.71 -1.23
CA ILE A 51 -19.16 -5.83 -2.35
C ILE A 51 -20.32 -4.87 -2.56
N ASP A 52 -20.04 -3.82 -3.33
CA ASP A 52 -21.05 -2.81 -3.62
C ASP A 52 -21.62 -2.27 -2.31
N HIS A 53 -21.13 -1.11 -1.91
CA HIS A 53 -21.60 -0.48 -0.69
C HIS A 53 -22.63 0.60 -1.01
N ALA A 54 -22.13 1.72 -1.52
CA ALA A 54 -22.99 2.82 -1.88
C ALA A 54 -22.21 3.82 -2.74
N LYS A 55 -22.95 4.65 -3.46
CA LYS A 55 -22.35 5.65 -4.32
C LYS A 55 -22.97 7.01 -4.03
N VAL A 56 -23.02 7.35 -2.76
CA VAL A 56 -23.60 8.62 -2.34
C VAL A 56 -22.48 9.65 -2.15
N ARG A 57 -21.74 9.88 -3.23
CA ARG A 57 -20.64 10.83 -3.19
C ARG A 57 -20.90 11.97 -4.18
N LYS A 58 -21.68 12.94 -3.72
CA LYS A 58 -22.01 14.09 -4.55
C LYS A 58 -22.02 15.35 -3.70
N HIS A 59 -20.85 15.94 -3.55
CA HIS A 59 -20.72 17.15 -2.75
C HIS A 59 -20.12 18.27 -3.62
N GLN A 60 -19.01 18.82 -3.13
CA GLN A 60 -18.33 19.89 -3.85
C GLN A 60 -19.36 20.87 -4.43
N ARG A 61 -19.87 21.72 -3.55
CA ARG A 61 -20.85 22.72 -3.97
C ARG A 61 -20.17 23.89 -4.67
N LYS A 62 -20.98 24.69 -5.32
CA LYS A 62 -20.47 25.84 -6.05
C LYS A 62 -21.58 26.90 -6.20
N PHE A 63 -21.23 28.01 -6.81
CA PHE A 63 -22.18 29.08 -7.02
C PHE A 63 -21.57 30.21 -7.86
N LEU A 64 -22.32 30.62 -8.86
CA LEU A 64 -21.87 31.68 -9.76
C LEU A 64 -23.05 32.15 -10.62
N GLN A 65 -22.82 33.25 -11.31
CA GLN A 65 -23.84 33.82 -12.18
C GLN A 65 -24.51 32.72 -13.00
N ALA A 66 -25.60 33.09 -13.66
CA ALA A 66 -26.33 32.15 -14.48
C ALA A 66 -27.00 32.90 -15.63
N ILE A 67 -26.47 34.08 -15.92
CA ILE A 67 -27.01 34.91 -16.98
C ILE A 67 -26.72 34.24 -18.33
N HIS A 68 -25.86 33.24 -18.29
CA HIS A 68 -25.48 32.51 -19.48
C HIS A 68 -25.33 33.50 -20.65
N GLN A 69 -26.35 33.53 -21.50
CA GLN A 69 -26.33 34.43 -22.65
C GLN A 69 -27.20 35.66 -22.38
N LEU A 70 -26.74 36.79 -22.88
CA LEU A 70 -27.46 38.03 -22.71
C LEU A 70 -28.46 38.20 -23.85
N ARG A 71 -27.92 38.32 -25.05
CA ARG A 71 -28.75 38.49 -26.23
C ARG A 71 -29.52 39.82 -26.15
N SER A 72 -29.35 40.62 -27.20
CA SER A 72 -30.01 41.91 -27.27
C SER A 72 -30.18 42.33 -28.73
N VAL A 73 -31.44 42.38 -29.15
CA VAL A 73 -31.76 42.77 -30.52
C VAL A 73 -30.95 44.01 -30.89
N LYS A 74 -30.60 44.78 -29.86
CA LYS A 74 -29.83 45.99 -30.06
C LYS A 74 -30.30 46.67 -31.35
N MET A 75 -29.33 47.23 -32.07
CA MET A 75 -29.63 47.92 -33.32
C MET A 75 -30.58 49.10 -33.09
N GLU A 76 -30.26 50.20 -33.74
CA GLU A 76 -31.06 51.41 -33.63
C GLU A 76 -32.44 51.19 -34.25
N GLN A 77 -33.46 51.40 -33.44
CA GLN A 77 -34.83 51.23 -33.90
C GLN A 77 -35.03 51.93 -35.24
N ARG A 78 -36.06 51.49 -35.96
CA ARG A 78 -36.36 52.06 -37.25
C ARG A 78 -37.77 51.66 -37.70
N LYS A 79 -38.73 51.99 -36.84
CA LYS A 79 -40.13 51.67 -37.13
C LYS A 79 -40.82 52.90 -37.69
N LEU A 80 -40.06 53.68 -38.45
CA LEU A 80 -40.59 54.90 -39.05
C LEU A 80 -42.03 54.65 -39.49
N ASN A 81 -42.79 55.74 -39.55
CA ASN A 81 -44.19 55.65 -39.94
C ASN A 81 -44.33 56.15 -41.38
N ASP A 82 -43.22 56.55 -41.95
CA ASP A 82 -43.20 57.05 -43.32
C ASP A 82 -41.81 56.88 -43.90
N GLN A 83 -41.61 55.75 -44.57
CA GLN A 83 -40.33 55.46 -45.19
C GLN A 83 -40.37 55.77 -46.69
N ALA A 84 -40.07 57.02 -47.01
CA ALA A 84 -40.06 57.44 -48.40
C ALA A 84 -38.70 58.04 -48.74
N ASN A 85 -37.68 57.19 -48.69
CA ASN A 85 -36.33 57.61 -49.00
C ASN A 85 -35.96 57.16 -50.42
N THR A 86 -36.37 57.96 -51.39
CA THR A 86 -36.09 57.67 -52.78
C THR A 86 -34.64 58.00 -53.12
N LEU A 87 -34.18 59.13 -52.58
CA LEU A 87 -32.82 59.56 -52.82
C LEU A 87 -32.12 59.79 -51.47
N VAL A 88 -32.13 61.04 -51.04
CA VAL A 88 -31.51 61.39 -49.78
C VAL A 88 -32.11 62.70 -49.26
N ASP A 89 -33.40 62.64 -48.96
CA ASP A 89 -34.11 63.80 -48.45
C ASP A 89 -33.94 63.89 -46.94
N LEU A 90 -32.84 64.49 -46.53
CA LEU A 90 -32.55 64.65 -45.11
C LEU A 90 -33.17 65.95 -44.60
N ALA A 91 -34.07 66.49 -45.40
CA ALA A 91 -34.74 67.73 -45.05
C ALA A 91 -33.80 68.91 -45.35
N LYS A 92 -33.85 69.35 -46.60
CA LYS A 92 -33.02 70.47 -47.03
C LYS A 92 -33.71 71.19 -48.19
N THR A 93 -34.17 70.40 -49.14
CA THR A 93 -34.85 70.95 -50.31
C THR A 93 -36.33 70.59 -50.28
N GLN A 94 -37.02 71.13 -49.28
CA GLN A 94 -38.44 70.88 -49.12
C GLN A 94 -39.19 72.19 -48.88
N ARG A 3 -9.43 -0.75 81.18
CA ARG A 3 -8.79 -0.31 79.96
C ARG A 3 -8.14 -1.52 79.26
N LYS A 4 -8.94 -2.17 78.42
CA LYS A 4 -8.46 -3.33 77.69
C LYS A 4 -7.95 -2.88 76.32
N LEU A 5 -7.44 -3.85 75.57
CA LEU A 5 -6.90 -3.57 74.24
C LEU A 5 -7.85 -2.61 73.51
N GLU A 6 -7.29 -1.48 73.11
CA GLU A 6 -8.07 -0.48 72.40
C GLU A 6 -7.44 -0.16 71.05
N LEU A 7 -8.17 0.59 70.24
CA LEU A 7 -7.69 0.96 68.92
C LEU A 7 -6.26 1.46 69.02
N THR A 8 -5.38 0.81 68.29
CA THR A 8 -3.98 1.19 68.30
C THR A 8 -3.48 1.39 66.86
N LYS A 9 -2.56 2.34 66.72
CA LYS A 9 -2.00 2.66 65.42
C LYS A 9 -3.03 2.34 64.33
N ALA A 10 -3.94 3.27 64.13
CA ALA A 10 -4.98 3.10 63.13
C ALA A 10 -5.11 4.40 62.32
N GLU A 11 -5.15 5.50 63.03
CA GLU A 11 -5.26 6.81 62.39
C GLU A 11 -6.66 6.98 61.80
N LYS A 12 -6.70 7.35 60.53
CA LYS A 12 -7.97 7.55 59.83
C LYS A 12 -8.39 6.25 59.17
N HIS A 13 -8.06 5.14 59.82
CA HIS A 13 -8.40 3.83 59.31
C HIS A 13 -7.63 3.58 58.01
N VAL A 14 -7.44 2.30 57.70
CA VAL A 14 -6.73 1.91 56.50
C VAL A 14 -7.23 0.54 56.03
N HIS A 15 -7.81 0.55 54.84
CA HIS A 15 -8.33 -0.68 54.26
C HIS A 15 -8.46 -0.52 52.75
N ASN A 16 -9.17 0.53 52.34
CA ASN A 16 -9.36 0.80 50.93
C ASN A 16 -8.52 2.00 50.53
N PHE A 17 -7.46 1.72 49.79
CA PHE A 17 -6.56 2.76 49.33
C PHE A 17 -6.65 2.94 47.81
N MET A 18 -6.62 1.81 47.11
CA MET A 18 -6.71 1.84 45.66
C MET A 18 -7.77 0.86 45.16
N MET A 19 -8.94 0.93 45.79
CA MET A 19 -10.05 0.05 45.41
C MET A 19 -10.17 -0.05 43.89
N ASP A 20 -10.18 1.10 43.25
CA ASP A 20 -10.30 1.15 41.79
C ASP A 20 -9.46 2.31 41.26
N THR A 21 -8.24 1.99 40.87
CA THR A 21 -7.34 2.99 40.34
C THR A 21 -6.08 2.34 39.76
N GLN A 22 -5.58 1.35 40.50
CA GLN A 22 -4.39 0.63 40.08
C GLN A 22 -4.28 -0.70 40.82
N LEU A 23 -5.25 -1.56 40.57
CA LEU A 23 -5.28 -2.87 41.20
C LEU A 23 -3.91 -3.53 41.05
N THR A 24 -3.69 -4.09 39.86
CA THR A 24 -2.43 -4.76 39.57
C THR A 24 -2.23 -4.89 38.06
N LYS A 25 -2.79 -3.93 37.34
CA LYS A 25 -2.68 -3.93 35.89
C LYS A 25 -1.40 -3.21 35.48
N ARG A 26 -0.77 -3.73 34.43
CA ARG A 26 0.46 -3.13 33.93
C ARG A 26 0.33 -2.83 32.44
N VAL A 27 1.15 -1.88 31.98
CA VAL A 27 1.13 -1.49 30.59
C VAL A 27 -0.31 -1.45 30.09
N LYS A 28 -1.16 -0.86 30.90
CA LYS A 28 -2.57 -0.74 30.55
C LYS A 28 -3.20 -2.14 30.51
N ASN A 29 -2.99 -2.88 31.58
CA ASN A 29 -3.54 -4.23 31.67
C ASN A 29 -3.01 -5.06 30.49
N ALA A 30 -1.70 -5.19 30.43
CA ALA A 30 -1.06 -5.96 29.37
C ALA A 30 -1.25 -5.21 28.04
N ALA A 31 -1.77 -4.00 28.15
CA ALA A 31 -1.99 -3.18 26.97
C ALA A 31 -3.38 -3.49 26.40
N ALA A 32 -4.00 -4.52 26.95
CA ALA A 32 -5.32 -4.93 26.51
C ALA A 32 -5.38 -4.89 24.98
N ASN A 33 -5.78 -3.74 24.46
CA ASN A 33 -5.87 -3.56 23.03
C ASN A 33 -5.33 -2.19 22.65
N VAL A 34 -4.46 -1.67 23.52
CA VAL A 34 -3.86 -0.37 23.28
C VAL A 34 -4.92 0.59 22.73
N LEU A 35 -6.17 0.30 23.07
CA LEU A 35 -7.29 1.12 22.61
C LEU A 35 -7.44 0.96 21.10
N ARG A 36 -6.40 1.34 20.38
CA ARG A 36 -6.40 1.24 18.94
C ARG A 36 -6.12 -0.19 18.50
N GLU A 37 -5.40 -0.92 19.34
CA GLU A 37 -5.07 -2.29 19.06
C GLU A 37 -4.57 -2.44 17.62
N THR A 38 -3.55 -1.65 17.30
CA THR A 38 -2.97 -1.68 15.96
C THR A 38 -2.30 -3.03 15.70
N TRP A 39 -2.01 -3.73 16.78
CA TRP A 39 -1.37 -5.03 16.67
C TRP A 39 -2.47 -6.10 16.66
N LEU A 40 -3.67 -5.67 16.30
CA LEU A 40 -4.80 -6.57 16.23
C LEU A 40 -5.65 -6.22 15.01
N ILE A 41 -5.99 -4.94 14.90
CA ILE A 41 -6.79 -4.47 13.79
C ILE A 41 -5.97 -4.52 12.51
N TYR A 42 -4.67 -4.28 12.66
CA TYR A 42 -3.76 -4.29 11.53
C TYR A 42 -4.22 -3.30 10.45
N LYS A 43 -3.44 -2.24 10.30
CA LYS A 43 -3.74 -1.21 9.32
C LYS A 43 -3.06 -1.57 7.99
N ASN A 44 -1.84 -2.07 8.11
CA ASN A 44 -1.07 -2.45 6.94
C ASN A 44 -0.62 -1.18 6.21
N THR A 45 -1.60 -0.42 5.76
CA THR A 45 -1.32 0.81 5.03
C THR A 45 -2.58 1.67 4.92
N LYS A 46 -2.53 2.64 4.02
CA LYS A 46 -3.66 3.52 3.79
C LYS A 46 -4.95 2.71 3.83
N LEU A 47 -5.19 1.98 2.75
CA LEU A 47 -6.38 1.16 2.65
C LEU A 47 -7.57 1.93 3.22
N VAL A 48 -7.51 3.25 3.10
CA VAL A 48 -8.57 4.10 3.60
C VAL A 48 -8.86 5.20 2.58
N LYS A 49 -9.67 4.86 1.59
CA LYS A 49 -10.03 5.81 0.56
C LYS A 49 -8.77 6.21 -0.23
N LYS A 50 -8.45 5.39 -1.20
CA LYS A 50 -7.27 5.63 -2.03
C LYS A 50 -7.72 6.17 -3.39
N ILE A 51 -6.95 7.13 -3.89
CA ILE A 51 -7.26 7.74 -5.18
C ILE A 51 -7.54 6.63 -6.21
N ASP A 52 -8.13 7.03 -7.31
CA ASP A 52 -8.46 6.10 -8.38
C ASP A 52 -9.40 5.02 -7.84
N HIS A 53 -10.62 5.05 -8.34
CA HIS A 53 -11.63 4.08 -7.92
C HIS A 53 -12.63 3.86 -9.06
N ALA A 54 -12.21 3.04 -10.00
CA ALA A 54 -13.06 2.73 -11.15
C ALA A 54 -14.17 1.78 -10.71
N LYS A 55 -15.30 2.38 -10.35
CA LYS A 55 -16.44 1.59 -9.91
C LYS A 55 -15.96 0.46 -8.99
N VAL A 56 -15.90 0.76 -7.71
CA VAL A 56 -15.46 -0.22 -6.73
C VAL A 56 -16.67 -0.95 -6.16
N ARG A 57 -17.48 -1.48 -7.07
CA ARG A 57 -18.67 -2.20 -6.67
C ARG A 57 -19.40 -1.45 -5.56
N LYS A 58 -20.22 -0.49 -5.98
CA LYS A 58 -20.99 0.30 -5.03
C LYS A 58 -22.47 -0.07 -5.13
N HIS A 59 -22.74 -1.35 -4.86
CA HIS A 59 -24.11 -1.84 -4.92
C HIS A 59 -24.81 -1.27 -6.15
N GLN A 60 -24.66 -2.00 -7.26
CA GLN A 60 -25.26 -1.58 -8.51
C GLN A 60 -26.79 -1.64 -8.41
N ARG A 61 -27.25 -2.51 -7.52
CA ARG A 61 -28.68 -2.67 -7.31
C ARG A 61 -29.13 -1.94 -6.05
N LYS A 62 -30.44 -1.84 -5.89
CA LYS A 62 -31.00 -1.16 -4.73
C LYS A 62 -30.47 0.28 -4.68
N PHE A 63 -30.93 1.00 -3.67
CA PHE A 63 -30.50 2.38 -3.50
C PHE A 63 -30.80 3.21 -4.76
N LEU A 64 -30.64 4.52 -4.62
CA LEU A 64 -30.89 5.44 -5.71
C LEU A 64 -32.21 5.04 -6.40
N GLN A 65 -32.44 5.67 -7.55
CA GLN A 65 -33.65 5.41 -8.31
C GLN A 65 -33.99 3.92 -8.26
N ALA A 66 -33.09 3.12 -8.79
CA ALA A 66 -33.28 1.68 -8.83
C ALA A 66 -34.63 1.36 -9.46
N ILE A 67 -35.14 2.33 -10.21
CA ILE A 67 -36.42 2.17 -10.88
C ILE A 67 -36.19 1.90 -12.36
N HIS A 68 -36.54 2.89 -13.18
CA HIS A 68 -36.37 2.77 -14.61
C HIS A 68 -36.94 1.43 -15.10
N GLN A 69 -38.22 1.24 -14.82
CA GLN A 69 -38.90 0.01 -15.22
C GLN A 69 -38.24 -1.19 -14.54
N LEU A 70 -39.08 -1.97 -13.87
CA LEU A 70 -38.59 -3.16 -13.17
C LEU A 70 -38.42 -4.30 -14.18
N ARG A 71 -37.54 -4.05 -15.15
CA ARG A 71 -37.28 -5.05 -16.18
C ARG A 71 -38.58 -5.74 -16.61
N SER A 72 -39.23 -5.12 -17.58
CA SER A 72 -40.49 -5.66 -18.09
C SER A 72 -41.34 -6.19 -16.94
N VAL A 73 -42.05 -5.27 -16.29
CA VAL A 73 -42.90 -5.64 -15.18
C VAL A 73 -44.36 -5.72 -15.65
N LYS A 74 -44.51 -5.89 -16.96
CA LYS A 74 -45.84 -5.98 -17.55
C LYS A 74 -45.72 -6.56 -18.96
N MET A 75 -46.08 -7.83 -19.09
CA MET A 75 -46.01 -8.50 -20.37
C MET A 75 -47.31 -9.27 -20.65
N GLU A 76 -47.88 -8.99 -21.81
CA GLU A 76 -49.13 -9.64 -22.21
C GLU A 76 -49.07 -10.02 -23.69
N GLN A 77 -50.05 -10.82 -24.09
CA GLN A 77 -50.11 -11.27 -25.48
C GLN A 77 -50.97 -10.31 -26.30
N ARG A 78 -50.99 -10.56 -27.61
CA ARG A 78 -51.76 -9.73 -28.51
C ARG A 78 -52.31 -10.56 -29.67
N LYS A 79 -53.07 -11.57 -29.32
CA LYS A 79 -53.66 -12.45 -30.31
C LYS A 79 -54.68 -11.67 -31.15
N LEU A 80 -54.71 -12.00 -32.43
CA LEU A 80 -55.64 -11.34 -33.34
C LEU A 80 -57.08 -11.70 -32.97
N ASN A 81 -57.25 -12.95 -32.57
CA ASN A 81 -58.56 -13.44 -32.19
C ASN A 81 -58.85 -13.04 -30.74
N ASP A 82 -58.71 -11.75 -30.48
CA ASP A 82 -58.95 -11.22 -29.14
C ASP A 82 -60.45 -11.17 -28.88
N GLN A 83 -60.96 -12.25 -28.29
CA GLN A 83 -62.37 -12.34 -27.99
C GLN A 83 -63.21 -11.91 -29.20
N ALA A 84 -64.51 -11.82 -28.98
CA ALA A 84 -65.42 -11.43 -30.03
C ALA A 84 -65.05 -12.16 -31.33
N ASN A 85 -65.64 -13.34 -31.49
CA ASN A 85 -65.37 -14.14 -32.68
C ASN A 85 -66.50 -13.93 -33.70
N THR A 86 -66.30 -12.94 -34.55
CA THR A 86 -67.29 -12.62 -35.56
C THR A 86 -66.61 -12.39 -36.92
N LEU A 87 -66.54 -13.46 -37.69
CA LEU A 87 -65.91 -13.39 -39.00
C LEU A 87 -66.98 -13.59 -40.08
N VAL A 88 -68.15 -14.01 -39.63
CA VAL A 88 -69.25 -14.24 -40.55
C VAL A 88 -70.51 -14.58 -39.74
N ASP A 89 -70.90 -13.65 -38.88
CA ASP A 89 -72.07 -13.83 -38.04
C ASP A 89 -72.21 -12.64 -37.10
N LEU A 90 -72.45 -11.48 -37.69
CA LEU A 90 -72.61 -10.26 -36.91
C LEU A 90 -74.08 -10.09 -36.52
N ALA A 91 -74.83 -11.17 -36.67
CA ALA A 91 -76.25 -11.17 -36.35
C ALA A 91 -76.99 -10.32 -37.38
N LYS A 92 -77.33 -10.95 -38.48
CA LYS A 92 -78.04 -10.27 -39.55
C LYS A 92 -79.01 -11.25 -40.21
N THR A 93 -80.05 -11.60 -39.47
CA THR A 93 -81.06 -12.51 -39.98
C THR A 93 -81.95 -13.00 -38.83
N GLN A 94 -81.36 -13.05 -37.64
CA GLN A 94 -82.09 -13.50 -36.46
C GLN A 94 -82.99 -14.68 -36.81
N ARG A 3 -23.24 13.25 92.08
CA ARG A 3 -23.73 12.58 90.90
C ARG A 3 -23.00 13.08 89.66
N LYS A 4 -23.13 12.33 88.58
CA LYS A 4 -22.50 12.69 87.33
C LYS A 4 -23.20 11.97 86.17
N LEU A 5 -22.88 12.41 84.96
CA LEU A 5 -23.48 11.83 83.77
C LEU A 5 -22.83 12.43 82.53
N GLU A 6 -22.41 11.55 81.63
CA GLU A 6 -21.77 11.98 80.40
C GLU A 6 -21.69 10.82 79.41
N LEU A 7 -21.43 11.16 78.15
CA LEU A 7 -21.33 10.17 77.11
C LEU A 7 -20.46 10.72 75.97
N THR A 8 -20.24 9.87 74.97
CA THR A 8 -19.44 10.26 73.82
C THR A 8 -19.96 9.58 72.55
N LYS A 9 -20.05 10.36 71.49
CA LYS A 9 -20.52 9.84 70.22
C LYS A 9 -19.68 10.44 69.10
N ALA A 10 -19.92 9.93 67.89
CA ALA A 10 -19.20 10.40 66.72
C ALA A 10 -19.19 11.93 66.71
N GLU A 11 -17.99 12.48 66.59
CA GLU A 11 -17.84 13.94 66.57
C GLU A 11 -16.77 14.34 65.55
N LYS A 12 -16.42 13.38 64.69
CA LYS A 12 -15.43 13.62 63.66
C LYS A 12 -16.08 13.50 62.28
N HIS A 13 -16.98 12.53 62.18
CA HIS A 13 -17.69 12.30 60.93
C HIS A 13 -16.68 12.00 59.82
N VAL A 14 -17.19 11.46 58.73
CA VAL A 14 -16.35 11.13 57.58
C VAL A 14 -17.22 10.58 56.46
N HIS A 15 -17.01 11.13 55.27
CA HIS A 15 -17.76 10.71 54.11
C HIS A 15 -16.91 9.78 53.25
N ASN A 16 -17.31 9.63 51.99
CA ASN A 16 -16.58 8.78 51.07
C ASN A 16 -15.99 9.64 49.94
N PHE A 17 -14.87 10.25 50.24
CA PHE A 17 -14.19 11.09 49.26
C PHE A 17 -13.66 10.26 48.10
N MET A 18 -13.23 10.97 47.05
CA MET A 18 -12.70 10.31 45.87
C MET A 18 -11.41 9.55 46.20
N MET A 19 -11.57 8.39 46.82
CA MET A 19 -10.44 7.57 47.19
C MET A 19 -9.64 7.14 45.95
N ASP A 20 -10.38 6.63 44.97
CA ASP A 20 -9.76 6.18 43.74
C ASP A 20 -8.45 5.45 44.07
N THR A 21 -8.60 4.22 44.54
CA THR A 21 -7.45 3.41 44.89
C THR A 21 -7.42 2.13 44.04
N GLN A 22 -7.59 2.31 42.75
CA GLN A 22 -7.60 1.18 41.82
C GLN A 22 -6.87 1.56 40.53
N LEU A 23 -7.26 2.68 39.97
CA LEU A 23 -6.65 3.16 38.74
C LEU A 23 -6.95 2.17 37.61
N THR A 24 -7.79 2.63 36.68
CA THR A 24 -8.16 1.80 35.56
C THR A 24 -8.96 2.61 34.53
N LYS A 25 -8.56 2.49 33.27
CA LYS A 25 -9.23 3.20 32.21
C LYS A 25 -10.53 2.49 31.85
N ARG A 26 -10.82 2.44 30.56
CA ARG A 26 -12.02 1.80 30.08
C ARG A 26 -11.68 0.53 29.30
N VAL A 27 -12.71 -0.21 28.94
CA VAL A 27 -12.54 -1.44 28.19
C VAL A 27 -11.32 -2.19 28.73
N LYS A 28 -11.31 -2.37 30.05
CA LYS A 28 -10.21 -3.07 30.69
C LYS A 28 -8.92 -2.28 30.48
N ASN A 29 -8.27 -1.95 31.59
CA ASN A 29 -7.03 -1.20 31.55
C ASN A 29 -5.92 -2.10 31.00
N ALA A 30 -5.93 -3.35 31.45
CA ALA A 30 -4.93 -4.31 31.02
C ALA A 30 -5.06 -4.53 29.51
N ALA A 31 -6.18 -4.07 28.97
CA ALA A 31 -6.44 -4.20 27.55
C ALA A 31 -5.88 -2.99 26.82
N ALA A 32 -4.71 -2.55 27.27
CA ALA A 32 -4.06 -1.39 26.67
C ALA A 32 -3.74 -1.70 25.20
N ASN A 33 -3.70 -2.99 24.90
CA ASN A 33 -3.41 -3.43 23.55
C ASN A 33 -4.60 -3.09 22.64
N VAL A 34 -5.78 -3.24 23.21
CA VAL A 34 -7.00 -2.96 22.47
C VAL A 34 -7.28 -1.45 22.49
N LEU A 35 -6.49 -0.75 23.30
CA LEU A 35 -6.63 0.69 23.41
C LEU A 35 -6.37 1.34 22.04
N ARG A 36 -5.54 0.67 21.26
CA ARG A 36 -5.20 1.17 19.94
C ARG A 36 -5.69 0.19 18.87
N GLU A 37 -5.80 -1.06 19.27
CA GLU A 37 -6.25 -2.10 18.36
C GLU A 37 -5.28 -2.23 17.18
N THR A 38 -4.06 -1.79 17.41
CA THR A 38 -3.03 -1.86 16.38
C THR A 38 -2.30 -3.19 16.44
N TRP A 39 -3.02 -4.21 16.88
CA TRP A 39 -2.45 -5.54 16.99
C TRP A 39 -3.53 -6.56 16.60
N LEU A 40 -4.54 -6.06 15.91
CA LEU A 40 -5.63 -6.90 15.48
C LEU A 40 -6.07 -6.49 14.06
N ILE A 41 -6.04 -5.19 13.82
CA ILE A 41 -6.41 -4.67 12.53
C ILE A 41 -5.16 -4.28 11.74
N TYR A 42 -4.15 -3.83 12.49
CA TYR A 42 -2.90 -3.43 11.89
C TYR A 42 -3.13 -2.78 10.52
N LYS A 43 -3.38 -1.47 10.56
CA LYS A 43 -3.62 -0.72 9.34
C LYS A 43 -2.61 -1.16 8.27
N ASN A 44 -1.43 -0.56 8.34
CA ASN A 44 -0.37 -0.88 7.39
C ASN A 44 -0.78 -0.39 6.00
N THR A 45 -0.18 0.71 5.58
CA THR A 45 -0.48 1.28 4.28
C THR A 45 0.81 1.42 3.46
N LYS A 46 1.47 0.29 3.24
CA LYS A 46 2.70 0.28 2.47
C LYS A 46 2.98 -1.15 2.01
N LEU A 47 3.53 -1.24 0.80
CA LEU A 47 3.86 -2.54 0.23
C LEU A 47 5.28 -2.50 -0.34
N VAL A 48 6.01 -1.47 0.08
CA VAL A 48 7.39 -1.31 -0.37
C VAL A 48 7.40 -1.15 -1.89
N LYS A 49 7.86 0.01 -2.33
CA LYS A 49 7.93 0.30 -3.75
C LYS A 49 9.21 1.10 -4.04
N LYS A 50 10.06 0.51 -4.86
CA LYS A 50 11.32 1.15 -5.23
C LYS A 50 11.03 2.54 -5.77
N ILE A 51 11.64 3.54 -5.13
CA ILE A 51 11.46 4.92 -5.53
C ILE A 51 11.90 5.08 -6.99
N ASP A 52 11.82 6.31 -7.46
CA ASP A 52 12.20 6.61 -8.83
C ASP A 52 12.20 8.13 -9.03
N HIS A 53 13.35 8.64 -9.42
CA HIS A 53 13.50 10.07 -9.65
C HIS A 53 13.00 10.41 -11.05
N ALA A 54 13.79 10.05 -12.04
CA ALA A 54 13.44 10.31 -13.43
C ALA A 54 14.52 9.72 -14.35
N LYS A 55 14.21 9.70 -15.63
CA LYS A 55 15.13 9.17 -16.62
C LYS A 55 14.84 9.79 -17.98
N VAL A 56 15.62 10.81 -18.32
CA VAL A 56 15.45 11.49 -19.59
C VAL A 56 16.82 11.74 -20.21
N ARG A 57 17.36 10.68 -20.81
CA ARG A 57 18.66 10.77 -21.45
C ARG A 57 18.74 9.78 -22.62
N LYS A 58 19.96 9.59 -23.11
CA LYS A 58 20.18 8.68 -24.22
C LYS A 58 21.26 7.67 -23.85
N HIS A 59 21.54 6.78 -24.78
CA HIS A 59 22.55 5.75 -24.56
C HIS A 59 22.73 4.93 -25.83
N GLN A 60 22.99 5.63 -26.92
CA GLN A 60 23.19 4.98 -28.20
C GLN A 60 24.66 4.56 -28.37
N ARG A 61 24.95 3.98 -29.52
CA ARG A 61 26.30 3.53 -29.82
C ARG A 61 26.63 3.80 -31.29
N LYS A 62 27.73 4.51 -31.49
CA LYS A 62 28.17 4.85 -32.83
C LYS A 62 28.01 3.62 -33.74
N PHE A 63 27.96 3.88 -35.03
CA PHE A 63 27.80 2.82 -36.01
C PHE A 63 28.16 3.31 -37.41
N LEU A 64 28.88 2.46 -38.13
CA LEU A 64 29.30 2.79 -39.48
C LEU A 64 29.58 1.50 -40.26
N GLN A 65 29.63 1.62 -41.57
CA GLN A 65 29.89 0.48 -42.43
C GLN A 65 30.90 0.86 -43.51
N ALA A 66 32.15 0.47 -43.28
CA ALA A 66 33.21 0.76 -44.22
C ALA A 66 34.52 0.19 -43.68
N ILE A 67 34.84 -1.02 -44.14
CA ILE A 67 36.06 -1.68 -43.71
C ILE A 67 37.15 -1.47 -44.78
N HIS A 68 37.47 -2.54 -45.47
CA HIS A 68 38.48 -2.49 -46.51
C HIS A 68 37.98 -3.21 -47.76
N GLN A 69 36.76 -2.87 -48.15
CA GLN A 69 36.14 -3.47 -49.32
C GLN A 69 35.52 -2.40 -50.22
N LEU A 70 36.12 -2.23 -51.39
CA LEU A 70 35.63 -1.25 -52.34
C LEU A 70 36.20 -1.56 -53.73
N ARG A 71 35.71 -2.65 -54.30
CA ARG A 71 36.15 -3.07 -55.61
C ARG A 71 35.23 -4.15 -56.17
N SER A 72 35.22 -4.27 -57.48
CA SER A 72 34.40 -5.27 -58.15
C SER A 72 35.20 -6.54 -58.40
N VAL A 73 35.05 -7.49 -57.49
CA VAL A 73 35.75 -8.76 -57.60
C VAL A 73 35.17 -9.56 -58.77
N LYS A 74 35.35 -9.00 -59.96
CA LYS A 74 34.86 -9.64 -61.17
C LYS A 74 35.64 -9.12 -62.37
N MET A 75 36.94 -9.37 -62.35
CA MET A 75 37.80 -8.93 -63.44
C MET A 75 38.61 -10.10 -64.00
N GLU A 76 38.72 -10.11 -65.32
CA GLU A 76 39.47 -11.16 -66.00
C GLU A 76 39.74 -10.77 -67.45
N GLN A 77 40.53 -11.60 -68.12
CA GLN A 77 40.87 -11.35 -69.51
C GLN A 77 40.42 -12.52 -70.38
N ARG A 78 39.63 -12.20 -71.40
CA ARG A 78 39.13 -13.20 -72.31
C ARG A 78 40.06 -13.34 -73.51
N LYS A 79 39.82 -14.38 -74.30
CA LYS A 79 40.63 -14.64 -75.47
C LYS A 79 39.71 -14.84 -76.69
N LEU A 80 40.32 -14.79 -77.87
CA LEU A 80 39.58 -14.97 -79.10
C LEU A 80 40.53 -15.40 -80.21
N ASN A 81 39.96 -15.60 -81.39
CA ASN A 81 40.75 -16.02 -82.54
C ASN A 81 41.73 -17.11 -82.12
N ASP A 82 41.18 -18.14 -81.49
CA ASP A 82 41.99 -19.26 -81.03
C ASP A 82 41.81 -20.44 -81.98
N GLN A 83 42.75 -20.56 -82.91
CA GLN A 83 42.70 -21.63 -83.89
C GLN A 83 44.12 -21.99 -84.34
N ALA A 84 44.21 -23.07 -85.10
CA ALA A 84 45.49 -23.53 -85.60
C ALA A 84 46.40 -23.88 -84.43
N ASN A 85 46.48 -25.16 -84.14
CA ASN A 85 47.31 -25.64 -83.05
C ASN A 85 48.63 -26.19 -83.61
N THR A 86 48.59 -26.52 -84.89
CA THR A 86 49.76 -27.06 -85.56
C THR A 86 50.00 -26.32 -86.88
N LEU A 87 50.22 -27.10 -87.93
CA LEU A 87 50.46 -26.53 -89.25
C LEU A 87 49.49 -27.15 -90.25
N VAL A 88 49.96 -28.19 -90.94
CA VAL A 88 49.15 -28.87 -91.93
C VAL A 88 49.34 -30.38 -91.78
N ASP A 89 48.91 -30.89 -90.63
CA ASP A 89 49.03 -32.31 -90.36
C ASP A 89 48.16 -33.09 -91.34
N LEU A 90 48.82 -33.62 -92.37
CA LEU A 90 48.12 -34.39 -93.38
C LEU A 90 49.03 -35.52 -93.87
N ALA A 91 50.03 -35.82 -93.07
CA ALA A 91 50.98 -36.87 -93.40
C ALA A 91 51.84 -36.42 -94.59
N LYS A 92 52.62 -35.38 -94.34
CA LYS A 92 53.50 -34.84 -95.37
C LYS A 92 52.69 -34.60 -96.65
N THR A 93 53.38 -34.13 -97.67
CA THR A 93 52.74 -33.85 -98.94
C THR A 93 53.31 -34.75 -100.04
N GLN A 94 53.05 -36.04 -99.90
CA GLN A 94 53.54 -37.02 -100.86
C GLN A 94 52.64 -37.02 -102.11
N ARG A 3 -23.39 -15.06 50.19
CA ARG A 3 -23.00 -15.73 48.97
C ARG A 3 -22.83 -14.72 47.83
N LYS A 4 -21.64 -14.14 47.77
CA LYS A 4 -21.34 -13.16 46.74
C LYS A 4 -22.40 -12.05 46.77
N LEU A 5 -22.24 -11.10 45.87
CA LEU A 5 -23.17 -9.98 45.78
C LEU A 5 -23.14 -9.19 47.09
N GLU A 6 -23.22 -7.88 46.96
CA GLU A 6 -23.20 -7.01 48.12
C GLU A 6 -24.61 -6.46 48.40
N LEU A 7 -25.41 -6.42 47.34
CA LEU A 7 -26.77 -5.93 47.46
C LEU A 7 -27.43 -6.55 48.68
N THR A 8 -27.74 -5.70 49.65
CA THR A 8 -28.37 -6.16 50.88
C THR A 8 -28.73 -4.96 51.76
N LYS A 9 -29.93 -5.02 52.32
CA LYS A 9 -30.40 -3.96 53.19
C LYS A 9 -29.75 -2.64 52.77
N ALA A 10 -30.28 -2.06 51.70
CA ALA A 10 -29.75 -0.80 51.19
C ALA A 10 -30.29 0.35 52.05
N GLU A 11 -31.23 0.01 52.92
CA GLU A 11 -31.83 0.99 53.80
C GLU A 11 -32.22 2.23 53.00
N LYS A 12 -31.85 3.39 53.53
CA LYS A 12 -32.16 4.65 52.88
C LYS A 12 -31.02 5.03 51.95
N HIS A 13 -30.47 4.02 51.30
CA HIS A 13 -29.37 4.23 50.36
C HIS A 13 -29.49 3.24 49.20
N VAL A 14 -28.46 3.26 48.35
CA VAL A 14 -28.44 2.38 47.20
C VAL A 14 -27.40 1.28 47.43
N HIS A 15 -26.71 0.93 46.34
CA HIS A 15 -25.68 -0.10 46.41
C HIS A 15 -24.67 0.11 45.29
N ASN A 16 -24.20 1.34 45.19
CA ASN A 16 -23.22 1.69 44.17
C ASN A 16 -23.70 1.16 42.81
N PHE A 17 -24.59 1.92 42.19
CA PHE A 17 -25.12 1.53 40.89
C PHE A 17 -24.34 2.20 39.76
N MET A 18 -24.00 3.46 39.97
CA MET A 18 -23.26 4.21 38.98
C MET A 18 -21.75 4.01 39.15
N MET A 19 -21.41 3.11 40.06
CA MET A 19 -20.01 2.81 40.32
C MET A 19 -19.25 2.58 39.02
N ASP A 20 -19.82 1.74 38.18
CA ASP A 20 -19.20 1.42 36.90
C ASP A 20 -19.92 2.17 35.79
N THR A 21 -19.58 3.45 35.65
CA THR A 21 -20.19 4.28 34.64
C THR A 21 -19.11 4.97 33.79
N GLN A 22 -18.21 5.66 34.48
CA GLN A 22 -17.13 6.36 33.81
C GLN A 22 -15.99 6.64 34.79
N LEU A 23 -15.59 5.59 35.51
CA LEU A 23 -14.52 5.72 36.47
C LEU A 23 -13.97 4.33 36.81
N THR A 24 -12.95 3.93 36.06
CA THR A 24 -12.34 2.63 36.27
C THR A 24 -11.11 2.47 35.38
N LYS A 25 -10.03 2.00 36.00
CA LYS A 25 -8.79 1.80 35.27
C LYS A 25 -8.87 0.50 34.48
N ARG A 26 -8.04 0.42 33.45
CA ARG A 26 -8.00 -0.76 32.59
C ARG A 26 -7.51 -1.97 33.38
N VAL A 27 -6.99 -2.94 32.66
CA VAL A 27 -6.49 -4.15 33.28
C VAL A 27 -5.05 -3.92 33.76
N LYS A 28 -4.89 -2.82 34.49
CA LYS A 28 -3.58 -2.46 35.01
C LYS A 28 -2.72 -1.90 33.89
N ASN A 29 -3.32 -1.01 33.11
CA ASN A 29 -2.63 -0.39 32.00
C ASN A 29 -1.75 -1.44 31.30
N ALA A 30 -2.25 -2.66 31.26
CA ALA A 30 -1.53 -3.74 30.63
C ALA A 30 -1.50 -3.53 29.12
N ALA A 31 -2.23 -2.52 28.67
CA ALA A 31 -2.29 -2.20 27.27
C ALA A 31 -3.39 -3.03 26.60
N ALA A 32 -4.53 -3.08 27.28
CA ALA A 32 -5.67 -3.83 26.77
C ALA A 32 -5.94 -3.42 25.32
N ASN A 33 -5.47 -4.24 24.40
CA ASN A 33 -5.66 -3.98 22.99
C ASN A 33 -5.17 -2.56 22.67
N VAL A 34 -4.33 -2.05 23.55
CA VAL A 34 -3.78 -0.72 23.39
C VAL A 34 -4.87 0.22 22.88
N LEU A 35 -6.11 -0.13 23.22
CA LEU A 35 -7.25 0.66 22.81
C LEU A 35 -7.42 0.57 21.29
N ARG A 36 -6.39 1.02 20.58
CA ARG A 36 -6.42 0.98 19.13
C ARG A 36 -6.09 -0.43 18.62
N GLU A 37 -5.32 -1.15 19.43
CA GLU A 37 -4.93 -2.50 19.07
C GLU A 37 -4.45 -2.56 17.63
N THR A 38 -3.53 -1.66 17.30
CA THR A 38 -2.98 -1.60 15.96
C THR A 38 -2.29 -2.92 15.61
N TRP A 39 -1.96 -3.68 16.64
CA TRP A 39 -1.31 -4.96 16.45
C TRP A 39 -2.38 -6.05 16.40
N LEU A 40 -3.59 -5.62 16.08
CA LEU A 40 -4.71 -6.54 16.00
C LEU A 40 -5.60 -6.15 14.82
N ILE A 41 -5.95 -4.88 14.77
CA ILE A 41 -6.80 -4.37 13.70
C ILE A 41 -6.02 -4.40 12.39
N TYR A 42 -4.72 -4.16 12.49
CA TYR A 42 -3.86 -4.16 11.33
C TYR A 42 -4.43 -3.27 10.22
N LYS A 43 -4.39 -1.97 10.46
CA LYS A 43 -4.89 -1.01 9.49
C LYS A 43 -6.38 -1.26 9.28
N ASN A 44 -6.67 -2.20 8.38
CA ASN A 44 -8.05 -2.54 8.07
C ASN A 44 -8.82 -1.26 7.74
N THR A 45 -8.82 -0.91 6.46
CA THR A 45 -9.52 0.28 6.00
C THR A 45 -9.14 1.48 6.88
N LYS A 46 -9.73 2.62 6.54
CA LYS A 46 -9.46 3.84 7.28
C LYS A 46 -10.79 4.48 7.68
N LEU A 47 -11.18 4.24 8.92
CA LEU A 47 -12.42 4.79 9.44
C LEU A 47 -12.14 6.13 10.13
N VAL A 48 -11.57 7.04 9.35
CA VAL A 48 -11.25 8.36 9.87
C VAL A 48 -11.93 9.42 9.00
N LYS A 49 -13.23 9.58 9.24
CA LYS A 49 -14.01 10.55 8.49
C LYS A 49 -14.15 11.83 9.33
N LYS A 50 -13.01 12.37 9.70
CA LYS A 50 -12.97 13.59 10.49
C LYS A 50 -13.47 14.76 9.64
N ILE A 51 -14.75 14.71 9.31
CA ILE A 51 -15.36 15.76 8.50
C ILE A 51 -15.25 17.09 9.24
N ASP A 52 -15.74 18.14 8.57
CA ASP A 52 -15.70 19.47 9.15
C ASP A 52 -16.52 20.42 8.27
N HIS A 53 -16.34 20.26 6.97
CA HIS A 53 -17.05 21.10 6.02
C HIS A 53 -17.09 22.54 6.53
N ALA A 54 -15.90 23.13 6.63
CA ALA A 54 -15.79 24.50 7.09
C ALA A 54 -14.31 24.90 7.13
N LYS A 55 -14.08 26.17 7.43
CA LYS A 55 -12.72 26.68 7.51
C LYS A 55 -12.20 26.92 6.09
N VAL A 56 -12.02 28.19 5.76
CA VAL A 56 -11.54 28.57 4.44
C VAL A 56 -12.58 28.20 3.38
N ARG A 57 -13.29 29.21 2.93
CA ARG A 57 -14.32 29.00 1.92
C ARG A 57 -13.70 28.58 0.60
N LYS A 58 -13.29 27.32 0.55
CA LYS A 58 -12.67 26.78 -0.65
C LYS A 58 -13.76 26.33 -1.62
N HIS A 59 -13.32 25.76 -2.73
CA HIS A 59 -14.24 25.27 -3.74
C HIS A 59 -15.00 26.45 -4.36
N GLN A 60 -14.47 27.64 -4.11
CA GLN A 60 -15.07 28.85 -4.64
C GLN A 60 -16.56 28.90 -4.29
N ARG A 61 -16.88 29.68 -3.26
CA ARG A 61 -18.25 29.81 -2.81
C ARG A 61 -18.41 31.09 -1.99
N LYS A 62 -17.98 32.20 -2.59
CA LYS A 62 -18.09 33.49 -1.93
C LYS A 62 -18.35 34.57 -2.97
N PHE A 63 -19.39 34.35 -3.76
CA PHE A 63 -19.76 35.28 -4.81
C PHE A 63 -21.11 34.91 -5.43
N LEU A 64 -21.72 35.90 -6.07
CA LEU A 64 -23.00 35.68 -6.72
C LEU A 64 -22.78 35.21 -8.15
N GLN A 65 -23.87 34.88 -8.81
CA GLN A 65 -23.81 34.42 -10.19
C GLN A 65 -24.25 35.53 -11.15
N ALA A 66 -23.26 36.30 -11.61
CA ALA A 66 -23.54 37.39 -12.52
C ALA A 66 -22.22 38.08 -12.89
N ILE A 67 -21.66 37.66 -14.00
CA ILE A 67 -20.41 38.23 -14.48
C ILE A 67 -20.70 39.45 -15.35
N HIS A 68 -21.97 39.61 -15.69
CA HIS A 68 -22.39 40.72 -16.52
C HIS A 68 -23.09 41.77 -15.65
N GLN A 69 -22.53 41.98 -14.47
CA GLN A 69 -23.09 42.95 -13.54
C GLN A 69 -24.53 42.57 -13.17
N LEU A 70 -25.06 43.25 -12.18
CA LEU A 70 -26.41 43.01 -11.72
C LEU A 70 -27.40 43.48 -12.79
N ARG A 71 -28.02 42.51 -13.45
CA ARG A 71 -28.98 42.82 -14.49
C ARG A 71 -29.83 44.03 -14.08
N SER A 72 -30.29 44.76 -15.09
CA SER A 72 -31.11 45.93 -14.85
C SER A 72 -30.33 46.97 -14.04
N VAL A 73 -30.44 48.21 -14.46
CA VAL A 73 -29.75 49.30 -13.79
C VAL A 73 -30.17 50.64 -14.41
N LYS A 74 -30.31 50.61 -15.73
CA LYS A 74 -30.70 51.81 -16.46
C LYS A 74 -31.59 51.41 -17.64
N MET A 75 -32.87 51.19 -17.34
CA MET A 75 -33.82 50.81 -18.36
C MET A 75 -34.23 52.01 -19.21
N GLU A 76 -35.12 52.82 -18.65
CA GLU A 76 -35.59 54.00 -19.36
C GLU A 76 -35.53 55.22 -18.44
N GLN A 77 -34.87 55.03 -17.30
CA GLN A 77 -34.74 56.11 -16.32
C GLN A 77 -34.24 57.38 -17.01
N ARG A 78 -34.72 58.51 -16.52
CA ARG A 78 -34.34 59.80 -17.07
C ARG A 78 -34.74 59.89 -18.55
N LYS A 79 -35.41 60.98 -18.87
CA LYS A 79 -35.85 61.21 -20.23
C LYS A 79 -35.27 62.52 -20.76
N LEU A 80 -34.64 62.44 -21.92
CA LEU A 80 -34.03 63.61 -22.52
C LEU A 80 -34.92 64.83 -22.27
N ASN A 81 -34.30 65.99 -22.30
CA ASN A 81 -35.02 67.23 -22.08
C ASN A 81 -34.09 68.42 -22.37
N ASP A 82 -32.85 68.26 -21.95
CA ASP A 82 -31.86 69.31 -22.16
C ASP A 82 -32.49 70.67 -21.88
N GLN A 83 -32.43 71.07 -20.61
CA GLN A 83 -32.98 72.34 -20.20
C GLN A 83 -34.48 72.41 -20.55
N ALA A 84 -35.16 73.31 -19.87
CA ALA A 84 -36.59 73.49 -20.11
C ALA A 84 -36.84 74.82 -20.82
N ASN A 85 -35.86 75.70 -20.70
CA ASN A 85 -35.95 77.01 -21.33
C ASN A 85 -34.55 77.65 -21.38
N THR A 86 -34.15 78.00 -22.59
CA THR A 86 -32.85 78.61 -22.79
C THR A 86 -32.94 80.13 -22.59
N LEU A 87 -34.04 80.69 -23.06
CA LEU A 87 -34.26 82.12 -22.94
C LEU A 87 -35.63 82.37 -22.33
N VAL A 88 -36.61 82.60 -23.19
CA VAL A 88 -37.97 82.85 -22.75
C VAL A 88 -38.94 82.57 -23.90
N ASP A 89 -39.21 81.29 -24.10
CA ASP A 89 -40.12 80.86 -25.16
C ASP A 89 -39.57 81.33 -26.51
N LEU A 90 -38.75 80.48 -27.10
CA LEU A 90 -38.16 80.79 -28.39
C LEU A 90 -39.08 80.30 -29.51
N ALA A 91 -40.32 80.00 -29.12
CA ALA A 91 -41.30 79.52 -30.08
C ALA A 91 -40.73 78.31 -30.81
N LYS A 92 -40.42 77.28 -30.03
CA LYS A 92 -39.88 76.05 -30.59
C LYS A 92 -38.77 76.41 -31.60
N THR A 93 -38.60 75.51 -32.56
CA THR A 93 -37.59 75.71 -33.59
C THR A 93 -36.33 76.34 -32.99
N GLN A 94 -35.49 75.48 -32.42
CA GLN A 94 -34.26 75.93 -31.81
C GLN A 94 -33.06 75.42 -32.61
N ARG A 3 33.59 -24.42 61.72
CA ARG A 3 32.24 -24.63 61.23
C ARG A 3 31.53 -23.29 61.03
N LYS A 4 30.80 -23.19 59.93
CA LYS A 4 30.07 -21.97 59.63
C LYS A 4 28.62 -22.12 60.11
N LEU A 5 27.94 -20.99 60.15
CA LEU A 5 26.55 -20.98 60.58
C LEU A 5 25.84 -19.76 59.99
N GLU A 6 25.42 -19.90 58.75
CA GLU A 6 24.72 -18.83 58.05
C GLU A 6 23.41 -19.33 57.46
N LEU A 7 22.39 -18.50 57.57
CA LEU A 7 21.08 -18.85 57.05
C LEU A 7 20.21 -17.59 56.99
N THR A 8 19.49 -17.48 55.88
CA THR A 8 18.62 -16.33 55.67
C THR A 8 17.15 -16.75 55.81
N LYS A 9 16.52 -16.24 56.86
CA LYS A 9 15.13 -16.55 57.12
C LYS A 9 14.27 -16.01 55.98
N ALA A 10 13.10 -16.61 55.83
CA ALA A 10 12.18 -16.20 54.78
C ALA A 10 11.29 -15.06 55.30
N GLU A 11 11.78 -13.85 55.09
CA GLU A 11 11.05 -12.66 55.53
C GLU A 11 9.75 -12.52 54.73
N LYS A 12 8.71 -13.16 55.24
CA LYS A 12 7.41 -13.11 54.57
C LYS A 12 7.61 -12.98 53.07
N HIS A 13 8.31 -13.95 52.50
CA HIS A 13 8.58 -13.97 51.09
C HIS A 13 7.60 -14.90 50.38
N VAL A 14 7.47 -14.70 49.07
CA VAL A 14 6.58 -15.53 48.28
C VAL A 14 7.35 -16.13 47.11
N HIS A 15 8.65 -15.91 47.13
CA HIS A 15 9.52 -16.43 46.09
C HIS A 15 8.94 -16.07 44.71
N ASN A 16 8.54 -14.81 44.59
CA ASN A 16 7.96 -14.33 43.35
C ASN A 16 6.92 -15.33 42.86
N PHE A 17 5.68 -15.10 43.28
CA PHE A 17 4.58 -15.97 42.89
C PHE A 17 3.64 -15.26 41.91
N MET A 18 2.72 -16.04 41.36
CA MET A 18 1.76 -15.49 40.42
C MET A 18 0.65 -14.72 41.14
N MET A 19 1.07 -13.77 41.96
CA MET A 19 0.13 -12.96 42.72
C MET A 19 -0.26 -11.71 41.93
N ASP A 20 0.71 -11.18 41.19
CA ASP A 20 0.49 -9.98 40.40
C ASP A 20 -0.03 -10.39 39.01
N THR A 21 -1.24 -10.94 39.00
CA THR A 21 -1.86 -11.38 37.77
C THR A 21 -3.28 -10.82 37.66
N GLN A 22 -4.03 -10.99 38.73
CA GLN A 22 -5.40 -10.52 38.77
C GLN A 22 -5.59 -9.50 39.90
N LEU A 23 -4.78 -8.45 39.84
CA LEU A 23 -4.84 -7.40 40.85
C LEU A 23 -4.04 -6.19 40.37
N THR A 24 -4.77 -5.13 40.05
CA THR A 24 -4.14 -3.91 39.57
C THR A 24 -2.95 -4.24 38.68
N LYS A 25 -3.22 -4.34 37.38
CA LYS A 25 -2.19 -4.64 36.41
C LYS A 25 -1.32 -3.41 36.19
N ARG A 26 -1.13 -3.08 34.92
CA ARG A 26 -0.33 -1.92 34.56
C ARG A 26 -0.68 -1.44 33.15
N VAL A 27 -0.03 -0.37 32.74
CA VAL A 27 -0.27 0.20 31.43
C VAL A 27 -1.76 0.13 31.12
N LYS A 28 -2.51 1.00 31.78
CA LYS A 28 -3.96 1.04 31.58
C LYS A 28 -4.59 -0.24 32.13
N ASN A 29 -4.37 -1.33 31.42
CA ASN A 29 -4.91 -2.61 31.82
C ASN A 29 -4.17 -3.73 31.08
N ALA A 30 -2.85 -3.72 31.22
CA ALA A 30 -2.03 -4.72 30.57
C ALA A 30 -1.82 -4.33 29.10
N ALA A 31 -2.47 -3.24 28.72
CA ALA A 31 -2.37 -2.76 27.35
C ALA A 31 -3.40 -3.48 26.49
N ALA A 32 -4.54 -3.76 27.09
CA ALA A 32 -5.62 -4.44 26.39
C ALA A 32 -5.83 -3.78 25.03
N ASN A 33 -5.31 -4.43 23.99
CA ASN A 33 -5.44 -3.91 22.65
C ASN A 33 -4.94 -2.47 22.60
N VAL A 34 -4.13 -2.13 23.59
CA VAL A 34 -3.56 -0.79 23.68
C VAL A 34 -4.66 0.24 23.42
N LEU A 35 -5.90 -0.19 23.65
CA LEU A 35 -7.04 0.68 23.44
C LEU A 35 -7.22 0.91 21.93
N ARG A 36 -6.19 1.47 21.32
CA ARG A 36 -6.23 1.76 19.90
C ARG A 36 -6.39 0.46 19.11
N GLU A 37 -5.63 -0.55 19.51
CA GLU A 37 -5.68 -1.85 18.85
C GLU A 37 -5.23 -1.71 17.40
N THR A 38 -3.96 -1.36 17.23
CA THR A 38 -3.39 -1.20 15.91
C THR A 38 -2.75 -2.51 15.44
N TRP A 39 -2.39 -3.33 16.41
CA TRP A 39 -1.77 -4.61 16.11
C TRP A 39 -2.86 -5.68 16.04
N LEU A 40 -4.08 -5.24 16.35
CA LEU A 40 -5.22 -6.14 16.32
C LEU A 40 -5.91 -6.04 14.96
N ILE A 41 -5.74 -4.90 14.33
CA ILE A 41 -6.34 -4.66 13.02
C ILE A 41 -5.41 -5.23 11.94
N TYR A 42 -4.13 -5.28 12.27
CA TYR A 42 -3.14 -5.80 11.34
C TYR A 42 -3.31 -5.16 9.96
N LYS A 43 -2.53 -5.67 9.01
CA LYS A 43 -2.59 -5.18 7.65
C LYS A 43 -2.59 -6.36 6.68
N ASN A 44 -2.43 -6.03 5.40
CA ASN A 44 -2.41 -7.05 4.36
C ASN A 44 -1.44 -6.63 3.25
N THR A 45 -0.21 -7.10 3.39
CA THR A 45 0.81 -6.77 2.41
C THR A 45 0.65 -5.33 1.92
N LYS A 46 1.15 -5.08 0.71
CA LYS A 46 1.07 -3.76 0.13
C LYS A 46 -0.25 -3.61 -0.62
N LEU A 47 -1.19 -2.96 0.05
CA LEU A 47 -2.51 -2.74 -0.54
C LEU A 47 -2.61 -1.29 -1.02
N VAL A 48 -1.73 -0.95 -1.94
CA VAL A 48 -1.71 0.39 -2.51
C VAL A 48 -1.72 0.31 -4.04
N LYS A 49 -0.57 -0.05 -4.58
CA LYS A 49 -0.43 -0.17 -6.03
C LYS A 49 -0.34 1.22 -6.64
N LYS A 50 0.76 1.90 -6.35
CA LYS A 50 0.97 3.24 -6.87
C LYS A 50 0.82 3.22 -8.39
N ILE A 51 -0.18 3.97 -8.86
CA ILE A 51 -0.44 4.05 -10.29
C ILE A 51 0.84 4.46 -11.02
N ASP A 52 0.74 4.50 -12.33
CA ASP A 52 1.88 4.88 -13.16
C ASP A 52 1.39 5.74 -14.33
N HIS A 53 0.34 5.24 -14.98
CA HIS A 53 -0.23 5.96 -16.11
C HIS A 53 -1.48 5.22 -16.60
N ALA A 54 -1.37 3.90 -16.64
CA ALA A 54 -2.48 3.07 -17.09
C ALA A 54 -2.93 3.53 -18.48
N LYS A 55 -3.81 2.74 -19.07
CA LYS A 55 -4.32 3.04 -20.40
C LYS A 55 -3.16 3.07 -21.38
N VAL A 56 -3.05 1.99 -22.15
CA VAL A 56 -2.00 1.89 -23.14
C VAL A 56 -2.62 1.66 -24.53
N ARG A 57 -2.22 0.55 -25.14
CA ARG A 57 -2.73 0.21 -26.46
C ARG A 57 -2.89 -1.30 -26.59
N LYS A 58 -3.83 -1.84 -25.83
CA LYS A 58 -4.09 -3.27 -25.84
C LYS A 58 -5.60 -3.52 -25.86
N HIS A 59 -6.23 -3.07 -26.94
CA HIS A 59 -7.66 -3.22 -27.08
C HIS A 59 -7.95 -4.35 -28.08
N GLN A 60 -7.54 -5.55 -27.70
CA GLN A 60 -7.75 -6.71 -28.54
C GLN A 60 -7.20 -6.45 -29.95
N ARG A 61 -7.23 -7.50 -30.77
CA ARG A 61 -6.73 -7.40 -32.14
C ARG A 61 -5.34 -6.78 -32.15
N LYS A 62 -4.35 -7.64 -31.94
CA LYS A 62 -2.97 -7.20 -31.92
C LYS A 62 -2.09 -8.25 -32.61
N PHE A 63 -2.75 -9.11 -33.36
CA PHE A 63 -2.05 -10.16 -34.08
C PHE A 63 -2.84 -10.61 -35.31
N LEU A 64 -2.94 -9.70 -36.27
CA LEU A 64 -3.67 -9.99 -37.50
C LEU A 64 -2.91 -9.39 -38.68
N GLN A 65 -3.15 -9.96 -39.85
CA GLN A 65 -2.51 -9.49 -41.06
C GLN A 65 -3.52 -9.36 -42.20
N ALA A 66 -3.43 -8.25 -42.91
CA ALA A 66 -4.33 -7.99 -44.01
C ALA A 66 -3.76 -8.61 -45.29
N ILE A 67 -2.78 -9.48 -45.09
CA ILE A 67 -2.14 -10.15 -46.22
C ILE A 67 -2.66 -11.58 -46.31
N HIS A 68 -1.78 -12.52 -45.99
CA HIS A 68 -2.13 -13.93 -46.02
C HIS A 68 -2.48 -14.33 -47.46
N GLN A 69 -1.50 -14.21 -48.34
CA GLN A 69 -1.70 -14.56 -49.73
C GLN A 69 -0.46 -15.27 -50.29
N LEU A 70 -0.05 -16.31 -49.59
CA LEU A 70 1.12 -17.07 -49.99
C LEU A 70 0.69 -18.15 -50.99
N ARG A 71 1.67 -18.93 -51.43
CA ARG A 71 1.41 -20.00 -52.38
C ARG A 71 0.78 -19.43 -53.66
N SER A 72 0.86 -20.22 -54.72
CA SER A 72 0.30 -19.82 -56.00
C SER A 72 0.14 -21.03 -56.91
N VAL A 73 -1.01 -21.68 -56.79
CA VAL A 73 -1.28 -22.85 -57.60
C VAL A 73 -0.76 -22.63 -59.02
N LYS A 74 -1.54 -21.89 -59.80
CA LYS A 74 -1.17 -21.59 -61.17
C LYS A 74 -0.53 -22.83 -61.80
N MET A 75 0.50 -22.59 -62.59
CA MET A 75 1.21 -23.67 -63.25
C MET A 75 0.24 -24.74 -63.73
N GLU A 76 -0.33 -24.50 -64.91
CA GLU A 76 -1.29 -25.44 -65.49
C GLU A 76 -0.59 -26.34 -66.50
N GLN A 77 -0.41 -27.59 -66.10
CA GLN A 77 0.23 -28.57 -66.96
C GLN A 77 -0.81 -29.40 -67.69
N ARG A 78 -0.33 -30.19 -68.65
CA ARG A 78 -1.20 -31.05 -69.43
C ARG A 78 -2.28 -30.21 -70.13
N LYS A 79 -3.05 -30.89 -70.96
CA LYS A 79 -4.11 -30.22 -71.70
C LYS A 79 -3.50 -29.19 -72.64
N LEU A 80 -4.37 -28.55 -73.42
CA LEU A 80 -3.92 -27.54 -74.37
C LEU A 80 -2.78 -26.74 -73.76
N ASN A 81 -1.96 -26.16 -74.63
CA ASN A 81 -0.83 -25.36 -74.19
C ASN A 81 -0.21 -24.67 -75.39
N ASP A 82 -0.13 -25.41 -76.49
CA ASP A 82 0.45 -24.88 -77.71
C ASP A 82 1.90 -24.47 -77.45
N GLN A 83 2.81 -25.34 -77.82
CA GLN A 83 4.23 -25.07 -77.64
C GLN A 83 4.83 -24.43 -78.89
N ALA A 84 4.69 -25.14 -80.00
CA ALA A 84 5.21 -24.65 -81.26
C ALA A 84 4.52 -25.39 -82.41
N ASN A 85 3.22 -25.14 -82.56
CA ASN A 85 2.45 -25.77 -83.60
C ASN A 85 2.38 -24.84 -84.82
N THR A 86 3.21 -25.15 -85.80
CA THR A 86 3.26 -24.35 -87.01
C THR A 86 3.08 -22.87 -86.69
N LEU A 87 4.16 -22.27 -86.21
CA LEU A 87 4.13 -20.86 -85.85
C LEU A 87 4.01 -20.03 -87.12
N VAL A 88 4.17 -20.70 -88.26
CA VAL A 88 4.07 -20.02 -89.55
C VAL A 88 3.36 -20.94 -90.54
N ASP A 89 4.16 -21.62 -91.34
CA ASP A 89 3.62 -22.54 -92.33
C ASP A 89 4.69 -23.55 -92.74
N LEU A 90 4.28 -24.54 -93.51
CA LEU A 90 5.19 -25.57 -93.97
C LEU A 90 6.17 -25.90 -92.85
N ALA A 91 5.69 -25.77 -91.62
CA ALA A 91 6.52 -26.05 -90.46
C ALA A 91 7.85 -25.29 -90.58
N LYS A 92 7.79 -24.01 -90.23
CA LYS A 92 8.96 -23.16 -90.29
C LYS A 92 9.38 -22.98 -91.76
N THR A 93 9.56 -21.72 -92.13
CA THR A 93 9.95 -21.39 -93.49
C THR A 93 11.44 -21.08 -93.56
N GLN A 94 12.24 -22.05 -93.14
CA GLN A 94 13.68 -21.89 -93.14
C GLN A 94 14.35 -23.12 -93.76
N ARG A 3 -23.98 -5.52 71.69
CA ARG A 3 -23.54 -5.29 70.32
C ARG A 3 -22.07 -5.70 70.16
N LYS A 4 -21.86 -6.77 69.41
CA LYS A 4 -20.52 -7.28 69.18
C LYS A 4 -20.55 -8.29 68.03
N LEU A 5 -21.22 -9.41 68.29
CA LEU A 5 -21.33 -10.46 67.29
C LEU A 5 -22.65 -10.30 66.53
N GLU A 6 -22.81 -9.14 65.92
CA GLU A 6 -24.01 -8.85 65.17
C GLU A 6 -23.95 -7.43 64.59
N LEU A 7 -23.18 -7.30 63.51
CA LEU A 7 -23.03 -6.01 62.86
C LEU A 7 -22.33 -6.21 61.52
N THR A 8 -23.04 -6.86 60.61
CA THR A 8 -22.49 -7.11 59.28
C THR A 8 -21.01 -7.50 59.38
N LYS A 9 -20.77 -8.67 59.95
CA LYS A 9 -19.41 -9.15 60.10
C LYS A 9 -18.78 -9.35 58.72
N ALA A 10 -17.63 -8.73 58.54
CA ALA A 10 -16.92 -8.83 57.27
C ALA A 10 -15.88 -9.95 57.36
N GLU A 11 -15.94 -10.86 56.41
CA GLU A 11 -15.01 -11.99 56.38
C GLU A 11 -14.59 -12.28 54.94
N LYS A 12 -14.90 -11.34 54.06
CA LYS A 12 -14.55 -11.47 52.65
C LYS A 12 -13.52 -10.42 52.27
N HIS A 13 -13.68 -9.24 52.86
CA HIS A 13 -12.77 -8.14 52.59
C HIS A 13 -13.07 -7.56 51.21
N VAL A 14 -12.21 -6.64 50.79
CA VAL A 14 -12.36 -6.00 49.49
C VAL A 14 -11.77 -6.90 48.41
N HIS A 15 -12.56 -7.88 47.99
CA HIS A 15 -12.13 -8.81 46.97
C HIS A 15 -12.76 -8.42 45.63
N ASN A 16 -14.08 -8.51 45.58
CA ASN A 16 -14.81 -8.18 44.38
C ASN A 16 -16.31 -8.16 44.69
N PHE A 17 -16.78 -7.01 45.14
CA PHE A 17 -18.18 -6.84 45.47
C PHE A 17 -18.99 -6.46 44.24
N MET A 18 -18.68 -5.29 43.70
CA MET A 18 -19.38 -4.80 42.52
C MET A 18 -18.43 -4.70 41.33
N MET A 19 -17.73 -5.80 41.06
CA MET A 19 -16.80 -5.85 39.96
C MET A 19 -16.07 -7.19 39.92
N ASP A 20 -16.19 -7.85 38.78
CA ASP A 20 -15.54 -9.14 38.60
C ASP A 20 -15.91 -9.70 37.23
N THR A 21 -15.17 -9.27 36.22
CA THR A 21 -15.40 -9.72 34.86
C THR A 21 -14.19 -10.47 34.32
N GLN A 22 -13.01 -9.99 34.71
CA GLN A 22 -11.77 -10.61 34.28
C GLN A 22 -10.57 -9.93 34.95
N LEU A 23 -10.49 -10.13 36.26
CA LEU A 23 -9.41 -9.55 37.04
C LEU A 23 -8.11 -10.32 36.75
N THR A 24 -7.67 -10.21 35.50
CA THR A 24 -6.46 -10.88 35.08
C THR A 24 -5.65 -9.98 34.15
N LYS A 25 -4.47 -9.59 34.62
CA LYS A 25 -3.59 -8.74 33.84
C LYS A 25 -2.13 -9.14 34.10
N ARG A 26 -1.27 -8.75 33.16
CA ARG A 26 0.14 -9.06 33.27
C ARG A 26 0.98 -7.80 33.08
N VAL A 27 2.18 -7.84 33.64
CA VAL A 27 3.09 -6.71 33.55
C VAL A 27 2.28 -5.41 33.67
N LYS A 28 1.20 -5.48 34.42
CA LYS A 28 0.35 -4.32 34.63
C LYS A 28 -0.41 -4.03 33.34
N ASN A 29 -1.20 -5.00 32.91
CA ASN A 29 -1.98 -4.85 31.69
C ASN A 29 -1.12 -5.25 30.49
N ALA A 30 0.08 -4.70 30.46
CA ALA A 30 1.01 -4.98 29.38
C ALA A 30 0.53 -4.28 28.11
N ALA A 31 -0.69 -4.61 27.71
CA ALA A 31 -1.28 -4.02 26.52
C ALA A 31 -2.72 -4.52 26.36
N ALA A 32 -3.59 -3.98 27.20
CA ALA A 32 -5.00 -4.36 27.16
C ALA A 32 -5.45 -4.52 25.71
N ASN A 33 -5.24 -3.45 24.94
CA ASN A 33 -5.61 -3.45 23.54
C ASN A 33 -5.08 -2.18 22.87
N VAL A 34 -3.91 -1.75 23.34
CA VAL A 34 -3.28 -0.57 22.81
C VAL A 34 -4.35 0.51 22.58
N LEU A 35 -5.40 0.44 23.38
CA LEU A 35 -6.49 1.39 23.27
C LEU A 35 -6.68 1.78 21.80
N ARG A 36 -7.07 0.81 21.01
CA ARG A 36 -7.29 1.03 19.59
C ARG A 36 -7.17 -0.28 18.82
N GLU A 37 -6.44 -1.21 19.40
CA GLU A 37 -6.24 -2.51 18.79
C GLU A 37 -5.52 -2.35 17.44
N THR A 38 -4.25 -1.97 17.52
CA THR A 38 -3.45 -1.77 16.33
C THR A 38 -2.87 -3.11 15.86
N TRP A 39 -2.75 -4.04 16.80
CA TRP A 39 -2.22 -5.35 16.49
C TRP A 39 -3.39 -6.25 16.04
N LEU A 40 -4.59 -5.70 16.17
CA LEU A 40 -5.79 -6.43 15.77
C LEU A 40 -6.14 -6.07 14.33
N ILE A 41 -5.70 -4.89 13.92
CA ILE A 41 -5.97 -4.43 12.58
C ILE A 41 -4.73 -4.64 11.71
N TYR A 42 -3.59 -4.24 12.25
CA TYR A 42 -2.33 -4.39 11.54
C TYR A 42 -2.38 -3.70 10.18
N LYS A 43 -1.27 -3.75 9.47
CA LYS A 43 -1.17 -3.14 8.16
C LYS A 43 -1.61 -1.67 8.26
N ASN A 44 -0.64 -0.82 8.59
CA ASN A 44 -0.92 0.60 8.72
C ASN A 44 0.28 1.39 8.18
N THR A 45 0.20 1.77 6.92
CA THR A 45 1.26 2.52 6.29
C THR A 45 1.84 3.55 7.25
N LYS A 46 0.93 4.27 7.90
CA LYS A 46 1.32 5.30 8.85
C LYS A 46 2.35 4.71 9.82
N LEU A 47 2.87 5.58 10.68
CA LEU A 47 3.86 5.16 11.67
C LEU A 47 4.84 4.20 11.00
N VAL A 48 5.67 4.76 10.13
CA VAL A 48 6.66 3.97 9.43
C VAL A 48 7.96 4.76 9.33
N LYS A 49 8.96 4.31 10.08
CA LYS A 49 10.25 4.97 10.09
C LYS A 49 10.06 6.47 10.35
N LYS A 50 9.79 6.78 11.61
CA LYS A 50 9.59 8.17 12.01
C LYS A 50 10.82 8.99 11.64
N ILE A 51 10.60 10.30 11.50
CA ILE A 51 11.68 11.19 11.14
C ILE A 51 12.90 10.90 12.03
N ASP A 52 14.04 11.42 11.59
CA ASP A 52 15.27 11.22 12.33
C ASP A 52 16.23 12.39 12.05
N HIS A 53 16.34 12.72 10.77
CA HIS A 53 17.20 13.81 10.36
C HIS A 53 16.69 14.42 9.06
N ALA A 54 16.74 13.62 8.00
CA ALA A 54 16.27 14.06 6.70
C ALA A 54 16.30 12.88 5.72
N LYS A 55 15.28 12.82 4.87
CA LYS A 55 15.18 11.75 3.90
C LYS A 55 16.36 11.84 2.93
N VAL A 56 16.27 12.80 2.01
CA VAL A 56 17.32 12.99 1.04
C VAL A 56 17.46 14.48 0.73
N ARG A 57 16.93 15.29 1.64
CA ARG A 57 17.00 16.73 1.50
C ARG A 57 16.30 17.16 0.21
N LYS A 58 14.99 17.34 0.30
CA LYS A 58 14.20 17.74 -0.84
C LYS A 58 14.43 19.23 -1.12
N HIS A 59 15.41 19.50 -1.97
CA HIS A 59 15.75 20.87 -2.32
C HIS A 59 15.65 21.04 -3.84
N GLN A 60 16.75 21.50 -4.42
CA GLN A 60 16.80 21.72 -5.86
C GLN A 60 18.22 22.06 -6.29
N ARG A 61 19.18 21.36 -5.68
CA ARG A 61 20.58 21.58 -5.99
C ARG A 61 20.87 23.07 -6.13
N LYS A 62 21.16 23.69 -5.00
CA LYS A 62 21.46 25.11 -4.97
C LYS A 62 20.39 25.87 -5.77
N PHE A 63 19.35 26.27 -5.07
CA PHE A 63 18.25 27.01 -5.70
C PHE A 63 18.79 28.06 -6.66
N LEU A 64 18.37 27.93 -7.91
CA LEU A 64 18.80 28.86 -8.94
C LEU A 64 17.67 29.87 -9.21
N GLN A 65 17.99 30.85 -10.04
CA GLN A 65 17.03 31.89 -10.37
C GLN A 65 16.34 31.55 -11.70
N ALA A 66 15.52 30.52 -11.66
CA ALA A 66 14.79 30.09 -12.84
C ALA A 66 13.48 30.86 -12.94
N ILE A 67 13.57 32.15 -12.66
CA ILE A 67 12.39 33.02 -12.71
C ILE A 67 12.73 34.28 -13.51
N HIS A 68 13.79 34.94 -13.09
CA HIS A 68 14.23 36.16 -13.75
C HIS A 68 14.77 35.82 -15.14
N GLN A 69 13.85 35.73 -16.09
CA GLN A 69 14.22 35.42 -17.47
C GLN A 69 14.33 36.69 -18.29
N LEU A 70 15.13 36.62 -19.34
CA LEU A 70 15.34 37.76 -20.21
C LEU A 70 14.08 37.98 -21.06
N ARG A 71 14.08 39.09 -21.79
CA ARG A 71 12.95 39.42 -22.63
C ARG A 71 13.44 39.96 -23.98
N SER A 72 12.53 39.95 -24.95
CA SER A 72 12.86 40.41 -26.29
C SER A 72 13.92 39.50 -26.92
N VAL A 73 13.80 39.32 -28.22
CA VAL A 73 14.74 38.49 -28.95
C VAL A 73 15.86 39.36 -29.51
N LYS A 74 16.57 40.00 -28.60
CA LYS A 74 17.68 40.85 -28.99
C LYS A 74 17.14 42.00 -29.85
N MET A 75 17.21 43.20 -29.29
CA MET A 75 16.74 44.38 -29.99
C MET A 75 17.31 45.65 -29.36
N GLU A 76 18.63 45.69 -29.27
CA GLU A 76 19.32 46.84 -28.70
C GLU A 76 20.70 47.01 -29.34
N GLN A 77 21.33 48.12 -29.03
CA GLN A 77 22.65 48.42 -29.56
C GLN A 77 23.57 47.19 -29.42
N ARG A 78 24.75 47.30 -30.00
CA ARG A 78 25.70 46.22 -29.95
C ARG A 78 25.13 44.96 -30.60
N LYS A 79 25.99 43.97 -30.78
CA LYS A 79 25.58 42.72 -31.39
C LYS A 79 25.22 42.95 -32.85
N LEU A 80 24.91 41.86 -33.54
CA LEU A 80 24.56 41.94 -34.94
C LEU A 80 23.08 41.57 -35.10
N ASN A 81 22.54 41.93 -36.26
CA ASN A 81 21.15 41.65 -36.55
C ASN A 81 20.85 42.00 -38.02
N ASP A 82 21.44 43.10 -38.45
CA ASP A 82 21.25 43.55 -39.83
C ASP A 82 22.13 42.71 -40.76
N GLN A 83 21.89 42.88 -42.06
CA GLN A 83 22.65 42.15 -43.05
C GLN A 83 23.01 43.05 -44.23
N ALA A 84 24.31 43.20 -44.43
CA ALA A 84 24.81 44.03 -45.52
C ALA A 84 25.52 43.17 -46.55
N ASN A 85 26.15 43.83 -47.50
CA ASN A 85 26.87 43.13 -48.55
C ASN A 85 25.90 42.25 -49.33
N THR A 86 26.21 42.05 -50.61
CA THR A 86 25.37 41.23 -51.48
C THR A 86 24.90 39.99 -50.73
N LEU A 87 25.83 39.40 -49.98
CA LEU A 87 25.52 38.20 -49.22
C LEU A 87 26.78 37.72 -48.50
N VAL A 88 27.92 37.88 -49.17
CA VAL A 88 29.19 37.47 -48.61
C VAL A 88 29.05 36.08 -48.00
N ASP A 89 28.16 35.30 -48.59
CA ASP A 89 27.92 33.95 -48.12
C ASP A 89 29.20 33.13 -48.26
N LEU A 90 29.30 32.44 -49.40
CA LEU A 90 30.47 31.62 -49.67
C LEU A 90 30.90 30.92 -48.38
N ALA A 91 29.93 30.68 -47.52
CA ALA A 91 30.20 30.01 -46.25
C ALA A 91 31.35 30.73 -45.55
N LYS A 92 30.98 31.73 -44.75
CA LYS A 92 31.97 32.50 -44.01
C LYS A 92 32.51 31.66 -42.85
N THR A 93 33.08 30.52 -43.20
CA THR A 93 33.63 29.62 -42.21
C THR A 93 32.64 29.44 -41.05
N GLN A 94 31.37 29.64 -41.37
CA GLN A 94 30.33 29.51 -40.37
C GLN A 94 30.75 30.18 -39.05
N ARG A 3 6.82 8.49 88.26
CA ARG A 3 6.24 8.63 86.93
C ARG A 3 6.01 7.27 86.30
N LYS A 4 5.25 7.27 85.21
CA LYS A 4 4.96 6.03 84.51
C LYS A 4 4.66 6.34 83.04
N LEU A 5 5.16 5.49 82.18
CA LEU A 5 4.96 5.66 80.75
C LEU A 5 4.94 4.29 80.06
N GLU A 6 3.87 4.04 79.32
CA GLU A 6 3.71 2.79 78.62
C GLU A 6 3.53 3.03 77.12
N LEU A 7 2.51 3.81 76.81
CA LEU A 7 2.22 4.12 75.41
C LEU A 7 3.54 4.39 74.67
N THR A 8 3.90 3.42 73.85
CA THR A 8 5.13 3.53 73.07
C THR A 8 4.97 4.58 71.96
N LYS A 9 5.88 5.54 71.97
CA LYS A 9 5.86 6.61 70.98
C LYS A 9 6.07 6.01 69.59
N ALA A 10 5.09 6.22 68.73
CA ALA A 10 5.16 5.71 67.37
C ALA A 10 5.61 4.24 67.40
N GLU A 11 6.90 4.05 67.22
CA GLU A 11 7.46 2.71 67.24
C GLU A 11 7.14 1.99 65.92
N LYS A 12 6.63 2.75 64.97
CA LYS A 12 6.26 2.21 63.67
C LYS A 12 7.02 2.97 62.58
N HIS A 13 7.03 4.28 62.72
CA HIS A 13 7.71 5.12 61.75
C HIS A 13 6.94 5.12 60.43
N VAL A 14 7.39 5.96 59.51
CA VAL A 14 6.76 6.05 58.21
C VAL A 14 5.26 5.77 58.36
N HIS A 15 4.52 6.83 58.65
CA HIS A 15 3.08 6.72 58.82
C HIS A 15 2.43 6.38 57.47
N ASN A 16 2.58 7.32 56.53
CA ASN A 16 2.01 7.15 55.21
C ASN A 16 2.80 6.07 54.46
N PHE A 17 2.31 4.85 54.55
CA PHE A 17 2.96 3.73 53.89
C PHE A 17 2.28 3.40 52.56
N MET A 18 2.96 3.72 51.48
CA MET A 18 2.43 3.47 50.15
C MET A 18 0.95 3.81 50.08
N MET A 19 0.67 5.09 49.89
CA MET A 19 -0.71 5.55 49.80
C MET A 19 -1.50 4.74 48.77
N ASP A 20 -0.84 4.49 47.64
CA ASP A 20 -1.47 3.74 46.57
C ASP A 20 -2.93 4.17 46.43
N THR A 21 -3.13 5.18 45.60
CA THR A 21 -4.47 5.69 45.37
C THR A 21 -4.47 6.69 44.21
N GLN A 22 -3.44 7.54 44.20
CA GLN A 22 -3.30 8.54 43.18
C GLN A 22 -3.22 7.88 41.79
N LEU A 23 -2.20 7.04 41.64
CA LEU A 23 -2.01 6.33 40.38
C LEU A 23 -1.78 4.84 40.67
N THR A 24 -2.86 4.15 40.95
CA THR A 24 -2.79 2.72 41.24
C THR A 24 -2.23 1.97 40.04
N LYS A 25 -2.94 2.07 38.92
CA LYS A 25 -2.52 1.41 37.70
C LYS A 25 -2.39 -0.10 37.98
N ARG A 26 -2.40 -0.86 36.89
CA ARG A 26 -2.28 -2.30 36.99
C ARG A 26 -1.60 -2.87 35.75
N VAL A 27 -0.77 -3.88 35.98
CA VAL A 27 -0.04 -4.52 34.89
C VAL A 27 0.42 -3.45 33.89
N LYS A 28 0.77 -2.29 34.44
CA LYS A 28 1.23 -1.18 33.61
C LYS A 28 0.31 -1.05 32.39
N ASN A 29 -0.98 -1.17 32.65
CA ASN A 29 -1.96 -1.07 31.57
C ASN A 29 -2.10 -2.42 30.88
N ALA A 30 -0.96 -3.00 30.56
CA ALA A 30 -0.94 -4.30 29.90
C ALA A 30 -1.08 -4.09 28.38
N ALA A 31 -1.38 -2.86 28.01
CA ALA A 31 -1.55 -2.53 26.61
C ALA A 31 -2.77 -3.27 26.05
N ALA A 32 -3.77 -3.44 26.91
CA ALA A 32 -4.98 -4.12 26.51
C ALA A 32 -5.44 -3.59 25.15
N ASN A 33 -5.16 -4.39 24.12
CA ASN A 33 -5.53 -4.01 22.77
C ASN A 33 -5.06 -2.58 22.49
N VAL A 34 -4.04 -2.18 23.23
CA VAL A 34 -3.48 -0.85 23.07
C VAL A 34 -4.61 0.16 22.90
N LEU A 35 -5.78 -0.23 23.39
CA LEU A 35 -6.95 0.63 23.31
C LEU A 35 -7.35 0.80 21.84
N ARG A 36 -6.44 1.36 21.06
CA ARG A 36 -6.68 1.58 19.65
C ARG A 36 -6.62 0.25 18.89
N GLU A 37 -6.05 -0.75 19.55
CA GLU A 37 -5.92 -2.06 18.96
C GLU A 37 -5.24 -1.96 17.60
N THR A 38 -3.97 -1.56 17.64
CA THR A 38 -3.19 -1.42 16.42
C THR A 38 -2.68 -2.78 15.95
N TRP A 39 -2.62 -3.71 16.89
CA TRP A 39 -2.16 -5.05 16.60
C TRP A 39 -3.37 -5.92 16.27
N LEU A 40 -4.55 -5.31 16.42
CA LEU A 40 -5.79 -6.01 16.14
C LEU A 40 -6.22 -5.72 14.70
N ILE A 41 -5.74 -4.59 14.19
CA ILE A 41 -6.07 -4.20 12.84
C ILE A 41 -5.06 -4.84 11.87
N TYR A 42 -3.81 -4.84 12.29
CA TYR A 42 -2.75 -5.41 11.48
C TYR A 42 -2.84 -4.91 10.04
N LYS A 43 -2.23 -3.75 9.80
CA LYS A 43 -2.24 -3.16 8.48
C LYS A 43 -0.80 -3.08 7.96
N ASN A 44 -0.53 -3.91 6.95
CA ASN A 44 0.80 -3.93 6.36
C ASN A 44 0.67 -4.14 4.85
N THR A 45 -0.02 -5.21 4.48
CA THR A 45 -0.23 -5.54 3.08
C THR A 45 -1.58 -6.22 2.89
N LYS A 46 -2.43 -5.56 2.12
CA LYS A 46 -3.76 -6.09 1.85
C LYS A 46 -4.15 -5.77 0.40
N LEU A 47 -3.27 -6.18 -0.50
CA LEU A 47 -3.50 -5.95 -1.92
C LEU A 47 -2.64 -6.91 -2.74
N VAL A 48 -2.84 -8.19 -2.48
CA VAL A 48 -2.10 -9.22 -3.19
C VAL A 48 -2.30 -9.05 -4.70
N LYS A 49 -3.54 -8.77 -5.07
CA LYS A 49 -3.88 -8.57 -6.47
C LYS A 49 -3.50 -9.83 -7.25
N LYS A 50 -4.04 -9.92 -8.46
CA LYS A 50 -3.78 -11.07 -9.31
C LYS A 50 -2.57 -10.76 -10.20
N ILE A 51 -1.39 -11.02 -9.65
CA ILE A 51 -0.16 -10.78 -10.38
C ILE A 51 -0.23 -11.46 -11.75
N ASP A 52 0.81 -11.24 -12.54
CA ASP A 52 0.87 -11.83 -13.87
C ASP A 52 2.27 -11.65 -14.44
N HIS A 53 3.14 -12.61 -14.15
CA HIS A 53 4.51 -12.56 -14.62
C HIS A 53 4.73 -13.65 -15.67
N ALA A 54 4.57 -14.89 -15.23
CA ALA A 54 4.74 -16.02 -16.13
C ALA A 54 4.42 -17.31 -15.38
N LYS A 55 3.17 -17.73 -15.51
CA LYS A 55 2.71 -18.94 -14.84
C LYS A 55 2.37 -19.99 -15.90
N VAL A 56 1.12 -19.93 -16.36
CA VAL A 56 0.65 -20.86 -17.36
C VAL A 56 0.35 -20.11 -18.66
N ARG A 57 1.42 -19.60 -19.26
CA ARG A 57 1.29 -18.85 -20.50
C ARG A 57 1.47 -19.78 -21.70
N LYS A 58 0.68 -20.84 -21.70
CA LYS A 58 0.73 -21.81 -22.78
C LYS A 58 0.55 -21.09 -24.12
N HIS A 59 1.46 -21.37 -25.04
CA HIS A 59 1.40 -20.77 -26.36
C HIS A 59 0.52 -21.61 -27.29
N GLN A 60 -0.74 -21.74 -26.88
CA GLN A 60 -1.69 -22.52 -27.66
C GLN A 60 -1.03 -23.80 -28.19
N ARG A 61 -1.08 -24.84 -27.37
CA ARG A 61 -0.50 -26.11 -27.74
C ARG A 61 -1.43 -26.86 -28.70
N LYS A 62 -1.09 -26.80 -29.97
CA LYS A 62 -1.88 -27.46 -30.99
C LYS A 62 -0.95 -28.26 -31.92
N PHE A 63 -1.54 -29.21 -32.61
CA PHE A 63 -0.78 -30.05 -33.52
C PHE A 63 0.37 -30.75 -32.80
N LEU A 64 0.83 -31.83 -33.41
CA LEU A 64 1.92 -32.61 -32.84
C LEU A 64 2.52 -33.52 -33.91
N GLN A 65 3.54 -34.27 -33.51
CA GLN A 65 4.20 -35.18 -34.43
C GLN A 65 3.20 -36.22 -34.95
N ALA A 66 3.51 -36.76 -36.12
CA ALA A 66 2.66 -37.76 -36.74
C ALA A 66 1.53 -37.06 -37.51
N ILE A 67 1.71 -36.99 -38.81
CA ILE A 67 0.73 -36.35 -39.67
C ILE A 67 -0.10 -37.43 -40.38
N HIS A 68 0.12 -37.53 -41.69
CA HIS A 68 -0.58 -38.51 -42.50
C HIS A 68 0.35 -39.69 -42.81
N GLN A 69 0.53 -40.53 -41.79
CA GLN A 69 1.39 -41.69 -41.95
C GLN A 69 2.71 -41.29 -42.62
N LEU A 70 3.51 -42.31 -42.93
CA LEU A 70 4.78 -42.09 -43.57
C LEU A 70 4.56 -41.50 -44.97
N ARG A 71 5.65 -41.05 -45.57
CA ARG A 71 5.58 -40.47 -46.90
C ARG A 71 5.67 -41.56 -47.96
N SER A 72 5.07 -41.29 -49.11
CA SER A 72 5.08 -42.23 -50.21
C SER A 72 4.52 -43.58 -49.74
N VAL A 73 4.23 -44.43 -50.72
CA VAL A 73 3.69 -45.74 -50.43
C VAL A 73 4.26 -46.76 -51.42
N LYS A 74 5.35 -46.36 -52.07
CA LYS A 74 6.00 -47.22 -53.04
C LYS A 74 7.00 -48.13 -52.32
N MET A 75 6.49 -48.86 -51.34
CA MET A 75 7.32 -49.77 -50.57
C MET A 75 7.99 -50.80 -51.48
N GLU A 76 8.86 -51.60 -50.88
CA GLU A 76 9.57 -52.63 -51.62
C GLU A 76 8.88 -53.98 -51.44
N GLN A 77 8.24 -54.43 -52.51
CA GLN A 77 7.53 -55.71 -52.48
C GLN A 77 7.71 -56.43 -53.82
N ARG A 78 7.17 -57.64 -53.87
CA ARG A 78 7.26 -58.45 -55.06
C ARG A 78 8.72 -58.74 -55.41
N LYS A 79 8.96 -59.97 -55.85
CA LYS A 79 10.30 -60.38 -56.21
C LYS A 79 10.24 -61.76 -56.88
N LEU A 80 11.42 -62.33 -57.09
CA LEU A 80 11.51 -63.63 -57.73
C LEU A 80 10.46 -63.74 -58.83
N ASN A 81 9.34 -64.34 -58.47
CA ASN A 81 8.25 -64.52 -59.41
C ASN A 81 8.82 -64.99 -60.75
N ASP A 82 9.84 -65.82 -60.67
CA ASP A 82 10.47 -66.35 -61.87
C ASP A 82 10.83 -67.82 -61.65
N GLN A 83 11.56 -68.07 -60.57
CA GLN A 83 11.95 -69.43 -60.24
C GLN A 83 10.91 -70.08 -59.31
N ALA A 84 9.79 -70.43 -59.90
CA ALA A 84 8.71 -71.06 -59.15
C ALA A 84 8.89 -72.57 -59.17
N ASN A 85 8.12 -73.21 -60.05
CA ASN A 85 8.19 -74.65 -60.18
C ASN A 85 9.22 -75.01 -61.26
N THR A 86 9.50 -74.04 -62.11
CA THR A 86 10.46 -74.24 -63.18
C THR A 86 9.91 -75.24 -64.21
N LEU A 87 9.76 -76.47 -63.75
CA LEU A 87 9.25 -77.52 -64.62
C LEU A 87 8.10 -78.25 -63.90
N VAL A 88 8.46 -79.36 -63.26
CA VAL A 88 7.48 -80.16 -62.54
C VAL A 88 6.46 -80.73 -63.53
N ASP A 89 6.84 -81.84 -64.14
CA ASP A 89 5.98 -82.49 -65.10
C ASP A 89 6.16 -84.01 -65.01
N LEU A 90 7.05 -84.51 -65.85
CA LEU A 90 7.33 -85.94 -65.87
C LEU A 90 6.38 -86.63 -66.86
N ALA A 91 5.28 -85.95 -67.14
CA ALA A 91 4.29 -86.49 -68.06
C ALA A 91 4.75 -86.21 -69.50
N LYS A 92 5.11 -84.96 -69.75
CA LYS A 92 5.56 -84.56 -71.07
C LYS A 92 4.51 -84.95 -72.11
N THR A 93 4.79 -84.58 -73.35
CA THR A 93 3.88 -84.88 -74.43
C THR A 93 2.42 -84.69 -73.99
N GLN A 94 1.96 -83.46 -74.09
CA GLN A 94 0.60 -83.13 -73.70
C GLN A 94 -0.17 -82.57 -74.89
N ARG A 3 28.58 -7.69 48.34
CA ARG A 3 28.44 -9.14 48.29
C ARG A 3 27.98 -9.58 46.90
N LYS A 4 27.08 -8.79 46.33
CA LYS A 4 26.56 -9.10 45.01
C LYS A 4 26.04 -10.53 44.99
N LEU A 5 24.78 -10.68 45.40
CA LEU A 5 24.16 -12.00 45.44
C LEU A 5 22.64 -11.83 45.53
N GLU A 6 22.20 -11.48 46.72
CA GLU A 6 20.78 -11.28 46.97
C GLU A 6 20.27 -10.06 46.20
N LEU A 7 20.00 -10.28 44.92
CA LEU A 7 19.50 -9.23 44.05
C LEU A 7 18.02 -8.99 44.34
N THR A 8 17.48 -7.98 43.69
CA THR A 8 16.08 -7.64 43.85
C THR A 8 15.67 -7.74 45.33
N LYS A 9 16.02 -6.71 46.08
CA LYS A 9 15.71 -6.67 47.50
C LYS A 9 15.61 -8.11 48.03
N ALA A 10 14.61 -8.32 48.86
CA ALA A 10 14.40 -9.64 49.44
C ALA A 10 12.90 -9.83 49.70
N GLU A 11 12.29 -8.82 50.29
CA GLU A 11 10.88 -8.88 50.60
C GLU A 11 10.50 -10.24 51.19
N LYS A 12 11.02 -10.50 52.38
CA LYS A 12 10.76 -11.75 53.05
C LYS A 12 10.61 -12.87 52.01
N HIS A 13 11.75 -13.27 51.45
CA HIS A 13 11.75 -14.32 50.45
C HIS A 13 11.18 -13.78 49.13
N VAL A 14 11.23 -14.62 48.12
CA VAL A 14 10.71 -14.24 46.81
C VAL A 14 9.77 -15.32 46.30
N HIS A 15 9.49 -16.29 47.18
CA HIS A 15 8.61 -17.38 46.83
C HIS A 15 7.18 -16.85 46.66
N ASN A 16 6.95 -16.18 45.54
CA ASN A 16 5.64 -15.62 45.26
C ASN A 16 5.11 -14.91 46.50
N PHE A 17 5.37 -13.61 46.55
CA PHE A 17 4.94 -12.80 47.67
C PHE A 17 3.75 -11.92 47.29
N MET A 18 2.67 -12.58 46.91
CA MET A 18 1.46 -11.88 46.50
C MET A 18 1.80 -10.62 45.71
N MET A 19 2.27 -10.83 44.49
CA MET A 19 2.62 -9.72 43.62
C MET A 19 2.39 -10.08 42.15
N ASP A 20 2.89 -11.24 41.77
CA ASP A 20 2.74 -11.71 40.41
C ASP A 20 3.21 -10.61 39.44
N THR A 21 4.43 -10.17 39.65
CA THR A 21 5.00 -9.13 38.81
C THR A 21 4.58 -9.32 37.35
N GLN A 22 5.19 -10.31 36.73
CA GLN A 22 4.89 -10.61 35.33
C GLN A 22 5.39 -12.01 34.97
N LEU A 23 4.83 -13.01 35.64
CA LEU A 23 5.22 -14.38 35.39
C LEU A 23 4.18 -15.05 34.49
N THR A 24 3.05 -14.37 34.34
CA THR A 24 1.97 -14.89 33.52
C THR A 24 1.20 -13.73 32.87
N LYS A 25 1.93 -12.65 32.62
CA LYS A 25 1.34 -11.48 31.99
C LYS A 25 0.80 -11.86 30.61
N ARG A 26 -0.32 -11.27 30.26
CA ARG A 26 -0.95 -11.53 28.98
C ARG A 26 -1.23 -10.21 28.24
N VAL A 27 -1.34 -10.31 26.93
CA VAL A 27 -1.61 -9.15 26.10
C VAL A 27 -0.81 -7.96 26.64
N LYS A 28 0.38 -8.27 27.15
CA LYS A 28 1.24 -7.23 27.69
C LYS A 28 0.85 -6.95 29.13
N ASN A 29 -0.46 -6.89 29.35
CA ASN A 29 -0.97 -6.62 30.69
C ASN A 29 -1.16 -5.10 30.86
N ALA A 30 -2.42 -4.70 30.92
CA ALA A 30 -2.75 -3.30 31.09
C ALA A 30 -2.84 -2.63 29.71
N ALA A 31 -2.42 -3.38 28.70
CA ALA A 31 -2.44 -2.87 27.34
C ALA A 31 -3.80 -3.20 26.71
N ALA A 32 -4.23 -4.45 26.90
CA ALA A 32 -5.49 -4.90 26.35
C ALA A 32 -5.47 -4.73 24.83
N ASN A 33 -5.83 -3.53 24.40
CA ASN A 33 -5.85 -3.22 22.97
C ASN A 33 -5.25 -1.83 22.74
N VAL A 34 -4.39 -1.44 23.66
CA VAL A 34 -3.74 -0.14 23.57
C VAL A 34 -4.79 0.91 23.15
N LEU A 35 -6.03 0.64 23.51
CA LEU A 35 -7.12 1.55 23.20
C LEU A 35 -7.09 1.86 21.70
N ARG A 36 -6.46 0.97 20.95
CA ARG A 36 -6.35 1.13 19.51
C ARG A 36 -6.41 -0.22 18.82
N GLU A 37 -5.58 -1.13 19.30
CA GLU A 37 -5.52 -2.47 18.74
C GLU A 37 -4.87 -2.44 17.35
N THR A 38 -3.75 -1.73 17.29
CA THR A 38 -3.02 -1.60 16.04
C THR A 38 -2.01 -2.75 15.90
N TRP A 39 -2.35 -3.88 16.52
CA TRP A 39 -1.50 -5.05 16.47
C TRP A 39 -2.39 -6.28 16.42
N LEU A 40 -3.65 -6.05 16.03
CA LEU A 40 -4.61 -7.14 15.93
C LEU A 40 -5.49 -6.92 14.71
N ILE A 41 -5.78 -5.65 14.44
CA ILE A 41 -6.60 -5.30 13.30
C ILE A 41 -5.71 -4.89 12.13
N TYR A 42 -4.61 -4.24 12.46
CA TYR A 42 -3.66 -3.80 11.46
C TYR A 42 -4.35 -2.95 10.39
N LYS A 43 -3.58 -2.55 9.40
CA LYS A 43 -4.11 -1.74 8.31
C LYS A 43 -3.72 -2.38 6.97
N ASN A 44 -4.73 -2.93 6.31
CA ASN A 44 -4.52 -3.57 5.02
C ASN A 44 -5.88 -3.91 4.40
N THR A 45 -6.38 -2.97 3.61
CA THR A 45 -7.66 -3.16 2.95
C THR A 45 -8.65 -3.85 3.90
N LYS A 46 -8.54 -3.53 5.18
CA LYS A 46 -9.40 -4.11 6.17
C LYS A 46 -10.85 -3.76 5.85
N LEU A 47 -11.61 -4.79 5.50
CA LEU A 47 -13.02 -4.61 5.16
C LEU A 47 -13.15 -3.41 4.24
N VAL A 48 -12.35 -3.40 3.17
CA VAL A 48 -12.38 -2.32 2.21
C VAL A 48 -12.53 -0.99 2.95
N LYS A 49 -11.94 -0.94 4.13
CA LYS A 49 -12.00 0.27 4.95
C LYS A 49 -13.43 0.48 5.44
N LYS A 50 -13.57 1.40 6.38
CA LYS A 50 -14.88 1.71 6.94
C LYS A 50 -15.85 2.02 5.79
N ILE A 51 -17.11 1.71 6.04
CA ILE A 51 -18.15 1.95 5.05
C ILE A 51 -18.13 3.42 4.65
N ASP A 52 -18.94 3.74 3.64
CA ASP A 52 -19.03 5.11 3.16
C ASP A 52 -20.32 5.74 3.68
N HIS A 53 -20.25 6.25 4.91
CA HIS A 53 -21.38 6.87 5.53
C HIS A 53 -21.98 7.92 4.59
N ALA A 54 -21.08 8.70 3.98
CA ALA A 54 -21.49 9.74 3.06
C ALA A 54 -20.25 10.41 2.47
N LYS A 55 -20.03 10.14 1.19
CA LYS A 55 -18.89 10.70 0.49
C LYS A 55 -17.63 10.53 1.36
N VAL A 56 -16.99 9.38 1.20
CA VAL A 56 -15.78 9.08 1.95
C VAL A 56 -14.60 8.97 0.99
N ARG A 57 -14.75 9.61 -0.16
CA ARG A 57 -13.70 9.59 -1.16
C ARG A 57 -13.87 10.77 -2.13
N LYS A 58 -13.27 11.89 -1.75
CA LYS A 58 -13.35 13.09 -2.57
C LYS A 58 -12.34 12.99 -3.71
N HIS A 59 -12.46 11.93 -4.47
CA HIS A 59 -11.56 11.70 -5.60
C HIS A 59 -12.38 11.56 -6.88
N GLN A 60 -12.17 10.43 -7.56
CA GLN A 60 -12.88 10.17 -8.80
C GLN A 60 -14.35 9.86 -8.52
N ARG A 61 -15.10 10.91 -8.23
CA ARG A 61 -16.51 10.77 -7.94
C ARG A 61 -17.12 12.11 -7.54
N LYS A 62 -17.77 12.75 -8.49
CA LYS A 62 -18.39 14.04 -8.24
C LYS A 62 -19.60 14.21 -9.18
N PHE A 63 -20.27 15.32 -9.01
CA PHE A 63 -21.45 15.62 -9.83
C PHE A 63 -21.06 15.78 -11.29
N LEU A 64 -21.50 14.82 -12.10
CA LEU A 64 -21.21 14.85 -13.52
C LEU A 64 -21.44 16.27 -14.05
N GLN A 65 -22.41 16.94 -13.47
CA GLN A 65 -22.74 18.29 -13.88
C GLN A 65 -21.46 19.09 -14.13
N ALA A 66 -21.18 19.30 -15.41
CA ALA A 66 -19.99 20.04 -15.80
C ALA A 66 -18.78 19.11 -15.81
N ILE A 67 -18.43 18.68 -17.01
CA ILE A 67 -17.29 17.77 -17.17
C ILE A 67 -16.06 18.58 -17.59
N HIS A 68 -15.67 18.39 -18.84
CA HIS A 68 -14.51 19.09 -19.38
C HIS A 68 -14.93 20.48 -19.85
N GLN A 69 -15.05 21.39 -18.89
CA GLN A 69 -15.44 22.76 -19.20
C GLN A 69 -16.66 22.76 -20.12
N LEU A 70 -17.03 23.96 -20.54
CA LEU A 70 -18.18 24.13 -21.43
C LEU A 70 -18.05 25.44 -22.19
N ARG A 71 -18.87 25.58 -23.22
CA ARG A 71 -18.86 26.79 -24.03
C ARG A 71 -18.71 28.02 -23.14
N SER A 72 -18.09 29.04 -23.71
CA SER A 72 -17.87 30.29 -22.99
C SER A 72 -16.93 30.04 -21.80
N VAL A 73 -15.65 30.26 -22.05
CA VAL A 73 -14.65 30.07 -21.02
C VAL A 73 -14.59 31.32 -20.14
N LYS A 74 -15.72 31.63 -19.53
CA LYS A 74 -15.81 32.80 -18.67
C LYS A 74 -15.62 34.06 -19.50
N MET A 75 -16.45 35.06 -19.21
CA MET A 75 -16.39 36.32 -19.92
C MET A 75 -14.94 36.79 -20.10
N GLU A 76 -14.71 37.48 -21.20
CA GLU A 76 -13.38 37.99 -21.49
C GLU A 76 -13.41 39.51 -21.64
N GLN A 77 -12.22 40.09 -21.70
CA GLN A 77 -12.10 41.53 -21.85
C GLN A 77 -13.02 42.03 -22.96
N ARG A 78 -13.18 43.34 -23.02
CA ARG A 78 -14.03 43.96 -24.03
C ARG A 78 -13.35 43.90 -25.40
N LYS A 79 -14.17 44.02 -26.43
CA LYS A 79 -13.67 43.97 -27.79
C LYS A 79 -12.57 45.02 -27.97
N LEU A 80 -11.94 44.99 -29.14
CA LEU A 80 -10.88 45.92 -29.44
C LEU A 80 -10.36 45.67 -30.85
N ASN A 81 -10.26 44.40 -31.18
CA ASN A 81 -9.79 44.00 -32.51
C ASN A 81 -10.98 43.79 -33.44
N ASP A 82 -12.02 44.60 -33.20
CA ASP A 82 -13.23 44.51 -34.01
C ASP A 82 -13.89 43.16 -33.79
N GLN A 83 -15.05 42.99 -34.42
CA GLN A 83 -15.79 41.74 -34.29
C GLN A 83 -16.37 41.60 -32.89
N ALA A 84 -17.69 41.45 -32.85
CA ALA A 84 -18.38 41.31 -31.58
C ALA A 84 -19.87 41.06 -31.84
N ASN A 85 -20.27 39.81 -31.64
CA ASN A 85 -21.66 39.42 -31.85
C ASN A 85 -22.05 39.74 -33.29
N THR A 86 -23.04 38.99 -33.78
CA THR A 86 -23.51 39.18 -35.14
C THR A 86 -24.21 40.54 -35.28
N LEU A 87 -25.37 40.64 -34.66
CA LEU A 87 -26.14 41.87 -34.71
C LEU A 87 -26.46 42.32 -33.27
N VAL A 88 -27.65 41.95 -32.83
CA VAL A 88 -28.08 42.30 -31.48
C VAL A 88 -27.73 43.77 -31.21
N ASP A 89 -27.87 44.58 -32.24
CA ASP A 89 -27.57 46.00 -32.13
C ASP A 89 -28.88 46.78 -32.08
N LEU A 90 -29.67 46.49 -31.05
CA LEU A 90 -30.95 47.16 -30.87
C LEU A 90 -30.70 48.64 -30.53
N ALA A 91 -29.58 48.87 -29.85
CA ALA A 91 -29.22 50.22 -29.45
C ALA A 91 -27.78 50.22 -28.92
N LYS A 92 -27.48 49.20 -28.13
CA LYS A 92 -26.16 49.08 -27.55
C LYS A 92 -25.91 50.23 -26.58
N THR A 93 -25.44 51.34 -27.13
CA THR A 93 -25.16 52.52 -26.32
C THR A 93 -25.13 53.77 -27.20
N GLN A 94 -26.24 54.02 -27.87
CA GLN A 94 -26.34 55.17 -28.75
C GLN A 94 -25.04 55.37 -29.52
N ARG A 3 -57.98 -5.76 39.43
CA ARG A 3 -56.54 -5.93 39.54
C ARG A 3 -55.92 -4.72 40.24
N LYS A 4 -54.65 -4.87 40.60
CA LYS A 4 -53.93 -3.81 41.28
C LYS A 4 -52.49 -3.78 40.79
N LEU A 5 -51.77 -4.85 41.12
CA LEU A 5 -50.38 -4.95 40.71
C LEU A 5 -49.64 -3.66 41.08
N GLU A 6 -49.01 -3.67 42.24
CA GLU A 6 -48.28 -2.52 42.72
C GLU A 6 -46.81 -2.88 42.96
N LEU A 7 -46.62 -3.86 43.85
CA LEU A 7 -45.28 -4.31 44.17
C LEU A 7 -44.71 -5.12 43.01
N THR A 8 -44.30 -4.40 41.98
CA THR A 8 -43.74 -5.04 40.80
C THR A 8 -42.30 -5.50 41.07
N LYS A 9 -42.20 -6.64 41.75
CA LYS A 9 -40.91 -7.20 42.08
C LYS A 9 -40.15 -7.56 40.79
N ALA A 10 -38.84 -7.43 40.85
CA ALA A 10 -38.01 -7.73 39.71
C ALA A 10 -36.69 -8.36 40.18
N GLU A 11 -36.81 -9.60 40.65
CA GLU A 11 -35.64 -10.32 41.13
C GLU A 11 -35.03 -11.16 40.00
N LYS A 12 -35.20 -10.66 38.78
CA LYS A 12 -34.68 -11.35 37.62
C LYS A 12 -33.71 -10.42 36.88
N HIS A 13 -34.12 -9.17 36.76
CA HIS A 13 -33.31 -8.18 36.08
C HIS A 13 -32.06 -7.88 36.91
N VAL A 14 -31.11 -7.23 36.27
CA VAL A 14 -29.85 -6.88 36.93
C VAL A 14 -29.62 -5.38 36.81
N HIS A 15 -29.92 -4.67 37.88
CA HIS A 15 -29.74 -3.23 37.91
C HIS A 15 -29.07 -2.82 39.22
N ASN A 16 -27.79 -3.15 39.33
CA ASN A 16 -27.03 -2.81 40.51
C ASN A 16 -26.36 -1.45 40.32
N PHE A 17 -26.45 -0.95 39.11
CA PHE A 17 -25.85 0.34 38.78
C PHE A 17 -24.34 0.31 38.99
N MET A 18 -23.69 -0.62 38.31
CA MET A 18 -22.25 -0.76 38.42
C MET A 18 -21.74 -1.93 37.57
N MET A 19 -22.56 -2.97 37.51
CA MET A 19 -22.20 -4.15 36.74
C MET A 19 -21.54 -3.77 35.43
N ASP A 20 -22.03 -2.69 34.84
CA ASP A 20 -21.48 -2.21 33.58
C ASP A 20 -22.20 -0.93 33.17
N THR A 21 -21.53 0.20 33.41
CA THR A 21 -22.11 1.49 33.08
C THR A 21 -21.92 1.79 31.59
N GLN A 22 -20.73 1.44 31.10
CA GLN A 22 -20.41 1.67 29.70
C GLN A 22 -18.97 1.27 29.42
N LEU A 23 -18.73 -0.03 29.41
CA LEU A 23 -17.39 -0.56 29.16
C LEU A 23 -16.36 0.40 29.78
N THR A 24 -16.05 0.16 31.04
CA THR A 24 -15.09 0.97 31.76
C THR A 24 -13.68 0.72 31.22
N LYS A 25 -13.21 -0.50 31.47
CA LYS A 25 -11.88 -0.88 31.02
C LYS A 25 -11.89 -2.36 30.60
N ARG A 26 -10.77 -2.79 30.04
CA ARG A 26 -10.64 -4.17 29.60
C ARG A 26 -9.39 -4.81 30.19
N VAL A 27 -9.41 -6.13 30.27
CA VAL A 27 -8.28 -6.87 30.82
C VAL A 27 -7.87 -6.26 32.16
N LYS A 28 -8.89 -5.86 32.92
CA LYS A 28 -8.66 -5.26 34.22
C LYS A 28 -7.74 -4.04 34.07
N ASN A 29 -7.82 -3.45 32.89
CA ASN A 29 -7.00 -2.27 32.59
C ASN A 29 -5.52 -2.65 32.68
N ALA A 30 -4.97 -3.04 31.54
CA ALA A 30 -3.58 -3.43 31.47
C ALA A 30 -3.04 -3.15 30.07
N ALA A 31 -3.73 -2.25 29.37
CA ALA A 31 -3.34 -1.89 28.03
C ALA A 31 -3.99 -2.84 27.02
N ALA A 32 -5.24 -3.19 27.33
CA ALA A 32 -5.99 -4.10 26.47
C ALA A 32 -5.95 -3.57 25.03
N ASN A 33 -5.10 -4.20 24.23
CA ASN A 33 -4.96 -3.81 22.84
C ASN A 33 -4.47 -2.37 22.77
N VAL A 34 -3.98 -1.88 23.89
CA VAL A 34 -3.47 -0.53 23.98
C VAL A 34 -4.61 0.46 23.69
N LEU A 35 -5.82 -0.07 23.69
CA LEU A 35 -7.00 0.74 23.43
C LEU A 35 -7.18 0.91 21.92
N ARG A 36 -6.09 1.31 21.28
CA ARG A 36 -6.11 1.51 19.84
C ARG A 36 -6.39 0.19 19.12
N GLU A 37 -5.60 -0.81 19.45
CA GLU A 37 -5.75 -2.13 18.85
C GLU A 37 -5.23 -2.12 17.41
N THR A 38 -4.15 -1.38 17.22
CA THR A 38 -3.54 -1.28 15.90
C THR A 38 -2.50 -2.39 15.70
N TRP A 39 -2.84 -3.57 16.22
CA TRP A 39 -1.96 -4.72 16.10
C TRP A 39 -2.83 -5.96 15.89
N LEU A 40 -4.10 -5.81 16.23
CA LEU A 40 -5.04 -6.91 16.09
C LEU A 40 -5.74 -6.79 14.73
N ILE A 41 -5.71 -5.59 14.17
CA ILE A 41 -6.34 -5.34 12.88
C ILE A 41 -5.25 -5.25 11.81
N TYR A 42 -4.23 -4.46 12.11
CA TYR A 42 -3.13 -4.27 11.18
C TYR A 42 -3.62 -4.29 9.73
N LYS A 43 -3.94 -3.11 9.23
CA LYS A 43 -4.43 -2.98 7.87
C LYS A 43 -3.28 -2.53 6.96
N ASN A 44 -2.81 -1.32 7.22
CA ASN A 44 -1.71 -0.76 6.45
C ASN A 44 -2.09 -0.76 4.97
N THR A 45 -2.55 0.40 4.51
CA THR A 45 -2.95 0.55 3.11
C THR A 45 -2.38 1.84 2.53
N LYS A 46 -2.52 2.91 3.31
CA LYS A 46 -2.03 4.21 2.88
C LYS A 46 -0.52 4.12 2.61
N LEU A 47 -0.06 5.00 1.74
CA LEU A 47 1.35 5.03 1.38
C LEU A 47 1.85 3.60 1.19
N VAL A 48 1.35 2.98 0.14
CA VAL A 48 1.73 1.61 -0.18
C VAL A 48 2.77 1.62 -1.31
N LYS A 49 2.65 2.62 -2.16
CA LYS A 49 3.56 2.75 -3.29
C LYS A 49 3.37 1.58 -4.23
N LYS A 50 2.12 1.28 -4.53
CA LYS A 50 1.79 0.18 -5.41
C LYS A 50 2.51 0.38 -6.75
N ILE A 51 3.72 -0.15 -6.82
CA ILE A 51 4.52 -0.05 -8.02
C ILE A 51 3.78 -0.70 -9.19
N ASP A 52 4.44 -0.73 -10.33
CA ASP A 52 3.86 -1.32 -11.53
C ASP A 52 4.10 -2.84 -11.52
N HIS A 53 5.28 -3.20 -11.03
CA HIS A 53 5.66 -4.60 -10.96
C HIS A 53 7.15 -4.72 -10.70
N ALA A 54 7.92 -4.68 -11.78
CA ALA A 54 9.36 -4.79 -11.69
C ALA A 54 9.99 -4.37 -13.02
N LYS A 55 11.32 -4.34 -13.03
CA LYS A 55 12.05 -3.96 -14.23
C LYS A 55 11.71 -2.51 -14.58
N VAL A 56 12.56 -1.61 -14.09
CA VAL A 56 12.37 -0.18 -14.35
C VAL A 56 13.58 0.59 -13.82
N ARG A 57 14.48 0.90 -14.75
CA ARG A 57 15.68 1.63 -14.40
C ARG A 57 15.87 2.81 -15.36
N LYS A 58 17.13 3.17 -15.56
CA LYS A 58 17.47 4.27 -16.44
C LYS A 58 17.70 3.75 -17.85
N HIS A 59 18.05 4.65 -18.75
CA HIS A 59 18.30 4.30 -20.13
C HIS A 59 19.10 5.41 -20.82
N GLN A 60 20.28 5.66 -20.28
CA GLN A 60 21.14 6.69 -20.84
C GLN A 60 22.11 6.08 -21.85
N ARG A 61 21.55 5.67 -22.98
CA ARG A 61 22.35 5.07 -24.03
C ARG A 61 23.41 4.13 -23.44
N LYS A 62 23.01 2.87 -23.31
CA LYS A 62 23.90 1.86 -22.76
C LYS A 62 25.00 1.56 -23.78
N PHE A 63 25.82 0.56 -23.44
CA PHE A 63 26.91 0.16 -24.31
C PHE A 63 27.70 1.37 -24.79
N LEU A 64 28.82 1.61 -24.12
CA LEU A 64 29.68 2.73 -24.46
C LEU A 64 30.75 2.27 -25.44
N GLN A 65 31.15 1.01 -25.28
CA GLN A 65 32.16 0.43 -26.14
C GLN A 65 31.82 0.69 -27.61
N ALA A 66 32.77 0.36 -28.48
CA ALA A 66 32.58 0.55 -29.91
C ALA A 66 33.83 0.09 -30.65
N ILE A 67 33.80 -1.16 -31.10
CA ILE A 67 34.92 -1.73 -31.82
C ILE A 67 36.19 -1.56 -30.99
N HIS A 68 36.47 -2.57 -30.18
CA HIS A 68 37.65 -2.54 -29.33
C HIS A 68 38.41 -3.87 -29.47
N GLN A 69 38.98 -4.06 -30.66
CA GLN A 69 39.73 -5.28 -30.93
C GLN A 69 40.79 -5.01 -31.99
N LEU A 70 41.61 -6.03 -32.24
CA LEU A 70 42.66 -5.91 -33.23
C LEU A 70 43.69 -4.87 -32.77
N ARG A 71 44.82 -4.86 -33.45
CA ARG A 71 45.88 -3.92 -33.11
C ARG A 71 45.28 -2.53 -32.82
N SER A 72 46.08 -1.72 -32.15
CA SER A 72 45.65 -0.38 -31.79
C SER A 72 46.18 0.63 -32.82
N VAL A 73 45.73 1.86 -32.68
CA VAL A 73 46.15 2.92 -33.59
C VAL A 73 47.63 3.20 -33.39
N LYS A 74 48.18 2.63 -32.33
CA LYS A 74 49.58 2.80 -32.01
C LYS A 74 50.13 1.51 -31.43
N MET A 75 51.35 1.18 -31.84
CA MET A 75 52.01 -0.03 -31.37
C MET A 75 53.07 0.30 -30.31
N GLU A 76 53.52 -0.74 -29.63
CA GLU A 76 54.54 -0.58 -28.60
C GLU A 76 55.78 -1.39 -28.94
N GLN A 77 56.76 -1.32 -28.06
CA GLN A 77 58.00 -2.05 -28.25
C GLN A 77 58.36 -2.09 -29.74
N ARG A 78 58.98 -3.19 -30.14
CA ARG A 78 59.38 -3.37 -31.53
C ARG A 78 59.30 -4.85 -31.91
N LYS A 79 58.96 -5.08 -33.18
CA LYS A 79 58.86 -6.43 -33.68
C LYS A 79 60.19 -6.85 -34.32
N LEU A 80 60.90 -5.86 -34.82
CA LEU A 80 62.18 -6.11 -35.45
C LEU A 80 63.30 -5.49 -34.59
N ASN A 81 64.52 -5.93 -34.86
CA ASN A 81 65.67 -5.44 -34.12
C ASN A 81 66.95 -5.97 -34.77
N ASP A 82 66.89 -7.23 -35.19
CA ASP A 82 68.03 -7.86 -35.82
C ASP A 82 69.03 -8.29 -34.75
N GLN A 83 69.51 -7.30 -34.01
CA GLN A 83 70.46 -7.57 -32.94
C GLN A 83 71.78 -8.05 -33.54
N ALA A 84 72.37 -7.19 -34.35
CA ALA A 84 73.64 -7.51 -34.99
C ALA A 84 74.71 -7.73 -33.91
N ASN A 85 75.53 -6.70 -33.71
CA ASN A 85 76.58 -6.78 -32.72
C ASN A 85 77.66 -7.76 -33.19
N THR A 86 78.90 -7.44 -32.84
CA THR A 86 80.02 -8.29 -33.22
C THR A 86 79.83 -8.81 -34.65
N LEU A 87 79.70 -7.88 -35.57
CA LEU A 87 79.51 -8.23 -36.97
C LEU A 87 80.86 -8.20 -37.68
N VAL A 88 81.85 -7.66 -36.99
CA VAL A 88 83.19 -7.56 -37.54
C VAL A 88 83.16 -6.68 -38.79
N ASP A 89 83.16 -5.38 -38.55
CA ASP A 89 83.13 -4.42 -39.64
C ASP A 89 84.50 -4.40 -40.34
N LEU A 90 84.69 -5.35 -41.23
CA LEU A 90 85.94 -5.47 -41.96
C LEU A 90 86.10 -4.23 -42.86
N ALA A 91 84.97 -3.66 -43.23
CA ALA A 91 84.97 -2.48 -44.09
C ALA A 91 85.91 -1.43 -43.51
N LYS A 92 85.61 -1.01 -42.29
CA LYS A 92 86.42 -0.02 -41.61
C LYS A 92 87.70 -0.67 -41.10
N THR A 93 88.79 -0.40 -41.81
CA THR A 93 90.08 -0.96 -41.45
C THR A 93 90.83 0.01 -40.52
N GLN A 94 90.28 0.17 -39.32
CA GLN A 94 90.88 1.05 -38.33
C GLN A 94 92.38 0.79 -38.23
N ARG A 3 5.04 20.81 76.35
CA ARG A 3 4.67 20.97 74.96
C ARG A 3 3.94 19.73 74.46
N LYS A 4 2.90 19.97 73.66
CA LYS A 4 2.11 18.89 73.11
C LYS A 4 2.98 18.06 72.17
N LEU A 5 2.83 16.75 72.28
CA LEU A 5 3.61 15.83 71.45
C LEU A 5 2.69 14.70 70.98
N GLU A 6 2.64 14.53 69.67
CA GLU A 6 1.83 13.49 69.08
C GLU A 6 2.41 13.05 67.73
N LEU A 7 2.21 11.77 67.43
CA LEU A 7 2.71 11.22 66.19
C LEU A 7 1.94 9.92 65.87
N THR A 8 1.72 9.71 64.57
CA THR A 8 1.01 8.53 64.12
C THR A 8 1.96 7.33 64.05
N LYS A 9 1.37 6.14 64.17
CA LYS A 9 2.15 4.92 64.11
C LYS A 9 2.80 4.80 62.74
N ALA A 10 2.02 5.10 61.71
CA ALA A 10 2.49 5.02 60.34
C ALA A 10 2.91 3.59 60.04
N GLU A 11 2.11 2.93 59.21
CA GLU A 11 2.39 1.56 58.84
C GLU A 11 3.52 1.50 57.81
N LYS A 12 4.75 1.63 58.30
CA LYS A 12 5.91 1.60 57.43
C LYS A 12 5.55 2.20 56.08
N HIS A 13 4.80 3.29 56.12
CA HIS A 13 4.38 3.96 54.91
C HIS A 13 3.81 2.94 53.92
N VAL A 14 3.51 3.41 52.73
CA VAL A 14 2.97 2.55 51.70
C VAL A 14 1.59 2.07 52.13
N HIS A 15 1.58 0.99 52.89
CA HIS A 15 0.34 0.41 53.38
C HIS A 15 -0.28 -0.46 52.29
N ASN A 16 -1.01 -1.48 52.73
CA ASN A 16 -1.66 -2.39 51.81
C ASN A 16 -2.27 -1.58 50.65
N PHE A 17 -1.60 -1.65 49.51
CA PHE A 17 -2.07 -0.93 48.34
C PHE A 17 -2.32 -1.90 47.18
N MET A 18 -1.30 -2.70 46.88
CA MET A 18 -1.40 -3.66 45.80
C MET A 18 -2.19 -4.90 46.23
N MET A 19 -3.43 -4.64 46.63
CA MET A 19 -4.31 -5.72 47.08
C MET A 19 -4.42 -6.81 46.00
N ASP A 20 -4.60 -6.37 44.77
CA ASP A 20 -4.73 -7.29 43.66
C ASP A 20 -5.67 -8.43 44.05
N THR A 21 -6.94 -8.25 43.73
CA THR A 21 -7.95 -9.24 44.05
C THR A 21 -8.71 -9.65 42.78
N GLN A 22 -9.21 -8.63 42.08
CA GLN A 22 -9.96 -8.86 40.86
C GLN A 22 -9.24 -8.23 39.66
N LEU A 23 -8.81 -7.00 39.86
CA LEU A 23 -8.11 -6.28 38.81
C LEU A 23 -6.61 -6.53 38.94
N THR A 24 -6.22 -7.76 38.61
CA THR A 24 -4.83 -8.15 38.69
C THR A 24 -4.27 -8.41 37.29
N LYS A 25 -5.15 -8.85 36.41
CA LYS A 25 -4.76 -9.14 35.03
C LYS A 25 -3.40 -9.84 35.04
N ARG A 26 -2.75 -9.81 33.88
CA ARG A 26 -1.45 -10.44 33.73
C ARG A 26 -0.48 -9.49 33.03
N VAL A 27 0.80 -9.73 33.25
CA VAL A 27 1.84 -8.90 32.66
C VAL A 27 1.43 -7.43 32.75
N LYS A 28 1.01 -7.04 33.95
CA LYS A 28 0.59 -5.68 34.19
C LYS A 28 -0.20 -5.17 32.98
N ASN A 29 -0.92 -6.09 32.35
CA ASN A 29 -1.72 -5.75 31.19
C ASN A 29 -0.84 -5.80 29.94
N ALA A 30 0.31 -5.15 30.04
CA ALA A 30 1.26 -5.11 28.94
C ALA A 30 0.68 -4.25 27.81
N ALA A 31 -0.48 -4.65 27.33
CA ALA A 31 -1.15 -3.91 26.26
C ALA A 31 -2.49 -4.58 25.96
N ALA A 32 -3.46 -4.33 26.82
CA ALA A 32 -4.78 -4.89 26.65
C ALA A 32 -5.14 -4.92 25.16
N ASN A 33 -5.21 -3.73 24.58
CA ASN A 33 -5.54 -3.60 23.17
C ASN A 33 -5.08 -2.23 22.67
N VAL A 34 -4.07 -1.69 23.34
CA VAL A 34 -3.54 -0.39 22.97
C VAL A 34 -4.70 0.55 22.64
N LEU A 35 -5.85 0.24 23.19
CA LEU A 35 -7.05 1.04 22.95
C LEU A 35 -7.40 0.99 21.46
N ARG A 36 -6.50 1.51 20.65
CA ARG A 36 -6.71 1.53 19.22
C ARG A 36 -6.54 0.12 18.63
N GLU A 37 -6.03 -0.77 19.47
CA GLU A 37 -5.82 -2.15 19.06
C GLU A 37 -5.22 -2.19 17.65
N THR A 38 -3.99 -1.71 17.55
CA THR A 38 -3.29 -1.68 16.29
C THR A 38 -2.75 -3.08 15.94
N TRP A 39 -2.74 -3.93 16.96
CA TRP A 39 -2.25 -5.28 16.78
C TRP A 39 -3.42 -6.17 16.37
N LEU A 40 -4.61 -5.59 16.45
CA LEU A 40 -5.82 -6.31 16.09
C LEU A 40 -6.16 -6.02 14.62
N ILE A 41 -5.95 -4.77 14.24
CA ILE A 41 -6.23 -4.36 12.87
C ILE A 41 -5.03 -4.70 11.98
N TYR A 42 -3.84 -4.45 12.51
CA TYR A 42 -2.62 -4.73 11.79
C TYR A 42 -2.61 -3.99 10.44
N LYS A 43 -1.40 -3.85 9.89
CA LYS A 43 -1.24 -3.18 8.62
C LYS A 43 -1.67 -4.11 7.49
N ASN A 44 -2.88 -3.89 7.01
CA ASN A 44 -3.42 -4.70 5.93
C ASN A 44 -4.43 -3.88 5.13
N THR A 45 -3.91 -3.17 4.13
CA THR A 45 -4.74 -2.34 3.28
C THR A 45 -4.17 -2.28 1.87
N LYS A 46 -2.96 -1.78 1.78
CA LYS A 46 -2.29 -1.67 0.49
C LYS A 46 -1.62 -3.00 0.15
N LEU A 47 -2.21 -3.70 -0.82
CA LEU A 47 -1.69 -4.98 -1.25
C LEU A 47 -0.55 -4.75 -2.24
N VAL A 48 0.46 -4.02 -1.78
CA VAL A 48 1.61 -3.72 -2.62
C VAL A 48 2.88 -3.91 -1.80
N LYS A 49 3.41 -5.13 -1.84
CA LYS A 49 4.62 -5.45 -1.12
C LYS A 49 5.54 -6.29 -2.00
N LYS A 50 5.22 -6.30 -3.29
CA LYS A 50 6.00 -7.07 -4.24
C LYS A 50 7.37 -6.42 -4.42
N ILE A 51 8.37 -7.27 -4.60
CA ILE A 51 9.74 -6.78 -4.76
C ILE A 51 9.81 -5.90 -6.01
N ASP A 52 11.03 -5.64 -6.45
CA ASP A 52 11.24 -4.81 -7.62
C ASP A 52 12.71 -4.89 -8.03
N HIS A 53 13.59 -4.84 -7.03
CA HIS A 53 15.01 -4.91 -7.28
C HIS A 53 15.40 -3.90 -8.35
N ALA A 54 15.48 -2.64 -7.93
CA ALA A 54 15.83 -1.57 -8.85
C ALA A 54 17.27 -1.77 -9.33
N LYS A 55 17.56 -1.22 -10.50
CA LYS A 55 18.89 -1.34 -11.08
C LYS A 55 19.11 -0.19 -12.06
N VAL A 56 19.78 0.84 -11.58
CA VAL A 56 20.07 2.00 -12.41
C VAL A 56 21.57 2.27 -12.41
N ARG A 57 22.29 1.41 -13.14
CA ARG A 57 23.73 1.54 -13.23
C ARG A 57 24.25 0.83 -14.48
N LYS A 58 24.88 1.61 -15.35
CA LYS A 58 25.42 1.08 -16.59
C LYS A 58 26.95 1.07 -16.51
N HIS A 59 27.56 0.37 -17.45
CA HIS A 59 29.01 0.27 -17.50
C HIS A 59 29.46 0.10 -18.96
N GLN A 60 29.40 1.21 -19.68
CA GLN A 60 29.79 1.21 -21.08
C GLN A 60 30.05 2.64 -21.57
N ARG A 61 31.03 2.78 -22.44
CA ARG A 61 31.38 4.07 -22.99
C ARG A 61 31.34 4.03 -24.51
N LYS A 62 30.84 5.12 -25.09
CA LYS A 62 30.74 5.22 -26.54
C LYS A 62 32.15 5.18 -27.14
N PHE A 63 32.46 4.04 -27.74
CA PHE A 63 33.77 3.86 -28.35
C PHE A 63 33.63 3.18 -29.72
N LEU A 64 34.36 3.72 -30.68
CA LEU A 64 34.34 3.18 -32.03
C LEU A 64 35.75 3.15 -32.60
N GLN A 65 35.91 2.44 -33.70
CA GLN A 65 37.21 2.33 -34.34
C GLN A 65 37.08 2.64 -35.84
N ALA A 66 37.51 3.85 -36.20
CA ALA A 66 37.45 4.27 -37.59
C ALA A 66 38.02 5.69 -37.70
N ILE A 67 39.30 5.75 -38.04
CA ILE A 67 39.97 7.03 -38.19
C ILE A 67 40.11 7.36 -39.68
N HIS A 68 41.34 7.30 -40.15
CA HIS A 68 41.61 7.59 -41.55
C HIS A 68 42.51 6.50 -42.14
N GLN A 69 42.09 5.27 -41.93
CA GLN A 69 42.84 4.13 -42.44
C GLN A 69 42.68 4.02 -43.96
N LEU A 70 43.12 5.07 -44.63
CA LEU A 70 43.04 5.11 -46.09
C LEU A 70 43.93 4.00 -46.66
N ARG A 71 43.85 3.86 -47.98
CA ARG A 71 44.63 2.84 -48.67
C ARG A 71 45.73 3.50 -49.51
N SER A 72 46.70 2.69 -49.90
CA SER A 72 47.81 3.17 -50.70
C SER A 72 48.20 2.12 -51.74
N VAL A 73 47.45 2.10 -52.84
CA VAL A 73 47.70 1.16 -53.91
C VAL A 73 49.01 1.55 -54.62
N LYS A 74 50.09 1.51 -53.85
CA LYS A 74 51.40 1.85 -54.40
C LYS A 74 51.27 3.09 -55.29
N MET A 75 50.44 4.02 -54.85
CA MET A 75 50.22 5.24 -55.59
C MET A 75 49.51 4.96 -56.92
N GLU A 76 50.23 4.30 -57.81
CA GLU A 76 49.68 3.95 -59.12
C GLU A 76 48.83 5.11 -59.65
N GLN A 77 49.51 6.12 -60.16
CA GLN A 77 48.82 7.29 -60.71
C GLN A 77 49.46 7.70 -62.04
N ARG A 78 49.31 6.82 -63.02
CA ARG A 78 49.86 7.07 -64.34
C ARG A 78 51.23 7.73 -64.24
N LYS A 79 52.26 6.90 -64.20
CA LYS A 79 53.62 7.39 -64.09
C LYS A 79 54.03 8.05 -65.41
N LEU A 80 55.23 8.61 -65.41
CA LEU A 80 55.75 9.28 -66.59
C LEU A 80 56.91 8.45 -67.17
N ASN A 81 57.23 8.75 -68.42
CA ASN A 81 58.31 8.05 -69.09
C ASN A 81 58.59 8.72 -70.43
N ASP A 82 57.51 9.13 -71.09
CA ASP A 82 57.63 9.79 -72.38
C ASP A 82 58.22 11.20 -72.18
N GLN A 83 59.54 11.26 -72.23
CA GLN A 83 60.24 12.51 -72.05
C GLN A 83 61.73 12.36 -72.40
N ALA A 84 62.11 13.01 -73.49
CA ALA A 84 63.50 12.95 -73.94
C ALA A 84 63.69 13.91 -75.11
N ASN A 85 64.93 13.99 -75.57
CA ASN A 85 65.26 14.86 -76.68
C ASN A 85 66.67 14.55 -77.17
N THR A 86 66.93 14.90 -78.43
CA THR A 86 68.22 14.66 -79.03
C THR A 86 69.34 14.98 -78.03
N LEU A 87 69.64 16.26 -77.92
CA LEU A 87 70.68 16.71 -77.00
C LEU A 87 70.52 18.21 -76.76
N VAL A 88 70.26 18.94 -77.84
CA VAL A 88 70.09 20.38 -77.75
C VAL A 88 69.71 20.92 -79.13
N ASP A 89 68.60 20.42 -79.65
CA ASP A 89 68.11 20.83 -80.95
C ASP A 89 66.61 21.14 -80.85
N LEU A 90 66.30 22.13 -80.03
CA LEU A 90 64.91 22.52 -79.83
C LEU A 90 64.32 22.97 -81.17
N ALA A 91 65.21 23.41 -82.05
CA ALA A 91 64.79 23.86 -83.37
C ALA A 91 63.99 22.76 -84.06
N LYS A 92 64.65 21.63 -84.27
CA LYS A 92 64.01 20.49 -84.90
C LYS A 92 63.93 20.75 -86.41
N THR A 93 63.38 19.76 -87.12
CA THR A 93 63.24 19.87 -88.56
C THR A 93 62.11 20.84 -88.93
N GLN A 94 62.29 22.07 -88.49
CA GLN A 94 61.30 23.10 -88.76
C GLN A 94 61.74 23.97 -89.95
N ARG A 3 10.59 30.87 81.33
CA ARG A 3 11.37 31.46 80.25
C ARG A 3 10.86 30.97 78.89
N LYS A 4 10.69 29.66 78.80
CA LYS A 4 10.21 29.05 77.57
C LYS A 4 11.20 29.36 76.44
N LEU A 5 11.25 28.44 75.49
CA LEU A 5 12.14 28.60 74.34
C LEU A 5 11.92 27.45 73.37
N GLU A 6 11.69 27.81 72.11
CA GLU A 6 11.46 26.82 71.08
C GLU A 6 11.26 27.50 69.73
N LEU A 7 11.64 26.77 68.67
CA LEU A 7 11.51 27.30 67.33
C LEU A 7 11.98 26.24 66.33
N THR A 8 11.09 25.91 65.41
CA THR A 8 11.41 24.92 64.39
C THR A 8 10.77 25.30 63.05
N LYS A 9 11.43 26.20 62.34
CA LYS A 9 10.94 26.65 61.06
C LYS A 9 10.91 25.47 60.09
N ALA A 10 10.54 25.78 58.85
CA ALA A 10 10.47 24.76 57.81
C ALA A 10 11.88 24.28 57.48
N GLU A 11 12.30 23.25 58.18
CA GLU A 11 13.62 22.68 57.95
C GLU A 11 13.71 22.08 56.55
N LYS A 12 14.04 22.94 55.59
CA LYS A 12 14.16 22.50 54.22
C LYS A 12 13.18 21.34 53.96
N HIS A 13 11.91 21.64 54.13
CA HIS A 13 10.87 20.63 53.93
C HIS A 13 10.79 20.27 52.44
N VAL A 14 11.05 19.01 52.17
CA VAL A 14 11.01 18.52 50.79
C VAL A 14 11.29 17.02 50.77
N HIS A 15 10.42 16.29 50.09
CA HIS A 15 10.57 14.85 49.99
C HIS A 15 9.87 14.35 48.72
N ASN A 16 9.75 13.03 48.63
CA ASN A 16 9.12 12.42 47.47
C ASN A 16 7.69 12.98 47.33
N PHE A 17 7.55 13.94 46.43
CA PHE A 17 6.26 14.55 46.19
C PHE A 17 5.38 13.66 45.31
N MET A 18 4.14 14.08 45.14
CA MET A 18 3.19 13.33 44.33
C MET A 18 3.39 13.63 42.84
N MET A 19 4.63 13.50 42.40
CA MET A 19 4.97 13.76 41.01
C MET A 19 4.00 13.01 40.07
N ASP A 20 3.67 11.79 40.47
CA ASP A 20 2.78 10.98 39.68
C ASP A 20 1.48 10.74 40.46
N THR A 21 0.64 11.76 40.48
CA THR A 21 -0.62 11.68 41.19
C THR A 21 -1.43 10.48 40.69
N GLN A 22 -1.70 10.48 39.39
CA GLN A 22 -2.46 9.39 38.79
C GLN A 22 -2.54 9.59 37.27
N LEU A 23 -1.44 9.30 36.60
CA LEU A 23 -1.37 9.44 35.15
C LEU A 23 -2.15 8.29 34.50
N THR A 24 -3.42 8.20 34.85
CA THR A 24 -4.28 7.17 34.31
C THR A 24 -3.51 5.86 34.18
N LYS A 25 -3.57 5.07 35.24
CA LYS A 25 -2.88 3.79 35.28
C LYS A 25 -1.50 3.94 34.64
N ARG A 26 -0.94 2.81 34.24
CA ARG A 26 0.37 2.80 33.61
C ARG A 26 0.36 1.92 32.37
N VAL A 27 1.34 2.16 31.51
CA VAL A 27 1.45 1.40 30.27
C VAL A 27 0.06 1.20 29.68
N LYS A 28 -0.70 2.28 29.64
CA LYS A 28 -2.05 2.22 29.10
C LYS A 28 -2.75 0.96 29.60
N ASN A 29 -2.71 0.78 30.91
CA ASN A 29 -3.33 -0.39 31.52
C ASN A 29 -2.71 -1.66 30.93
N ALA A 30 -1.39 -1.64 30.83
CA ALA A 30 -0.67 -2.77 30.29
C ALA A 30 -0.79 -2.78 28.76
N ALA A 31 -1.56 -1.82 28.26
CA ALA A 31 -1.77 -1.69 26.83
C ALA A 31 -2.89 -2.63 26.40
N ALA A 32 -3.92 -2.68 27.24
CA ALA A 32 -5.07 -3.53 26.96
C ALA A 32 -5.60 -3.21 25.56
N ASN A 33 -5.26 -4.07 24.62
CA ASN A 33 -5.69 -3.90 23.24
C ASN A 33 -5.12 -2.58 22.69
N VAL A 34 -4.17 -2.04 23.43
CA VAL A 34 -3.54 -0.79 23.04
C VAL A 34 -4.57 0.34 23.08
N LEU A 35 -5.74 0.01 23.62
CA LEU A 35 -6.81 0.98 23.74
C LEU A 35 -7.27 1.37 22.34
N ARG A 36 -6.82 0.62 21.35
CA ARG A 36 -7.17 0.88 19.97
C ARG A 36 -7.08 -0.40 19.14
N GLU A 37 -6.03 -1.17 19.43
CA GLU A 37 -5.82 -2.42 18.72
C GLU A 37 -5.12 -2.16 17.38
N THR A 38 -3.81 -2.01 17.45
CA THR A 38 -3.02 -1.76 16.26
C THR A 38 -2.43 -3.06 15.73
N TRP A 39 -2.46 -4.08 16.58
CA TRP A 39 -1.93 -5.38 16.20
C TRP A 39 -3.09 -6.22 15.64
N LEU A 40 -4.30 -5.73 15.89
CA LEU A 40 -5.49 -6.42 15.41
C LEU A 40 -5.91 -5.83 14.06
N ILE A 41 -5.84 -4.50 13.99
CA ILE A 41 -6.21 -3.81 12.77
C ILE A 41 -5.20 -4.13 11.67
N TYR A 42 -3.92 -3.97 12.02
CA TYR A 42 -2.85 -4.25 11.08
C TYR A 42 -2.66 -5.75 10.88
N LYS A 43 -1.61 -6.09 10.14
CA LYS A 43 -1.32 -7.49 9.86
C LYS A 43 -0.07 -7.57 8.98
N ASN A 44 0.40 -8.79 8.79
CA ASN A 44 1.57 -9.02 7.97
C ASN A 44 1.57 -10.47 7.48
N THR A 45 1.58 -11.40 8.43
CA THR A 45 1.57 -12.81 8.12
C THR A 45 0.27 -13.20 7.41
N LYS A 46 0.41 -13.95 6.33
CA LYS A 46 -0.74 -14.39 5.56
C LYS A 46 -1.15 -15.79 6.02
N LEU A 47 -2.31 -15.85 6.66
CA LEU A 47 -2.83 -17.12 7.16
C LEU A 47 -3.44 -17.90 6.00
N VAL A 48 -2.63 -18.12 4.97
CA VAL A 48 -3.09 -18.85 3.80
C VAL A 48 -1.93 -19.69 3.25
N LYS A 49 -1.70 -20.82 3.89
CA LYS A 49 -0.63 -21.71 3.48
C LYS A 49 -1.00 -22.34 2.13
N LYS A 50 -0.59 -21.67 1.07
CA LYS A 50 -0.86 -22.15 -0.27
C LYS A 50 0.05 -23.33 -0.58
N ILE A 51 -0.26 -24.46 0.04
CA ILE A 51 0.52 -25.68 -0.17
C ILE A 51 0.79 -25.86 -1.66
N ASP A 52 1.75 -26.72 -1.95
CA ASP A 52 2.12 -26.99 -3.33
C ASP A 52 3.11 -28.16 -3.37
N HIS A 53 2.57 -29.35 -3.58
CA HIS A 53 3.39 -30.54 -3.64
C HIS A 53 3.44 -31.06 -5.07
N ALA A 54 2.26 -31.40 -5.59
CA ALA A 54 2.16 -31.90 -6.95
C ALA A 54 0.69 -31.91 -7.37
N LYS A 55 0.44 -31.33 -8.54
CA LYS A 55 -0.91 -31.26 -9.07
C LYS A 55 -1.20 -32.51 -9.89
N VAL A 56 -0.31 -32.76 -10.85
CA VAL A 56 -0.46 -33.92 -11.71
C VAL A 56 0.90 -34.63 -11.83
N ARG A 57 1.51 -34.46 -12.99
CA ARG A 57 2.81 -35.06 -13.25
C ARG A 57 2.71 -36.59 -13.12
N LYS A 58 2.35 -37.22 -14.22
CA LYS A 58 2.23 -38.68 -14.24
C LYS A 58 3.21 -39.26 -15.25
N HIS A 59 3.73 -40.43 -14.92
CA HIS A 59 4.68 -41.10 -15.79
C HIS A 59 4.13 -42.47 -16.20
N GLN A 60 3.18 -42.43 -17.12
CA GLN A 60 2.55 -43.63 -17.61
C GLN A 60 3.35 -44.19 -18.79
N ARG A 61 2.98 -45.41 -19.19
CA ARG A 61 3.64 -46.07 -20.30
C ARG A 61 5.10 -46.37 -19.95
N LYS A 62 5.58 -47.50 -20.45
CA LYS A 62 6.95 -47.91 -20.21
C LYS A 62 7.36 -48.95 -21.25
N PHE A 63 8.60 -49.40 -21.12
CA PHE A 63 9.13 -50.39 -22.04
C PHE A 63 9.04 -51.80 -21.45
N LEU A 64 8.87 -52.78 -22.34
CA LEU A 64 8.77 -54.16 -21.91
C LEU A 64 9.54 -55.05 -22.90
N GLN A 65 9.59 -56.34 -22.56
CA GLN A 65 10.29 -57.29 -23.41
C GLN A 65 9.69 -57.29 -24.82
N ALA A 66 10.37 -58.00 -25.72
CA ALA A 66 9.92 -58.09 -27.09
C ALA A 66 10.89 -58.98 -27.88
N ILE A 67 10.52 -60.24 -27.98
CA ILE A 67 11.33 -61.20 -28.71
C ILE A 67 12.76 -61.21 -28.12
N HIS A 68 12.97 -62.10 -27.17
CA HIS A 68 14.26 -62.22 -26.52
C HIS A 68 14.70 -63.68 -26.51
N GLN A 69 15.12 -64.15 -27.68
CA GLN A 69 15.58 -65.52 -27.81
C GLN A 69 16.71 -65.61 -28.85
N LEU A 70 17.59 -66.57 -28.63
CA LEU A 70 18.71 -66.77 -29.54
C LEU A 70 19.29 -68.17 -29.32
N ARG A 71 19.50 -68.87 -30.44
CA ARG A 71 20.03 -70.21 -30.38
C ARG A 71 20.13 -70.80 -31.79
N SER A 72 21.10 -71.67 -31.97
CA SER A 72 21.31 -72.32 -33.26
C SER A 72 22.24 -73.52 -33.10
N VAL A 73 22.30 -74.32 -34.16
CA VAL A 73 23.14 -75.50 -34.16
C VAL A 73 24.31 -75.31 -35.13
N LYS A 74 24.21 -74.24 -35.92
CA LYS A 74 25.25 -73.93 -36.89
C LYS A 74 25.51 -75.16 -37.74
N MET A 75 24.56 -75.45 -38.62
CA MET A 75 24.69 -76.60 -39.51
C MET A 75 25.02 -77.87 -38.71
N GLU A 76 25.02 -78.99 -39.43
CA GLU A 76 25.31 -80.27 -38.81
C GLU A 76 26.74 -80.71 -39.14
N GLN A 77 27.53 -80.89 -38.09
CA GLN A 77 28.91 -81.31 -38.27
C GLN A 77 28.99 -82.52 -39.20
N ARG A 78 30.14 -82.67 -39.83
CA ARG A 78 30.35 -83.77 -40.74
C ARG A 78 31.84 -83.92 -41.05
N LYS A 79 32.34 -85.15 -40.88
CA LYS A 79 33.74 -85.43 -41.14
C LYS A 79 33.97 -86.94 -41.00
N LEU A 80 35.22 -87.33 -41.25
CA LEU A 80 35.58 -88.74 -41.16
C LEU A 80 34.53 -89.58 -41.87
N ASN A 81 34.67 -90.89 -41.71
CA ASN A 81 33.74 -91.82 -42.33
C ASN A 81 33.41 -91.35 -43.75
N ASP A 82 34.47 -91.16 -44.53
CA ASP A 82 34.32 -90.71 -45.91
C ASP A 82 35.53 -91.18 -46.72
N GLN A 83 35.29 -91.37 -48.01
CA GLN A 83 36.35 -91.80 -48.90
C GLN A 83 36.86 -93.19 -48.49
N ALA A 84 37.67 -93.77 -49.36
CA ALA A 84 38.23 -95.09 -49.09
C ALA A 84 39.61 -95.18 -49.74
N ASN A 85 40.26 -96.33 -49.52
CA ASN A 85 41.58 -96.56 -50.07
C ASN A 85 41.69 -98.02 -50.51
N THR A 86 41.42 -98.27 -51.78
CA THR A 86 41.49 -99.61 -52.32
C THR A 86 42.65 -99.72 -53.31
N LEU A 87 43.85 -99.50 -52.80
CA LEU A 87 45.05 -99.58 -53.63
C LEU A 87 46.03 -100.55 -53.01
N VAL A 88 45.60 -101.17 -51.91
CA VAL A 88 46.44 -102.13 -51.21
C VAL A 88 45.78 -103.52 -51.28
N ASP A 89 45.53 -103.95 -52.52
CA ASP A 89 44.91 -105.24 -52.74
C ASP A 89 43.55 -105.28 -52.05
N LEU A 90 42.58 -104.64 -52.69
CA LEU A 90 41.22 -104.59 -52.14
C LEU A 90 40.68 -106.02 -52.01
N ALA A 91 41.22 -106.90 -52.84
CA ALA A 91 40.80 -108.29 -52.82
C ALA A 91 41.67 -109.09 -53.80
N LYS A 92 42.81 -109.55 -53.30
CA LYS A 92 43.73 -110.32 -54.11
C LYS A 92 44.08 -109.53 -55.36
N THR A 93 44.78 -110.20 -56.27
CA THR A 93 45.18 -109.57 -57.52
C THR A 93 46.05 -110.52 -58.35
N GLN A 94 46.83 -111.33 -57.63
CA GLN A 94 47.70 -112.29 -58.29
C GLN A 94 48.60 -112.97 -57.26
N ARG A 3 -27.16 -4.73 72.81
CA ARG A 3 -27.56 -5.15 71.48
C ARG A 3 -26.88 -4.28 70.42
N LYS A 4 -26.92 -4.76 69.20
CA LYS A 4 -26.32 -4.03 68.09
C LYS A 4 -27.00 -4.44 66.78
N LEU A 5 -27.02 -3.51 65.84
CA LEU A 5 -27.63 -3.76 64.55
C LEU A 5 -26.55 -3.79 63.46
N GLU A 6 -26.74 -4.69 62.51
CA GLU A 6 -25.80 -4.83 61.42
C GLU A 6 -26.53 -5.16 60.12
N LEU A 7 -25.78 -5.12 59.03
CA LEU A 7 -26.35 -5.41 57.72
C LEU A 7 -27.18 -6.69 57.80
N THR A 8 -26.49 -7.79 58.04
CA THR A 8 -27.15 -9.08 58.15
C THR A 8 -28.17 -9.24 57.03
N LYS A 9 -29.02 -10.24 57.19
CA LYS A 9 -30.06 -10.52 56.19
C LYS A 9 -29.57 -10.06 54.82
N ALA A 10 -28.84 -10.95 54.15
CA ALA A 10 -28.32 -10.65 52.84
C ALA A 10 -29.28 -11.19 51.77
N GLU A 11 -30.44 -10.55 51.69
CA GLU A 11 -31.45 -10.95 50.72
C GLU A 11 -31.26 -10.18 49.41
N LYS A 12 -30.02 -9.78 49.17
CA LYS A 12 -29.69 -9.04 47.95
C LYS A 12 -28.74 -9.87 47.09
N HIS A 13 -27.76 -10.45 47.76
CA HIS A 13 -26.76 -11.27 47.08
C HIS A 13 -26.12 -10.46 45.95
N VAL A 14 -25.10 -11.04 45.35
CA VAL A 14 -24.39 -10.40 44.27
C VAL A 14 -24.28 -11.35 43.08
N HIS A 15 -24.95 -12.49 43.21
CA HIS A 15 -24.95 -13.49 42.17
C HIS A 15 -23.54 -14.06 42.01
N ASN A 16 -22.68 -13.27 41.39
CA ASN A 16 -21.30 -13.68 41.18
C ASN A 16 -20.53 -12.55 40.50
N PHE A 17 -19.92 -11.71 41.34
CA PHE A 17 -19.15 -10.58 40.84
C PHE A 17 -18.13 -10.10 41.88
N MET A 18 -16.94 -10.66 41.78
CA MET A 18 -15.87 -10.31 42.71
C MET A 18 -14.60 -11.10 42.41
N MET A 19 -14.81 -12.35 42.00
CA MET A 19 -13.69 -13.22 41.69
C MET A 19 -13.33 -13.13 40.21
N ASP A 20 -14.35 -13.19 39.37
CA ASP A 20 -14.15 -13.11 37.94
C ASP A 20 -15.44 -13.49 37.22
N THR A 21 -16.01 -12.49 36.56
CA THR A 21 -17.26 -12.70 35.83
C THR A 21 -17.11 -13.88 34.85
N GLN A 22 -15.93 -13.97 34.25
CA GLN A 22 -15.66 -15.03 33.31
C GLN A 22 -14.21 -14.95 32.82
N LEU A 23 -13.33 -14.59 33.75
CA LEU A 23 -11.92 -14.48 33.42
C LEU A 23 -11.76 -13.82 32.05
N THR A 24 -12.72 -12.97 31.73
CA THR A 24 -12.71 -12.27 30.46
C THR A 24 -11.75 -11.07 30.51
N LYS A 25 -10.48 -11.36 30.23
CA LYS A 25 -9.46 -10.33 30.25
C LYS A 25 -8.44 -10.60 29.14
N ARG A 26 -7.41 -9.78 29.11
CA ARG A 26 -6.37 -9.93 28.11
C ARG A 26 -5.25 -10.83 28.64
N VAL A 27 -4.10 -10.75 27.99
CA VAL A 27 -2.95 -11.55 28.38
C VAL A 27 -2.17 -10.82 29.48
N LYS A 28 -2.92 -10.35 30.47
CA LYS A 28 -2.33 -9.63 31.59
C LYS A 28 -2.17 -8.15 31.21
N ASN A 29 -3.26 -7.57 30.74
CA ASN A 29 -3.26 -6.18 30.34
C ASN A 29 -1.96 -5.85 29.63
N ALA A 30 -1.42 -6.87 28.96
CA ALA A 30 -0.17 -6.70 28.24
C ALA A 30 -0.42 -5.88 26.98
N ALA A 31 -1.69 -5.67 26.69
CA ALA A 31 -2.09 -4.90 25.52
C ALA A 31 -3.40 -4.18 25.81
N ALA A 32 -4.38 -4.96 26.27
CA ALA A 32 -5.69 -4.40 26.59
C ALA A 32 -6.26 -3.72 25.34
N ASN A 33 -5.69 -4.08 24.20
CA ASN A 33 -6.15 -3.52 22.94
C ASN A 33 -5.41 -2.20 22.68
N VAL A 34 -4.42 -1.93 23.52
CA VAL A 34 -3.64 -0.72 23.40
C VAL A 34 -4.56 0.44 23.02
N LEU A 35 -5.80 0.34 23.47
CA LEU A 35 -6.79 1.37 23.19
C LEU A 35 -7.15 1.33 21.70
N ARG A 36 -6.13 1.50 20.88
CA ARG A 36 -6.32 1.48 19.44
C ARG A 36 -6.36 0.05 18.91
N GLU A 37 -5.42 -0.76 19.40
CA GLU A 37 -5.34 -2.15 19.00
C GLU A 37 -4.87 -2.26 17.55
N THR A 38 -3.90 -1.41 17.21
CA THR A 38 -3.36 -1.39 15.87
C THR A 38 -2.21 -2.40 15.76
N TRP A 39 -2.42 -3.56 16.36
CA TRP A 39 -1.41 -4.61 16.34
C TRP A 39 -2.13 -5.95 16.23
N LEU A 40 -3.43 -5.88 15.97
CA LEU A 40 -4.24 -7.07 15.85
C LEU A 40 -5.25 -6.88 14.71
N ILE A 41 -5.78 -5.68 14.63
CA ILE A 41 -6.76 -5.36 13.60
C ILE A 41 -6.03 -4.72 12.41
N TYR A 42 -4.80 -4.29 12.66
CA TYR A 42 -4.00 -3.66 11.63
C TYR A 42 -3.83 -4.59 10.43
N LYS A 43 -2.99 -4.16 9.49
CA LYS A 43 -2.73 -4.95 8.30
C LYS A 43 -1.23 -4.97 8.03
N ASN A 44 -0.69 -6.18 7.94
CA ASN A 44 0.73 -6.35 7.68
C ASN A 44 0.93 -6.73 6.22
N THR A 45 0.31 -7.84 5.82
CA THR A 45 0.42 -8.32 4.46
C THR A 45 0.38 -7.15 3.48
N LYS A 46 1.13 -7.30 2.40
CA LYS A 46 1.19 -6.27 1.38
C LYS A 46 1.84 -5.01 1.97
N LEU A 47 3.07 -4.77 1.56
CA LEU A 47 3.82 -3.62 2.04
C LEU A 47 4.73 -3.11 0.93
N VAL A 48 4.10 -2.71 -0.17
CA VAL A 48 4.85 -2.20 -1.32
C VAL A 48 4.11 -0.99 -1.90
N LYS A 49 4.71 0.17 -1.69
CA LYS A 49 4.13 1.41 -2.19
C LYS A 49 4.68 1.71 -3.58
N LYS A 50 3.88 2.42 -4.36
CA LYS A 50 4.28 2.78 -5.71
C LYS A 50 5.58 3.57 -5.66
N ILE A 51 6.60 3.00 -6.27
CA ILE A 51 7.92 3.63 -6.31
C ILE A 51 7.77 5.04 -6.90
N ASP A 52 8.90 5.73 -6.95
CA ASP A 52 8.91 7.09 -7.49
C ASP A 52 10.31 7.39 -8.03
N HIS A 53 11.17 7.85 -7.14
CA HIS A 53 12.54 8.19 -7.51
C HIS A 53 12.54 9.45 -8.37
N ALA A 54 12.53 10.59 -7.70
CA ALA A 54 12.53 11.87 -8.39
C ALA A 54 12.52 13.00 -7.36
N LYS A 55 13.24 14.06 -7.69
CA LYS A 55 13.32 15.21 -6.81
C LYS A 55 12.56 16.38 -7.42
N VAL A 56 12.65 16.48 -8.74
CA VAL A 56 11.97 17.54 -9.46
C VAL A 56 11.67 17.07 -10.89
N ARG A 57 11.61 15.76 -11.04
CA ARG A 57 11.31 15.17 -12.33
C ARG A 57 12.47 15.42 -13.30
N LYS A 58 12.93 14.35 -13.92
CA LYS A 58 14.03 14.45 -14.87
C LYS A 58 13.49 14.91 -16.23
N HIS A 59 14.38 15.51 -17.01
CA HIS A 59 14.01 16.01 -18.32
C HIS A 59 15.23 16.62 -19.01
N GLN A 60 16.00 15.74 -19.66
CA GLN A 60 17.19 16.19 -20.36
C GLN A 60 16.87 16.50 -21.82
N ARG A 61 17.86 17.07 -22.50
CA ARG A 61 17.69 17.42 -23.91
C ARG A 61 18.91 16.99 -24.71
N LYS A 62 18.78 17.07 -26.02
CA LYS A 62 19.86 16.69 -26.92
C LYS A 62 19.80 17.56 -28.18
N PHE A 63 20.76 17.33 -29.05
CA PHE A 63 20.84 18.08 -30.29
C PHE A 63 21.83 17.44 -31.27
N LEU A 64 21.28 16.84 -32.31
CA LEU A 64 22.10 16.18 -33.32
C LEU A 64 21.80 16.78 -34.69
N GLN A 65 22.53 16.31 -35.69
CA GLN A 65 22.35 16.79 -37.05
C GLN A 65 22.00 18.28 -37.03
N ALA A 66 23.02 19.10 -37.02
CA ALA A 66 22.84 20.54 -37.01
C ALA A 66 24.20 21.23 -37.01
N ILE A 67 24.65 21.60 -38.21
CA ILE A 67 25.93 22.26 -38.35
C ILE A 67 25.77 23.48 -39.25
N HIS A 68 26.17 23.30 -40.51
CA HIS A 68 26.07 24.38 -41.48
C HIS A 68 25.42 23.86 -42.76
N GLN A 69 24.27 23.23 -42.59
CA GLN A 69 23.54 22.67 -43.71
C GLN A 69 24.51 22.03 -44.71
N LEU A 70 24.78 20.76 -44.47
CA LEU A 70 25.69 20.02 -45.34
C LEU A 70 24.97 19.66 -46.65
N ARG A 71 25.64 19.94 -47.75
CA ARG A 71 25.07 19.66 -49.06
C ARG A 71 26.04 20.09 -50.17
N SER A 72 25.98 19.38 -51.28
CA SER A 72 26.83 19.69 -52.41
C SER A 72 26.10 20.59 -53.40
N VAL A 73 26.87 21.10 -54.36
CA VAL A 73 26.30 21.98 -55.37
C VAL A 73 26.11 21.20 -56.67
N LYS A 74 26.16 19.88 -56.55
CA LYS A 74 26.00 19.01 -57.71
C LYS A 74 26.89 19.51 -58.84
N MET A 75 28.12 19.02 -58.85
CA MET A 75 29.08 19.41 -59.87
C MET A 75 29.08 18.40 -61.02
N GLU A 76 29.10 18.93 -62.23
CA GLU A 76 29.11 18.10 -63.42
C GLU A 76 29.57 18.90 -64.63
N GLN A 77 30.58 18.37 -65.31
CA GLN A 77 31.12 19.02 -66.49
C GLN A 77 29.99 19.36 -67.47
N ARG A 78 30.36 20.13 -68.49
CA ARG A 78 29.40 20.53 -69.50
C ARG A 78 30.08 20.70 -70.86
N LYS A 79 29.63 19.93 -71.83
CA LYS A 79 30.20 19.98 -73.16
C LYS A 79 29.09 20.32 -74.16
N LEU A 80 29.45 21.13 -75.15
CA LEU A 80 28.50 21.54 -76.17
C LEU A 80 29.17 22.52 -77.13
N ASN A 81 30.01 23.37 -76.56
CA ASN A 81 30.73 24.36 -77.34
C ASN A 81 31.92 23.69 -78.04
N ASP A 82 31.61 22.64 -78.79
CA ASP A 82 32.65 21.91 -79.51
C ASP A 82 32.13 21.55 -80.91
N GLN A 83 30.99 20.85 -80.92
CA GLN A 83 30.40 20.44 -82.18
C GLN A 83 29.25 21.38 -82.55
N ALA A 84 29.49 22.18 -83.58
CA ALA A 84 28.51 23.14 -84.04
C ALA A 84 29.01 23.81 -85.31
N ASN A 85 29.35 22.98 -86.29
CA ASN A 85 29.85 23.48 -87.56
C ASN A 85 28.73 23.44 -88.60
N THR A 86 28.18 24.60 -88.89
CA THR A 86 27.10 24.71 -89.86
C THR A 86 26.76 26.18 -90.12
N LEU A 87 27.03 26.60 -91.35
CA LEU A 87 26.75 27.98 -91.75
C LEU A 87 27.05 28.14 -93.23
N VAL A 88 28.13 27.50 -93.67
CA VAL A 88 28.53 27.56 -95.06
C VAL A 88 28.34 29.00 -95.57
N ASP A 89 28.92 29.94 -94.84
CA ASP A 89 28.82 31.34 -95.21
C ASP A 89 29.54 32.19 -94.17
N LEU A 90 30.69 32.71 -94.55
CA LEU A 90 31.48 33.53 -93.67
C LEU A 90 31.06 35.00 -93.83
N ALA A 91 29.94 35.19 -94.50
CA ALA A 91 29.42 36.52 -94.74
C ALA A 91 30.17 37.15 -95.91
N LYS A 92 30.12 36.47 -97.05
CA LYS A 92 30.78 36.95 -98.25
C LYS A 92 30.33 36.12 -99.44
N THR A 93 29.49 36.73 -100.26
CA THR A 93 28.98 36.06 -101.46
C THR A 93 29.06 36.98 -102.66
N GLN A 94 30.22 36.95 -103.32
CA GLN A 94 30.44 37.77 -104.49
C GLN A 94 31.51 37.14 -105.39
N ARG A 3 -2.99 -53.59 28.81
CA ARG A 3 -2.85 -52.88 27.55
C ARG A 3 -1.39 -52.86 27.11
N LYS A 4 -1.20 -52.56 25.83
CA LYS A 4 0.14 -52.51 25.27
C LYS A 4 0.92 -51.37 25.92
N LEU A 5 1.93 -51.75 26.69
CA LEU A 5 2.75 -50.77 27.37
C LEU A 5 1.93 -50.08 28.46
N GLU A 6 2.57 -49.85 29.59
CA GLU A 6 1.91 -49.20 30.71
C GLU A 6 1.80 -47.70 30.45
N LEU A 7 0.82 -47.09 31.10
CA LEU A 7 0.59 -45.66 30.96
C LEU A 7 1.93 -44.92 31.10
N THR A 8 2.16 -44.03 30.14
CA THR A 8 3.40 -43.26 30.14
C THR A 8 3.67 -42.69 31.54
N LYS A 9 4.80 -43.11 32.10
CA LYS A 9 5.19 -42.65 33.42
C LYS A 9 5.40 -41.13 33.39
N ALA A 10 4.55 -40.43 34.12
CA ALA A 10 4.63 -38.99 34.19
C ALA A 10 3.79 -38.48 35.37
N GLU A 11 2.48 -38.46 35.15
CA GLU A 11 1.56 -38.01 36.18
C GLU A 11 1.75 -36.51 36.43
N LYS A 12 2.54 -35.89 35.56
CA LYS A 12 2.80 -34.46 35.68
C LYS A 12 2.38 -33.76 34.38
N HIS A 13 2.72 -34.39 33.27
CA HIS A 13 2.39 -33.84 31.97
C HIS A 13 2.95 -32.42 31.85
N VAL A 14 4.27 -32.33 31.94
CA VAL A 14 4.95 -31.05 31.84
C VAL A 14 4.57 -30.19 33.05
N HIS A 15 5.59 -29.62 33.68
CA HIS A 15 5.38 -28.78 34.85
C HIS A 15 5.14 -27.33 34.40
N ASN A 16 6.17 -26.78 33.79
CA ASN A 16 6.10 -25.41 33.30
C ASN A 16 7.47 -24.99 32.76
N PHE A 17 7.61 -25.11 31.45
CA PHE A 17 8.86 -24.76 30.79
C PHE A 17 8.66 -23.55 29.87
N MET A 18 7.68 -23.66 29.00
CA MET A 18 7.38 -22.59 28.06
C MET A 18 6.47 -21.53 28.71
N MET A 19 5.36 -22.01 29.24
CA MET A 19 4.41 -21.13 29.89
C MET A 19 3.77 -20.17 28.88
N ASP A 20 2.44 -20.22 28.82
CA ASP A 20 1.70 -19.38 27.90
C ASP A 20 2.40 -19.37 26.53
N THR A 21 2.05 -20.35 25.72
CA THR A 21 2.62 -20.46 24.39
C THR A 21 1.81 -19.67 23.37
N GLN A 22 1.80 -18.36 23.55
CA GLN A 22 1.07 -17.49 22.66
C GLN A 22 1.33 -16.02 23.01
N LEU A 23 1.24 -15.74 24.30
CA LEU A 23 1.47 -14.38 24.78
C LEU A 23 2.07 -14.44 26.19
N THR A 24 3.39 -14.24 26.24
CA THR A 24 4.08 -14.26 27.52
C THR A 24 4.63 -12.88 27.85
N LYS A 25 3.95 -11.87 27.34
CA LYS A 25 4.35 -10.49 27.58
C LYS A 25 4.34 -10.20 29.07
N ARG A 26 3.93 -9.00 29.42
CA ARG A 26 3.87 -8.59 30.82
C ARG A 26 3.15 -7.24 30.95
N VAL A 27 3.65 -6.43 31.86
CA VAL A 27 3.08 -5.12 32.09
C VAL A 27 1.56 -5.18 31.85
N LYS A 28 0.98 -6.29 32.28
CA LYS A 28 -0.46 -6.49 32.12
C LYS A 28 -0.79 -6.61 30.63
N ASN A 29 -0.15 -7.59 30.00
CA ASN A 29 -0.36 -7.83 28.58
C ASN A 29 0.59 -6.94 27.77
N ALA A 30 0.65 -5.68 28.17
CA ALA A 30 1.51 -4.73 27.49
C ALA A 30 0.75 -4.11 26.31
N ALA A 31 -0.25 -4.84 25.84
CA ALA A 31 -1.06 -4.38 24.73
C ALA A 31 -2.23 -3.56 25.27
N ALA A 32 -2.93 -4.14 26.24
CA ALA A 32 -4.08 -3.49 26.83
C ALA A 32 -5.09 -3.14 25.74
N ASN A 33 -4.93 -3.79 24.61
CA ASN A 33 -5.82 -3.55 23.48
C ASN A 33 -5.40 -2.28 22.74
N VAL A 34 -4.16 -1.88 23.00
CA VAL A 34 -3.61 -0.70 22.36
C VAL A 34 -4.66 0.41 22.39
N LEU A 35 -5.54 0.33 23.39
CA LEU A 35 -6.60 1.33 23.53
C LEU A 35 -7.12 1.71 22.15
N ARG A 36 -7.07 0.75 21.24
CA ARG A 36 -7.54 0.97 19.88
C ARG A 36 -7.50 -0.32 19.08
N GLU A 37 -6.50 -1.14 19.41
CA GLU A 37 -6.34 -2.42 18.73
C GLU A 37 -5.43 -2.25 17.51
N THR A 38 -4.13 -2.33 17.76
CA THR A 38 -3.14 -2.18 16.70
C THR A 38 -2.71 -3.56 16.18
N TRP A 39 -2.90 -4.56 17.03
CA TRP A 39 -2.53 -5.92 16.69
C TRP A 39 -3.72 -6.55 15.94
N LEU A 40 -4.85 -5.87 16.02
CA LEU A 40 -6.05 -6.34 15.35
C LEU A 40 -6.16 -5.71 13.96
N ILE A 41 -5.71 -4.46 13.88
CA ILE A 41 -5.75 -3.74 12.62
C ILE A 41 -4.54 -4.12 11.78
N TYR A 42 -3.42 -4.32 12.46
CA TYR A 42 -2.18 -4.70 11.79
C TYR A 42 -1.86 -3.72 10.66
N LYS A 43 -0.72 -3.97 10.02
CA LYS A 43 -0.29 -3.11 8.92
C LYS A 43 -1.29 -3.22 7.77
N ASN A 44 -1.73 -4.44 7.52
CA ASN A 44 -2.69 -4.68 6.46
C ASN A 44 -2.11 -4.19 5.13
N THR A 45 -1.71 -5.14 4.30
CA THR A 45 -1.13 -4.83 3.01
C THR A 45 -1.92 -3.69 2.34
N LYS A 46 -1.32 -2.51 2.37
CA LYS A 46 -1.94 -1.35 1.77
C LYS A 46 -2.26 -1.64 0.30
N LEU A 47 -3.56 -1.68 0.00
CA LEU A 47 -4.00 -1.95 -1.36
C LEU A 47 -4.51 -0.65 -1.99
N VAL A 48 -3.63 0.34 -2.00
CA VAL A 48 -3.98 1.63 -2.57
C VAL A 48 -2.82 2.12 -3.45
N LYS A 49 -2.67 1.46 -4.58
CA LYS A 49 -1.60 1.82 -5.52
C LYS A 49 -0.24 1.53 -4.87
N LYS A 50 -0.17 0.37 -4.24
CA LYS A 50 1.06 -0.04 -3.58
C LYS A 50 2.21 -0.01 -4.59
N ILE A 51 3.38 -0.42 -4.12
CA ILE A 51 4.56 -0.45 -4.97
C ILE A 51 4.28 -1.31 -6.21
N ASP A 52 5.28 -1.40 -7.07
CA ASP A 52 5.15 -2.18 -8.29
C ASP A 52 4.04 -1.59 -9.15
N HIS A 53 4.40 -1.25 -10.38
CA HIS A 53 3.45 -0.67 -11.31
C HIS A 53 3.14 -1.69 -12.41
N ALA A 54 4.19 -2.36 -12.87
CA ALA A 54 4.04 -3.35 -13.92
C ALA A 54 3.48 -2.68 -15.18
N LYS A 55 3.83 -3.25 -16.32
CA LYS A 55 3.38 -2.72 -17.59
C LYS A 55 4.13 -1.43 -17.90
N VAL A 56 3.98 -0.46 -17.00
CA VAL A 56 4.63 0.82 -17.16
C VAL A 56 4.50 1.27 -18.62
N ARG A 57 3.26 1.47 -19.03
CA ARG A 57 2.99 1.91 -20.39
C ARG A 57 1.85 2.93 -20.41
N LYS A 58 2.21 4.17 -20.11
CA LYS A 58 1.24 5.25 -20.07
C LYS A 58 0.97 5.72 -21.51
N HIS A 59 0.42 4.83 -22.31
CA HIS A 59 0.11 5.14 -23.69
C HIS A 59 -0.47 3.91 -24.38
N GLN A 60 -1.77 3.97 -24.64
CA GLN A 60 -2.47 2.88 -25.30
C GLN A 60 -3.59 3.42 -26.19
N ARG A 61 -4.19 2.50 -26.94
CA ARG A 61 -5.27 2.87 -27.84
C ARG A 61 -4.76 3.79 -28.94
N LYS A 62 -3.95 3.22 -29.81
CA LYS A 62 -3.38 3.97 -30.92
C LYS A 62 -4.30 3.84 -32.13
N PHE A 63 -4.49 4.97 -32.82
CA PHE A 63 -5.34 4.99 -33.99
C PHE A 63 -5.02 6.22 -34.86
N LEU A 64 -4.12 6.01 -35.81
CA LEU A 64 -3.73 7.09 -36.71
C LEU A 64 -2.52 6.63 -37.53
N GLN A 65 -1.49 6.19 -36.82
CA GLN A 65 -0.28 5.73 -37.48
C GLN A 65 -0.02 6.54 -38.75
N ALA A 66 0.62 5.88 -39.71
CA ALA A 66 0.93 6.53 -40.97
C ALA A 66 2.11 7.48 -40.77
N ILE A 67 3.30 7.00 -41.12
CA ILE A 67 4.50 7.79 -40.98
C ILE A 67 4.46 8.94 -42.00
N HIS A 68 3.65 8.75 -43.02
CA HIS A 68 3.51 9.77 -44.06
C HIS A 68 2.18 10.50 -43.88
N GLN A 69 2.12 11.30 -42.83
CA GLN A 69 0.92 12.08 -42.54
C GLN A 69 0.84 13.30 -43.44
N LEU A 70 0.87 13.05 -44.74
CA LEU A 70 0.80 14.12 -45.72
C LEU A 70 1.89 15.16 -45.41
N ARG A 71 1.96 16.16 -46.27
CA ARG A 71 2.95 17.22 -46.09
C ARG A 71 2.81 18.26 -47.20
N SER A 72 1.86 19.16 -47.01
CA SER A 72 1.60 20.21 -47.98
C SER A 72 0.61 21.22 -47.42
N VAL A 73 1.00 22.48 -47.46
CA VAL A 73 0.16 23.55 -46.95
C VAL A 73 -0.69 24.11 -48.10
N LYS A 74 -1.50 23.23 -48.67
CA LYS A 74 -2.36 23.61 -49.78
C LYS A 74 -1.59 24.53 -50.73
N MET A 75 -0.60 23.94 -51.38
CA MET A 75 0.23 24.69 -52.32
C MET A 75 -0.23 24.45 -53.76
N GLU A 76 -0.57 23.20 -54.05
CA GLU A 76 -1.04 22.83 -55.37
C GLU A 76 0.07 23.10 -56.41
N GLN A 77 0.38 22.07 -57.17
CA GLN A 77 1.40 22.18 -58.19
C GLN A 77 0.80 22.72 -59.50
N ARG A 78 1.23 23.91 -59.86
CA ARG A 78 0.74 24.54 -61.07
C ARG A 78 -0.78 24.70 -61.01
N LYS A 79 -1.21 25.95 -60.97
CA LYS A 79 -2.63 26.25 -60.90
C LYS A 79 -3.20 26.30 -62.32
N LEU A 80 -2.99 27.44 -62.96
CA LEU A 80 -3.47 27.64 -64.32
C LEU A 80 -2.50 28.54 -65.08
N ASN A 81 -2.83 28.80 -66.33
CA ASN A 81 -2.00 29.64 -67.17
C ASN A 81 -0.53 29.29 -66.93
N ASP A 82 -0.27 28.00 -66.80
CA ASP A 82 1.08 27.53 -66.56
C ASP A 82 1.33 26.27 -67.40
N GLN A 83 2.24 26.39 -68.35
CA GLN A 83 2.58 25.27 -69.21
C GLN A 83 4.08 25.26 -69.51
N ALA A 84 4.58 26.44 -69.84
CA ALA A 84 6.00 26.58 -70.16
C ALA A 84 6.63 27.59 -69.20
N ASN A 85 6.40 27.36 -67.91
CA ASN A 85 6.93 28.24 -66.88
C ASN A 85 6.25 29.60 -66.97
N THR A 86 6.74 30.40 -67.91
CA THR A 86 6.18 31.73 -68.12
C THR A 86 5.89 32.40 -66.78
N LEU A 87 6.96 32.62 -66.02
CA LEU A 87 6.83 33.24 -64.71
C LEU A 87 8.23 33.45 -64.12
N VAL A 88 9.09 32.47 -64.35
CA VAL A 88 10.45 32.53 -63.84
C VAL A 88 11.43 32.53 -65.01
N ASP A 89 11.28 33.52 -65.88
CA ASP A 89 12.14 33.65 -67.04
C ASP A 89 11.74 34.88 -67.84
N LEU A 90 10.43 35.13 -67.88
CA LEU A 90 9.90 36.27 -68.59
C LEU A 90 10.13 37.54 -67.78
N ALA A 91 10.80 37.36 -66.64
CA ALA A 91 11.09 38.47 -65.77
C ALA A 91 12.29 39.25 -66.32
N LYS A 92 13.37 38.52 -66.56
CA LYS A 92 14.58 39.12 -67.09
C LYS A 92 15.20 40.02 -66.01
N THR A 93 16.21 40.76 -66.43
CA THR A 93 16.90 41.66 -65.53
C THR A 93 15.96 42.81 -65.11
N GLN A 94 14.83 42.88 -65.78
CA GLN A 94 13.85 43.91 -65.48
C GLN A 94 14.44 45.30 -65.72
N ARG A 3 -6.98 7.06 87.13
CA ARG A 3 -8.36 7.35 86.81
C ARG A 3 -8.51 7.60 85.30
N LYS A 4 -9.75 7.52 84.85
CA LYS A 4 -10.05 7.74 83.44
C LYS A 4 -9.43 6.61 82.62
N LEU A 5 -10.04 6.37 81.46
CA LEU A 5 -9.57 5.32 80.57
C LEU A 5 -9.46 5.87 79.15
N GLU A 6 -8.74 5.13 78.31
CA GLU A 6 -8.56 5.54 76.93
C GLU A 6 -8.71 4.32 76.00
N LEU A 7 -9.23 4.59 74.81
CA LEU A 7 -9.44 3.54 73.83
C LEU A 7 -10.08 4.14 72.58
N THR A 8 -9.40 3.97 71.46
CA THR A 8 -9.89 4.48 70.20
C THR A 8 -9.00 4.00 69.05
N LYS A 9 -9.61 3.23 68.16
CA LYS A 9 -8.89 2.70 67.01
C LYS A 9 -8.42 3.85 66.13
N ALA A 10 -7.14 3.81 65.78
CA ALA A 10 -6.56 4.84 64.94
C ALA A 10 -5.09 4.51 64.67
N GLU A 11 -4.87 3.86 63.54
CA GLU A 11 -3.52 3.48 63.15
C GLU A 11 -2.69 4.72 62.82
N LYS A 12 -2.10 5.29 63.86
CA LYS A 12 -1.27 6.48 63.70
C LYS A 12 -1.80 7.31 62.52
N HIS A 13 -3.10 7.58 62.58
CA HIS A 13 -3.74 8.36 61.53
C HIS A 13 -3.36 7.80 60.16
N VAL A 14 -4.20 6.91 59.66
CA VAL A 14 -3.97 6.29 58.37
C VAL A 14 -4.84 5.05 58.24
N HIS A 15 -5.26 4.79 57.01
CA HIS A 15 -6.10 3.63 56.73
C HIS A 15 -6.09 3.33 55.23
N ASN A 16 -6.15 2.05 54.92
CA ASN A 16 -6.14 1.61 53.53
C ASN A 16 -7.30 2.30 52.78
N PHE A 17 -6.97 3.42 52.15
CA PHE A 17 -7.97 4.16 51.40
C PHE A 17 -7.96 3.77 49.93
N MET A 18 -6.76 3.80 49.36
CA MET A 18 -6.59 3.44 47.96
C MET A 18 -5.10 3.34 47.59
N MET A 19 -4.65 2.12 47.44
CA MET A 19 -3.25 1.87 47.09
C MET A 19 -2.96 2.30 45.66
N ASP A 20 -3.87 1.93 44.77
CA ASP A 20 -3.73 2.27 43.36
C ASP A 20 -4.75 1.48 42.54
N THR A 21 -5.99 1.94 42.58
CA THR A 21 -7.05 1.29 41.84
C THR A 21 -7.55 2.18 40.70
N GLN A 22 -6.61 2.54 39.84
CA GLN A 22 -6.93 3.38 38.70
C GLN A 22 -5.70 3.57 37.81
N LEU A 23 -4.73 4.31 38.35
CA LEU A 23 -3.50 4.58 37.62
C LEU A 23 -2.91 3.25 37.12
N THR A 24 -2.71 2.34 38.06
CA THR A 24 -2.16 1.03 37.73
C THR A 24 -1.09 1.17 36.64
N LYS A 25 0.14 1.35 37.09
CA LYS A 25 1.26 1.49 36.17
C LYS A 25 0.82 2.32 34.96
N ARG A 26 1.23 1.86 33.79
CA ARG A 26 0.88 2.54 32.55
C ARG A 26 0.76 1.54 31.41
N VAL A 27 1.16 1.99 30.22
CA VAL A 27 1.10 1.15 29.04
C VAL A 27 -0.26 0.46 28.98
N LYS A 28 -1.31 1.27 29.04
CA LYS A 28 -2.66 0.75 28.99
C LYS A 28 -2.79 -0.42 29.97
N ASN A 29 -1.92 -0.41 30.98
CA ASN A 29 -1.93 -1.45 31.97
C ASN A 29 -1.85 -2.82 31.28
N ALA A 30 -0.64 -3.23 30.99
CA ALA A 30 -0.42 -4.51 30.34
C ALA A 30 -0.59 -4.33 28.82
N ALA A 31 -0.99 -3.14 28.44
CA ALA A 31 -1.19 -2.82 27.03
C ALA A 31 -2.61 -3.24 26.62
N ALA A 32 -3.53 -3.10 27.57
CA ALA A 32 -4.91 -3.46 27.32
C ALA A 32 -5.34 -2.91 25.96
N ASN A 33 -5.36 -3.81 24.98
CA ASN A 33 -5.75 -3.43 23.63
C ASN A 33 -4.98 -2.17 23.22
N VAL A 34 -3.83 -1.98 23.86
CA VAL A 34 -3.00 -0.83 23.56
C VAL A 34 -3.88 0.40 23.32
N LEU A 35 -5.02 0.40 24.01
CA LEU A 35 -5.96 1.50 23.87
C LEU A 35 -6.07 1.91 22.40
N ARG A 36 -6.58 0.99 21.60
CA ARG A 36 -6.74 1.23 20.18
C ARG A 36 -7.07 -0.07 19.44
N GLU A 37 -6.55 -1.16 19.99
CA GLU A 37 -6.78 -2.47 19.40
C GLU A 37 -6.64 -2.40 17.88
N THR A 38 -5.42 -2.11 17.44
CA THR A 38 -5.14 -2.02 16.02
C THR A 38 -4.21 -3.16 15.58
N TRP A 39 -3.86 -4.00 16.55
CA TRP A 39 -2.99 -5.13 16.27
C TRP A 39 -3.80 -6.18 15.52
N LEU A 40 -5.06 -5.86 15.30
CA LEU A 40 -5.95 -6.78 14.60
C LEU A 40 -5.72 -6.66 13.09
N ILE A 41 -5.39 -5.45 12.68
CA ILE A 41 -5.14 -5.18 11.27
C ILE A 41 -3.64 -5.13 11.02
N TYR A 42 -2.98 -4.26 11.77
CA TYR A 42 -1.54 -4.10 11.65
C TYR A 42 -1.10 -4.28 10.20
N LYS A 43 -1.83 -3.62 9.31
CA LYS A 43 -1.52 -3.69 7.88
C LYS A 43 -2.08 -2.45 7.19
N ASN A 44 -1.58 -1.30 7.63
CA ASN A 44 -2.02 -0.04 7.06
C ASN A 44 -1.39 0.13 5.68
N THR A 45 -0.07 0.01 5.64
CA THR A 45 0.66 0.15 4.39
C THR A 45 0.26 -0.96 3.42
N LYS A 46 0.09 -0.56 2.16
CA LYS A 46 -0.29 -1.50 1.13
C LYS A 46 0.94 -1.90 0.31
N LEU A 47 1.87 -2.56 0.99
CA LEU A 47 3.10 -2.99 0.36
C LEU A 47 2.83 -4.28 -0.43
N VAL A 48 1.95 -4.18 -1.41
CA VAL A 48 1.59 -5.32 -2.23
C VAL A 48 0.73 -4.86 -3.40
N LYS A 49 1.15 -5.24 -4.59
CA LYS A 49 0.42 -4.87 -5.80
C LYS A 49 0.39 -6.07 -6.75
N LYS A 50 -0.58 -6.03 -7.66
CA LYS A 50 -0.72 -7.10 -8.64
C LYS A 50 0.55 -7.20 -9.48
N ILE A 51 1.34 -8.22 -9.19
CA ILE A 51 2.58 -8.45 -9.91
C ILE A 51 2.29 -8.48 -11.41
N ASP A 52 3.35 -8.62 -12.18
CA ASP A 52 3.24 -8.67 -13.63
C ASP A 52 3.35 -10.12 -14.10
N HIS A 53 2.23 -10.83 -14.00
CA HIS A 53 2.20 -12.22 -14.41
C HIS A 53 2.56 -12.33 -15.89
N ALA A 54 1.61 -11.94 -16.74
CA ALA A 54 1.83 -11.99 -18.17
C ALA A 54 0.99 -10.89 -18.84
N LYS A 55 1.37 -10.58 -20.07
CA LYS A 55 0.68 -9.55 -20.82
C LYS A 55 0.99 -9.71 -22.31
N VAL A 56 0.05 -10.34 -23.01
CA VAL A 56 0.22 -10.57 -24.44
C VAL A 56 -1.05 -11.23 -25.00
N ARG A 57 -1.88 -10.42 -25.63
CA ARG A 57 -3.12 -10.90 -26.21
C ARG A 57 -2.93 -11.19 -27.70
N LYS A 58 -2.46 -12.41 -27.97
CA LYS A 58 -2.23 -12.82 -29.35
C LYS A 58 -3.43 -12.42 -30.20
N HIS A 59 -3.14 -12.00 -31.43
CA HIS A 59 -4.18 -11.59 -32.35
C HIS A 59 -3.56 -11.22 -33.70
N GLN A 60 -3.72 -12.13 -34.65
CA GLN A 60 -3.18 -11.91 -35.98
C GLN A 60 -4.14 -12.46 -37.04
N ARG A 61 -3.96 -11.99 -38.26
CA ARG A 61 -4.80 -12.42 -39.37
C ARG A 61 -3.94 -12.83 -40.56
N LYS A 62 -3.59 -14.12 -40.58
CA LYS A 62 -2.76 -14.65 -41.65
C LYS A 62 -3.46 -14.40 -42.99
N PHE A 63 -3.01 -15.12 -44.00
CA PHE A 63 -3.57 -14.99 -45.33
C PHE A 63 -4.17 -16.32 -45.81
N LEU A 64 -4.97 -16.22 -46.87
CA LEU A 64 -5.60 -17.40 -47.43
C LEU A 64 -6.08 -17.09 -48.86
N GLN A 65 -6.72 -15.94 -48.99
CA GLN A 65 -7.23 -15.52 -50.28
C GLN A 65 -6.11 -15.55 -51.33
N ALA A 66 -6.31 -16.39 -52.33
CA ALA A 66 -5.34 -16.54 -53.40
C ALA A 66 -6.06 -16.89 -54.70
N ILE A 67 -7.35 -16.58 -54.74
CA ILE A 67 -8.16 -16.87 -55.91
C ILE A 67 -8.40 -15.57 -56.68
N HIS A 68 -7.33 -15.06 -57.26
CA HIS A 68 -7.41 -13.82 -58.02
C HIS A 68 -7.96 -14.12 -59.42
N GLN A 69 -9.26 -14.35 -59.47
CA GLN A 69 -9.92 -14.65 -60.74
C GLN A 69 -9.17 -15.76 -61.47
N LEU A 70 -9.69 -16.09 -62.65
CA LEU A 70 -9.08 -17.13 -63.46
C LEU A 70 -9.76 -17.18 -64.83
N ARG A 71 -9.04 -16.70 -65.83
CA ARG A 71 -9.56 -16.67 -67.19
C ARG A 71 -8.53 -16.07 -68.14
N SER A 72 -8.79 -16.23 -69.43
CA SER A 72 -7.90 -15.71 -70.45
C SER A 72 -8.42 -14.35 -70.95
N VAL A 73 -7.58 -13.71 -71.75
CA VAL A 73 -7.94 -12.40 -72.30
C VAL A 73 -8.85 -12.61 -73.51
N LYS A 74 -8.95 -13.85 -73.94
CA LYS A 74 -9.78 -14.19 -75.08
C LYS A 74 -9.28 -13.44 -76.31
N MET A 75 -8.65 -14.19 -77.21
CA MET A 75 -8.12 -13.61 -78.43
C MET A 75 -7.45 -14.68 -79.30
N GLU A 76 -7.49 -14.44 -80.61
CA GLU A 76 -6.90 -15.37 -81.56
C GLU A 76 -6.50 -14.64 -82.84
N GLN A 77 -5.23 -14.81 -83.20
CA GLN A 77 -4.71 -14.17 -84.40
C GLN A 77 -5.60 -14.49 -85.61
N ARG A 78 -5.32 -13.81 -86.71
CA ARG A 78 -6.07 -14.01 -87.93
C ARG A 78 -5.39 -13.31 -89.10
N LYS A 79 -5.21 -14.06 -90.18
CA LYS A 79 -4.57 -13.52 -91.37
C LYS A 79 -5.52 -13.68 -92.56
N LEU A 80 -5.58 -12.64 -93.37
CA LEU A 80 -6.44 -12.65 -94.55
C LEU A 80 -6.41 -14.05 -95.17
N ASN A 81 -7.49 -14.35 -95.89
CA ASN A 81 -7.60 -15.64 -96.55
C ASN A 81 -8.83 -15.63 -97.46
N ASP A 82 -9.89 -15.01 -96.97
CA ASP A 82 -11.13 -14.93 -97.73
C ASP A 82 -10.93 -13.97 -98.91
N GLN A 83 -11.00 -14.53 -100.11
CA GLN A 83 -10.83 -13.73 -101.32
C GLN A 83 -9.42 -13.16 -101.38
N ALA A 84 -8.69 -13.58 -102.41
CA ALA A 84 -7.32 -13.11 -102.60
C ALA A 84 -6.97 -13.17 -104.08
N ASN A 85 -7.31 -12.08 -104.77
CA ASN A 85 -7.03 -12.00 -106.20
C ASN A 85 -7.62 -13.22 -106.90
N THR A 86 -8.77 -13.00 -107.52
CA THR A 86 -9.46 -14.07 -108.24
C THR A 86 -10.70 -13.52 -108.95
N LEU A 87 -10.44 -12.76 -110.01
CA LEU A 87 -11.52 -12.18 -110.80
C LEU A 87 -11.60 -12.88 -112.15
N VAL A 88 -10.57 -13.68 -112.42
CA VAL A 88 -10.52 -14.42 -113.68
C VAL A 88 -11.05 -13.53 -114.80
N ASP A 89 -10.82 -12.23 -114.64
CA ASP A 89 -11.27 -11.26 -115.64
C ASP A 89 -10.16 -10.25 -115.89
N LEU A 90 -9.08 -10.73 -116.49
CA LEU A 90 -7.94 -9.87 -116.80
C LEU A 90 -7.31 -10.33 -118.12
N ALA A 91 -8.09 -11.08 -118.88
CA ALA A 91 -7.62 -11.58 -120.16
C ALA A 91 -8.82 -11.99 -121.02
N LYS A 92 -9.51 -13.02 -120.56
CA LYS A 92 -10.67 -13.52 -121.27
C LYS A 92 -10.23 -14.09 -122.62
N THR A 93 -11.13 -14.86 -123.22
CA THR A 93 -10.86 -15.47 -124.50
C THR A 93 -9.41 -15.98 -124.55
N GLN A 94 -9.11 -16.89 -123.64
CA GLN A 94 -7.77 -17.46 -123.57
C GLN A 94 -7.83 -18.96 -123.80
N ARG A 3 -33.95 3.93 35.04
CA ARG A 3 -35.36 4.13 35.33
C ARG A 3 -36.16 4.26 34.03
N LYS A 4 -36.58 3.12 33.51
CA LYS A 4 -37.35 3.09 32.28
C LYS A 4 -36.48 3.62 31.14
N LEU A 5 -36.96 3.39 29.92
CA LEU A 5 -36.24 3.84 28.74
C LEU A 5 -36.76 5.21 28.31
N GLU A 6 -36.51 6.19 29.16
CA GLU A 6 -36.95 7.55 28.88
C GLU A 6 -35.90 8.30 28.07
N LEU A 7 -34.69 8.36 28.64
CA LEU A 7 -33.59 9.03 27.97
C LEU A 7 -32.31 8.79 28.77
N THR A 8 -31.51 7.86 28.29
CA THR A 8 -30.26 7.52 28.94
C THR A 8 -29.10 7.58 27.94
N LYS A 9 -28.95 8.73 27.32
CA LYS A 9 -27.89 8.92 26.34
C LYS A 9 -26.54 8.94 27.05
N ALA A 10 -26.23 7.82 27.70
CA ALA A 10 -24.98 7.70 28.42
C ALA A 10 -25.00 8.62 29.64
N GLU A 11 -24.56 9.85 29.41
CA GLU A 11 -24.53 10.84 30.48
C GLU A 11 -23.38 10.53 31.44
N LYS A 12 -22.54 9.59 31.03
CA LYS A 12 -21.40 9.20 31.85
C LYS A 12 -20.11 9.39 31.05
N HIS A 13 -20.17 8.98 29.78
CA HIS A 13 -19.02 9.10 28.91
C HIS A 13 -17.81 8.41 29.54
N VAL A 14 -17.86 7.09 29.54
CA VAL A 14 -16.78 6.30 30.12
C VAL A 14 -16.27 6.98 31.39
N HIS A 15 -16.98 6.75 32.47
CA HIS A 15 -16.62 7.34 33.75
C HIS A 15 -15.41 6.61 34.32
N ASN A 16 -15.59 5.31 34.56
CA ASN A 16 -14.52 4.50 35.10
C ASN A 16 -15.07 3.11 35.44
N PHE A 17 -14.95 2.20 34.48
CA PHE A 17 -15.43 0.85 34.67
C PHE A 17 -14.27 -0.12 34.90
N MET A 18 -13.26 0.00 34.03
CA MET A 18 -12.09 -0.85 34.12
C MET A 18 -10.88 -0.19 33.47
N MET A 19 -10.57 1.02 33.94
CA MET A 19 -9.45 1.77 33.42
C MET A 19 -8.33 1.88 34.45
N ASP A 20 -8.74 2.03 35.70
CA ASP A 20 -7.78 2.16 36.79
C ASP A 20 -8.33 1.42 38.02
N THR A 21 -9.39 1.98 38.59
CA THR A 21 -10.00 1.40 39.76
C THR A 21 -8.94 0.82 40.69
N GLN A 22 -8.14 1.71 41.26
CA GLN A 22 -7.08 1.30 42.16
C GLN A 22 -5.83 0.91 41.39
N LEU A 23 -6.01 -0.06 40.49
CA LEU A 23 -4.90 -0.53 39.68
C LEU A 23 -5.41 -1.59 38.70
N THR A 24 -5.35 -1.27 37.42
CA THR A 24 -5.80 -2.18 36.38
C THR A 24 -4.66 -3.12 35.97
N LYS A 25 -4.54 -4.21 36.71
CA LYS A 25 -3.51 -5.19 36.43
C LYS A 25 -2.22 -4.48 36.05
N ARG A 26 -1.65 -4.92 34.94
CA ARG A 26 -0.41 -4.32 34.44
C ARG A 26 -0.26 -4.58 32.94
N VAL A 27 0.92 -5.05 32.57
CA VAL A 27 1.20 -5.34 31.17
C VAL A 27 0.67 -6.73 30.83
N LYS A 28 -0.38 -7.12 31.52
CA LYS A 28 -0.99 -8.42 31.30
C LYS A 28 -2.49 -8.24 31.09
N ASN A 29 -3.09 -7.40 31.93
CA ASN A 29 -4.51 -7.14 31.84
C ASN A 29 -4.78 -5.66 32.15
N ALA A 30 -4.20 -4.81 31.30
CA ALA A 30 -4.37 -3.38 31.47
C ALA A 30 -4.26 -2.69 30.11
N ALA A 31 -3.49 -3.32 29.22
CA ALA A 31 -3.29 -2.78 27.89
C ALA A 31 -4.39 -3.31 26.97
N ALA A 32 -4.63 -4.61 27.07
CA ALA A 32 -5.65 -5.25 26.24
C ALA A 32 -5.27 -5.12 24.77
N ASN A 33 -5.58 -3.95 24.23
CA ASN A 33 -5.28 -3.69 22.83
C ASN A 33 -4.74 -2.26 22.69
N VAL A 34 -4.40 -1.68 23.83
CA VAL A 34 -3.86 -0.33 23.85
C VAL A 34 -4.91 0.63 23.29
N LEU A 35 -6.14 0.14 23.19
CA LEU A 35 -7.22 0.94 22.68
C LEU A 35 -7.12 1.02 21.15
N ARG A 36 -5.97 1.49 20.69
CA ARG A 36 -5.73 1.61 19.27
C ARG A 36 -5.92 0.26 18.57
N GLU A 37 -5.50 -0.78 19.27
CA GLU A 37 -5.61 -2.13 18.74
C GLU A 37 -5.08 -2.19 17.30
N THR A 38 -4.06 -1.37 17.05
CA THR A 38 -3.46 -1.32 15.73
C THR A 38 -2.68 -2.61 15.45
N TRP A 39 -2.39 -3.33 16.52
CA TRP A 39 -1.65 -4.58 16.40
C TRP A 39 -2.66 -5.72 16.28
N LEU A 40 -3.90 -5.42 16.64
CA LEU A 40 -4.96 -6.41 16.58
C LEU A 40 -5.68 -6.28 15.24
N ILE A 41 -5.95 -5.04 14.86
CA ILE A 41 -6.64 -4.77 13.61
C ILE A 41 -5.69 -5.03 12.44
N TYR A 42 -4.42 -4.74 12.68
CA TYR A 42 -3.41 -4.94 11.66
C TYR A 42 -3.77 -4.21 10.37
N LYS A 43 -3.03 -3.15 10.09
CA LYS A 43 -3.25 -2.35 8.90
C LYS A 43 -1.95 -1.65 8.51
N ASN A 44 -1.79 -1.49 7.20
CA ASN A 44 -0.59 -0.84 6.68
C ASN A 44 -0.99 0.08 5.52
N THR A 45 -1.50 -0.54 4.47
CA THR A 45 -1.91 0.20 3.29
C THR A 45 -0.90 1.30 2.96
N LYS A 46 0.35 0.88 2.80
CA LYS A 46 1.42 1.80 2.48
C LYS A 46 1.82 1.64 1.01
N LEU A 47 1.39 0.53 0.44
CA LEU A 47 1.69 0.23 -0.95
C LEU A 47 0.88 1.18 -1.84
N VAL A 48 1.32 2.42 -1.91
CA VAL A 48 0.65 3.42 -2.72
C VAL A 48 1.68 4.12 -3.60
N LYS A 49 2.02 3.47 -4.71
CA LYS A 49 2.97 4.04 -5.64
C LYS A 49 2.34 5.18 -6.41
N LYS A 50 2.58 6.39 -5.93
CA LYS A 50 2.03 7.59 -6.55
C LYS A 50 2.67 7.77 -7.93
N ILE A 51 2.28 6.90 -8.86
CA ILE A 51 2.80 6.96 -10.21
C ILE A 51 2.52 8.34 -10.80
N ASP A 52 2.97 8.53 -12.03
CA ASP A 52 2.77 9.79 -12.73
C ASP A 52 1.45 9.74 -13.51
N HIS A 53 0.36 9.92 -12.77
CA HIS A 53 -0.95 9.89 -13.38
C HIS A 53 -0.94 10.70 -14.69
N ALA A 54 -0.80 12.01 -14.54
CA ALA A 54 -0.77 12.89 -15.68
C ALA A 54 -2.15 12.91 -16.34
N LYS A 55 -2.19 13.54 -17.51
CA LYS A 55 -3.44 13.65 -18.25
C LYS A 55 -3.17 13.40 -19.74
N VAL A 56 -3.20 14.49 -20.50
CA VAL A 56 -2.95 14.40 -21.92
C VAL A 56 -1.50 14.78 -22.22
N ARG A 57 -0.60 14.13 -21.50
CA ARG A 57 0.82 14.38 -21.67
C ARG A 57 1.07 15.88 -21.88
N LYS A 58 1.26 16.57 -20.76
CA LYS A 58 1.50 18.01 -20.81
C LYS A 58 2.76 18.27 -21.65
N HIS A 59 2.55 18.41 -22.95
CA HIS A 59 3.65 18.67 -23.86
C HIS A 59 3.35 19.92 -24.68
N GLN A 60 3.38 19.75 -25.99
CA GLN A 60 3.12 20.86 -26.90
C GLN A 60 2.39 20.37 -28.14
N ARG A 61 1.27 21.03 -28.43
CA ARG A 61 0.48 20.66 -29.60
C ARG A 61 1.32 20.71 -30.86
N LYS A 62 1.39 19.58 -31.54
CA LYS A 62 2.16 19.47 -32.76
C LYS A 62 1.49 20.31 -33.85
N PHE A 63 1.99 20.15 -35.07
CA PHE A 63 1.46 20.88 -36.21
C PHE A 63 1.89 20.24 -37.53
N LEU A 64 0.90 19.88 -38.33
CA LEU A 64 1.17 19.26 -39.61
C LEU A 64 1.80 20.29 -40.55
N GLN A 65 2.21 19.81 -41.72
CA GLN A 65 2.83 20.69 -42.71
C GLN A 65 1.76 21.55 -43.39
N ALA A 66 1.81 22.83 -43.09
CA ALA A 66 0.86 23.77 -43.67
C ALA A 66 1.40 24.27 -45.02
N ILE A 67 2.41 23.56 -45.52
CA ILE A 67 3.01 23.91 -46.78
C ILE A 67 3.44 25.38 -46.75
N HIS A 68 4.68 25.59 -46.35
CA HIS A 68 5.23 26.94 -46.26
C HIS A 68 6.07 27.23 -47.51
N GLN A 69 5.38 27.69 -48.55
CA GLN A 69 6.04 28.01 -49.81
C GLN A 69 5.51 29.34 -50.35
N LEU A 70 6.41 30.07 -50.99
CA LEU A 70 6.05 31.36 -51.57
C LEU A 70 4.99 31.15 -52.65
N ARG A 71 4.10 32.12 -52.76
CA ARG A 71 3.03 32.05 -53.74
C ARG A 71 3.08 33.28 -54.66
N SER A 72 3.95 33.18 -55.67
CA SER A 72 4.11 34.27 -56.62
C SER A 72 4.67 33.73 -57.94
N VAL A 73 4.06 34.16 -59.02
CA VAL A 73 4.49 33.73 -60.34
C VAL A 73 5.43 34.78 -60.93
N LYS A 74 6.02 35.56 -60.05
CA LYS A 74 6.95 36.60 -60.47
C LYS A 74 8.37 36.03 -60.49
N MET A 75 9.33 36.92 -60.67
CA MET A 75 10.73 36.53 -60.72
C MET A 75 11.59 37.46 -59.86
N GLU A 76 12.84 37.06 -59.69
CA GLU A 76 13.77 37.84 -58.90
C GLU A 76 13.56 39.34 -59.15
N GLN A 77 13.58 40.09 -58.06
CA GLN A 77 13.39 41.53 -58.15
C GLN A 77 14.55 42.18 -58.91
N ARG A 78 14.36 43.45 -59.22
CA ARG A 78 15.39 44.20 -59.95
C ARG A 78 15.72 43.49 -61.27
N LYS A 79 14.68 43.35 -62.09
CA LYS A 79 14.84 42.70 -63.38
C LYS A 79 14.29 43.61 -64.48
N LEU A 80 13.01 43.96 -64.32
CA LEU A 80 12.37 44.82 -65.29
C LEU A 80 12.05 46.17 -64.64
N ASN A 81 11.77 47.16 -65.47
CA ASN A 81 11.45 48.49 -64.99
C ASN A 81 11.00 49.35 -66.16
N ASP A 82 11.65 49.17 -67.30
CA ASP A 82 11.32 49.92 -68.49
C ASP A 82 11.47 49.03 -69.72
N GLN A 83 10.39 48.33 -70.05
CA GLN A 83 10.39 47.44 -71.19
C GLN A 83 11.29 46.23 -70.91
N ALA A 84 12.58 46.50 -70.76
CA ALA A 84 13.55 45.45 -70.49
C ALA A 84 13.70 44.58 -71.74
N ASN A 85 14.94 44.20 -72.01
CA ASN A 85 15.23 43.37 -73.16
C ASN A 85 14.80 44.10 -74.44
N THR A 86 15.71 44.93 -74.95
CA THR A 86 15.44 45.68 -76.15
C THR A 86 16.69 46.44 -76.61
N LEU A 87 17.75 45.68 -76.86
CA LEU A 87 19.00 46.26 -77.29
C LEU A 87 19.36 45.72 -78.68
N VAL A 88 18.46 44.90 -79.21
CA VAL A 88 18.66 44.30 -80.52
C VAL A 88 17.31 44.12 -81.22
N ASP A 89 16.76 45.25 -81.65
CA ASP A 89 15.47 45.22 -82.33
C ASP A 89 15.52 46.16 -83.53
N LEU A 90 14.34 46.65 -83.91
CA LEU A 90 14.24 47.56 -85.03
C LEU A 90 14.16 46.75 -86.33
N ALA A 91 15.03 45.76 -86.42
CA ALA A 91 15.07 44.90 -87.59
C ALA A 91 13.68 44.32 -87.85
N LYS A 92 13.09 43.80 -86.78
CA LYS A 92 11.76 43.22 -86.88
C LYS A 92 11.82 41.98 -87.78
N THR A 93 11.83 42.24 -89.08
CA THR A 93 11.88 41.16 -90.06
C THR A 93 13.22 41.17 -90.79
N GLN A 94 13.98 42.24 -90.57
CA GLN A 94 15.27 42.38 -91.20
C GLN A 94 15.74 43.84 -91.12
N ARG A 3 -22.41 11.78 88.12
CA ARG A 3 -23.25 11.55 86.95
C ARG A 3 -22.66 10.43 86.09
N LYS A 4 -23.56 9.69 85.44
CA LYS A 4 -23.15 8.60 84.58
C LYS A 4 -22.75 9.15 83.21
N LEU A 5 -22.15 8.28 82.42
CA LEU A 5 -21.71 8.67 81.08
C LEU A 5 -22.60 7.97 80.04
N GLU A 6 -22.45 8.42 78.80
CA GLU A 6 -23.23 7.85 77.71
C GLU A 6 -22.59 8.20 76.36
N LEU A 7 -22.75 7.30 75.40
CA LEU A 7 -22.20 7.51 74.08
C LEU A 7 -20.69 7.72 74.18
N THR A 8 -20.04 7.61 73.04
CA THR A 8 -18.59 7.79 72.99
C THR A 8 -18.14 8.06 71.55
N LYS A 9 -18.10 9.35 71.22
CA LYS A 9 -17.70 9.76 69.88
C LYS A 9 -17.91 8.60 68.91
N ALA A 10 -16.84 7.86 68.66
CA ALA A 10 -16.90 6.73 67.75
C ALA A 10 -17.58 5.55 68.45
N GLU A 11 -18.62 5.04 67.81
CA GLU A 11 -19.36 3.92 68.36
C GLU A 11 -19.75 2.94 67.25
N LYS A 12 -19.11 3.13 66.09
CA LYS A 12 -19.37 2.27 64.95
C LYS A 12 -18.12 1.45 64.64
N HIS A 13 -16.97 2.05 64.90
CA HIS A 13 -15.71 1.38 64.65
C HIS A 13 -15.57 1.07 63.16
N VAL A 14 -14.43 1.48 62.60
CA VAL A 14 -14.17 1.25 61.19
C VAL A 14 -15.17 2.05 60.35
N HIS A 15 -14.62 2.75 59.37
CA HIS A 15 -15.45 3.57 58.49
C HIS A 15 -15.04 3.32 57.04
N ASN A 16 -13.77 3.63 56.76
CA ASN A 16 -13.25 3.46 55.41
C ASN A 16 -11.76 3.81 55.40
N PHE A 17 -10.99 3.01 56.14
CA PHE A 17 -9.56 3.22 56.22
C PHE A 17 -8.91 3.12 54.84
N MET A 18 -7.59 2.96 54.85
CA MET A 18 -6.84 2.85 53.62
C MET A 18 -6.77 1.40 53.15
N MET A 19 -7.82 0.98 52.45
CA MET A 19 -7.90 -0.37 51.94
C MET A 19 -8.14 -0.38 50.43
N ASP A 20 -9.32 0.11 50.05
CA ASP A 20 -9.68 0.17 48.65
C ASP A 20 -9.73 -1.25 48.08
N THR A 21 -10.91 -1.85 48.14
CA THR A 21 -11.09 -3.19 47.64
C THR A 21 -12.25 -3.24 46.64
N GLN A 22 -12.08 -2.50 45.55
CA GLN A 22 -13.09 -2.44 44.52
C GLN A 22 -12.55 -1.73 43.28
N LEU A 23 -12.04 -0.54 43.50
CA LEU A 23 -11.48 0.27 42.43
C LEU A 23 -9.96 0.08 42.38
N THR A 24 -9.55 -1.07 41.89
CA THR A 24 -8.14 -1.39 41.79
C THR A 24 -7.59 -0.99 40.41
N LYS A 25 -8.19 -1.59 39.39
CA LYS A 25 -7.78 -1.32 38.02
C LYS A 25 -9.01 -1.34 37.12
N ARG A 26 -8.88 -0.66 35.98
CA ARG A 26 -9.97 -0.60 35.01
C ARG A 26 -9.48 -0.99 33.63
N VAL A 27 -10.41 -1.47 32.81
CA VAL A 27 -10.08 -1.88 31.46
C VAL A 27 -8.75 -2.63 31.47
N LYS A 28 -8.72 -3.71 32.24
CA LYS A 28 -7.51 -4.51 32.34
C LYS A 28 -6.44 -3.72 33.06
N ASN A 29 -5.97 -2.68 32.40
CA ASN A 29 -4.93 -1.82 32.95
C ASN A 29 -3.57 -2.47 32.72
N ALA A 30 -3.38 -2.96 31.51
CA ALA A 30 -2.13 -3.59 31.14
C ALA A 30 -1.89 -3.43 29.64
N ALA A 31 -2.56 -2.43 29.08
CA ALA A 31 -2.43 -2.16 27.65
C ALA A 31 -3.45 -2.99 26.88
N ALA A 32 -4.60 -3.20 27.52
CA ALA A 32 -5.66 -3.99 26.90
C ALA A 32 -5.86 -3.52 25.46
N ASN A 33 -5.33 -4.30 24.53
CA ASN A 33 -5.44 -3.98 23.12
C ASN A 33 -4.91 -2.57 22.88
N VAL A 34 -4.13 -2.09 23.84
CA VAL A 34 -3.57 -0.76 23.75
C VAL A 34 -4.66 0.23 23.30
N LEU A 35 -5.90 -0.18 23.52
CA LEU A 35 -7.03 0.65 23.14
C LEU A 35 -7.11 0.73 21.61
N ARG A 36 -6.04 1.24 21.03
CA ARG A 36 -5.98 1.38 19.58
C ARG A 36 -6.10 0.01 18.90
N GLU A 37 -5.49 -0.97 19.53
CA GLU A 37 -5.51 -2.33 19.01
C GLU A 37 -5.15 -2.33 17.52
N THR A 38 -4.22 -1.45 17.18
CA THR A 38 -3.77 -1.35 15.81
C THR A 38 -3.05 -2.63 15.37
N TRP A 39 -2.59 -3.37 16.36
CA TRP A 39 -1.89 -4.62 16.10
C TRP A 39 -2.93 -5.73 15.97
N LEU A 40 -4.16 -5.39 16.29
CA LEU A 40 -5.26 -6.34 16.21
C LEU A 40 -5.94 -6.21 14.85
N ILE A 41 -5.70 -5.08 14.21
CA ILE A 41 -6.29 -4.83 12.90
C ILE A 41 -5.23 -5.03 11.82
N TYR A 42 -4.05 -4.49 12.08
CA TYR A 42 -2.94 -4.60 11.15
C TYR A 42 -3.45 -4.55 9.70
N LYS A 43 -3.48 -3.34 9.17
CA LYS A 43 -3.93 -3.13 7.81
C LYS A 43 -2.74 -2.74 6.92
N ASN A 44 -1.97 -3.74 6.53
CA ASN A 44 -0.81 -3.52 5.69
C ASN A 44 -0.32 -4.86 5.14
N THR A 45 0.00 -5.76 6.06
CA THR A 45 0.48 -7.08 5.68
C THR A 45 1.56 -6.96 4.60
N LYS A 46 1.86 -8.09 3.99
CA LYS A 46 2.87 -8.14 2.94
C LYS A 46 2.20 -8.54 1.62
N LEU A 47 3.03 -8.64 0.59
CA LEU A 47 2.54 -9.03 -0.73
C LEU A 47 1.39 -8.09 -1.12
N VAL A 48 1.73 -6.84 -1.35
CA VAL A 48 0.74 -5.84 -1.73
C VAL A 48 0.95 -5.46 -3.19
N LYS A 49 2.17 -5.01 -3.49
CA LYS A 49 2.51 -4.61 -4.84
C LYS A 49 2.84 -5.85 -5.66
N LYS A 50 1.90 -6.79 -5.69
CA LYS A 50 2.08 -8.01 -6.45
C LYS A 50 2.30 -7.68 -7.92
N ILE A 51 3.41 -8.20 -8.45
CA ILE A 51 3.75 -7.96 -9.84
C ILE A 51 2.57 -8.41 -10.72
N ASP A 52 2.73 -8.17 -12.02
CA ASP A 52 1.71 -8.54 -12.98
C ASP A 52 2.04 -9.90 -13.58
N HIS A 53 3.31 -10.09 -13.87
CA HIS A 53 3.77 -11.35 -14.44
C HIS A 53 5.28 -11.28 -14.69
N ALA A 54 5.64 -10.62 -15.79
CA ALA A 54 7.04 -10.48 -16.14
C ALA A 54 7.17 -9.50 -17.31
N LYS A 55 8.41 -9.26 -17.71
CA LYS A 55 8.67 -8.34 -18.81
C LYS A 55 8.46 -9.07 -20.13
N VAL A 56 8.79 -10.35 -20.13
CA VAL A 56 8.64 -11.17 -21.31
C VAL A 56 9.09 -10.38 -22.53
N ARG A 57 10.38 -10.43 -22.80
CA ARG A 57 10.94 -9.71 -23.93
C ARG A 57 12.02 -10.55 -24.62
N LYS A 58 11.66 -11.09 -25.77
CA LYS A 58 12.59 -11.92 -26.53
C LYS A 58 12.46 -11.59 -28.02
N HIS A 59 13.57 -11.78 -28.72
CA HIS A 59 13.59 -11.50 -30.16
C HIS A 59 14.72 -12.32 -30.81
N GLN A 60 14.65 -13.62 -30.59
CA GLN A 60 15.65 -14.52 -31.16
C GLN A 60 17.04 -13.88 -31.10
N ARG A 61 17.69 -14.05 -29.95
CA ARG A 61 19.01 -13.50 -29.75
C ARG A 61 20.03 -14.62 -29.54
N LYS A 62 20.12 -15.48 -30.54
CA LYS A 62 21.06 -16.61 -30.47
C LYS A 62 21.25 -17.17 -31.89
N PHE A 63 21.40 -16.27 -32.84
CA PHE A 63 21.59 -16.68 -34.22
C PHE A 63 23.08 -16.83 -34.54
N LEU A 64 23.35 -17.64 -35.57
CA LEU A 64 24.72 -17.88 -35.97
C LEU A 64 24.84 -17.69 -37.49
N GLN A 65 26.04 -17.36 -37.92
CA GLN A 65 26.29 -17.14 -39.34
C GLN A 65 27.43 -18.04 -39.82
N ALA A 66 28.49 -18.09 -39.03
CA ALA A 66 29.64 -18.91 -39.35
C ALA A 66 30.31 -19.38 -38.07
N ILE A 67 31.49 -18.82 -37.81
CA ILE A 67 32.24 -19.17 -36.62
C ILE A 67 32.72 -17.89 -35.93
N HIS A 68 34.03 -17.68 -35.98
CA HIS A 68 34.63 -16.50 -35.37
C HIS A 68 34.55 -15.32 -36.34
N GLN A 69 33.35 -15.12 -36.87
CA GLN A 69 33.13 -14.03 -37.80
C GLN A 69 34.14 -14.11 -38.95
N LEU A 70 33.94 -13.22 -39.93
CA LEU A 70 34.83 -13.18 -41.08
C LEU A 70 34.99 -14.59 -41.65
N ARG A 71 35.90 -14.71 -42.60
CA ARG A 71 36.15 -15.98 -43.24
C ARG A 71 37.35 -15.88 -44.17
N SER A 72 38.40 -16.60 -43.82
CA SER A 72 39.63 -16.60 -44.61
C SER A 72 40.27 -15.22 -44.58
N VAL A 73 41.51 -15.18 -44.10
CA VAL A 73 42.25 -13.94 -44.01
C VAL A 73 43.33 -13.91 -45.09
N LYS A 74 42.89 -13.93 -46.34
CA LYS A 74 43.82 -13.91 -47.46
C LYS A 74 43.02 -13.77 -48.76
N MET A 75 42.33 -12.67 -48.88
CA MET A 75 41.52 -12.41 -50.07
C MET A 75 41.96 -11.10 -50.75
N GLU A 76 41.56 -10.97 -52.00
CA GLU A 76 41.90 -9.78 -52.78
C GLU A 76 43.41 -9.74 -53.04
N GLN A 77 43.75 -9.22 -54.22
CA GLN A 77 45.15 -9.12 -54.61
C GLN A 77 45.40 -7.80 -55.34
N ARG A 78 46.67 -7.53 -55.59
CA ARG A 78 47.05 -6.31 -56.29
C ARG A 78 48.56 -6.32 -56.59
N LYS A 79 48.95 -5.41 -57.46
CA LYS A 79 50.35 -5.30 -57.85
C LYS A 79 50.72 -3.83 -58.01
N LEU A 80 52.01 -3.60 -58.24
CA LEU A 80 52.51 -2.24 -58.41
C LEU A 80 54.01 -2.28 -58.68
N ASN A 81 54.69 -3.15 -57.96
CA ASN A 81 56.13 -3.31 -58.12
C ASN A 81 56.41 -4.22 -59.31
N ASP A 82 55.84 -3.84 -60.45
CA ASP A 82 56.02 -4.61 -61.67
C ASP A 82 56.18 -3.65 -62.85
N GLN A 83 57.42 -3.29 -63.13
CA GLN A 83 57.71 -2.40 -64.23
C GLN A 83 58.15 -3.18 -65.46
N ALA A 84 58.24 -2.48 -66.57
CA ALA A 84 58.64 -3.10 -67.83
C ALA A 84 60.14 -3.39 -67.79
N ASN A 85 60.83 -2.64 -66.94
CA ASN A 85 62.27 -2.81 -66.79
C ASN A 85 62.95 -2.48 -68.13
N THR A 86 64.11 -1.86 -68.02
CA THR A 86 64.87 -1.49 -69.20
C THR A 86 63.94 -1.03 -70.31
N LEU A 87 63.64 0.27 -70.30
CA LEU A 87 62.75 0.84 -71.30
C LEU A 87 63.56 1.74 -72.23
N VAL A 88 64.80 2.00 -71.82
CA VAL A 88 65.68 2.85 -72.59
C VAL A 88 66.96 2.08 -72.93
N ASP A 89 68.03 2.44 -72.23
CA ASP A 89 69.31 1.79 -72.43
C ASP A 89 69.72 1.93 -73.90
N LEU A 90 70.91 1.44 -74.20
CA LEU A 90 71.43 1.51 -75.56
C LEU A 90 71.03 2.85 -76.17
N ALA A 91 70.92 3.86 -75.33
CA ALA A 91 70.55 5.19 -75.78
C ALA A 91 71.04 6.23 -74.76
N LYS A 92 70.58 6.07 -73.53
CA LYS A 92 70.96 6.98 -72.46
C LYS A 92 70.97 8.41 -73.00
N THR A 93 69.79 8.87 -73.38
CA THR A 93 69.65 10.21 -73.92
C THR A 93 70.83 10.55 -74.82
N GLN A 94 70.77 10.04 -76.04
CA GLN A 94 71.83 10.29 -77.00
C GLN A 94 71.69 11.69 -77.61
N ARG A 3 25.55 13.93 50.53
CA ARG A 3 24.74 14.86 49.76
C ARG A 3 25.33 15.01 48.35
N LYS A 4 24.88 14.14 47.46
CA LYS A 4 25.34 14.16 46.09
C LYS A 4 24.46 13.24 45.24
N LEU A 5 23.28 13.75 44.91
CA LEU A 5 22.34 12.99 44.10
C LEU A 5 21.13 13.87 43.79
N GLU A 6 20.35 13.42 42.81
CA GLU A 6 19.17 14.15 42.40
C GLU A 6 18.33 14.53 43.63
N LEU A 7 17.61 15.65 43.49
CA LEU A 7 16.79 16.13 44.58
C LEU A 7 15.87 17.24 44.06
N THR A 8 14.86 16.83 43.30
CA THR A 8 13.91 17.77 42.74
C THR A 8 12.55 17.64 43.41
N LYS A 9 12.49 18.10 44.66
CA LYS A 9 11.26 18.03 45.42
C LYS A 9 10.19 18.89 44.74
N ALA A 10 10.66 19.79 43.88
CA ALA A 10 9.76 20.67 43.15
C ALA A 10 9.39 20.03 41.81
N GLU A 11 10.40 19.92 40.95
CA GLU A 11 10.20 19.33 39.64
C GLU A 11 9.21 20.16 38.83
N LYS A 12 9.68 21.32 38.37
CA LYS A 12 8.84 22.21 37.58
C LYS A 12 7.38 22.08 38.05
N HIS A 13 7.16 22.41 39.30
CA HIS A 13 5.84 22.33 39.88
C HIS A 13 5.20 20.99 39.50
N VAL A 14 5.46 19.99 40.34
CA VAL A 14 4.92 18.66 40.11
C VAL A 14 4.79 18.42 38.61
N HIS A 15 5.88 17.94 38.02
CA HIS A 15 5.90 17.65 36.59
C HIS A 15 5.26 16.30 36.32
N ASN A 16 4.01 16.17 36.77
CA ASN A 16 3.28 14.93 36.59
C ASN A 16 2.03 14.94 37.48
N PHE A 17 1.01 15.65 37.02
CA PHE A 17 -0.23 15.75 37.77
C PHE A 17 -1.44 15.62 36.85
N MET A 18 -2.47 14.96 37.35
CA MET A 18 -3.69 14.76 36.58
C MET A 18 -3.36 14.41 35.13
N MET A 19 -2.56 13.38 34.96
CA MET A 19 -2.17 12.93 33.64
C MET A 19 -3.32 12.20 32.94
N ASP A 20 -4.09 11.48 33.76
CA ASP A 20 -5.22 10.72 33.24
C ASP A 20 -4.72 9.69 32.23
N THR A 21 -4.97 8.42 32.56
CA THR A 21 -4.54 7.33 31.70
C THR A 21 -3.19 7.64 31.06
N GLN A 22 -2.20 7.85 31.92
CA GLN A 22 -0.86 8.16 31.45
C GLN A 22 0.11 8.24 32.63
N LEU A 23 -0.39 8.81 33.72
CA LEU A 23 0.42 8.95 34.93
C LEU A 23 1.25 7.68 35.13
N THR A 24 0.56 6.58 35.31
CA THR A 24 1.22 5.29 35.52
C THR A 24 0.49 4.19 34.74
N LYS A 25 1.20 3.66 33.74
CA LYS A 25 0.65 2.60 32.92
C LYS A 25 -0.84 2.90 32.65
N ARG A 26 -1.63 1.84 32.63
CA ARG A 26 -3.05 1.97 32.38
C ARG A 26 -3.84 1.22 33.45
N VAL A 27 -4.84 0.46 33.00
CA VAL A 27 -5.67 -0.31 33.90
C VAL A 27 -5.00 -1.65 34.20
N LYS A 28 -3.72 -1.56 34.56
CA LYS A 28 -2.95 -2.75 34.89
C LYS A 28 -2.67 -3.53 33.60
N ASN A 29 -2.87 -2.84 32.48
CA ASN A 29 -2.63 -3.45 31.17
C ASN A 29 -3.55 -4.66 31.02
N ALA A 30 -4.84 -4.42 31.22
CA ALA A 30 -5.83 -5.48 31.10
C ALA A 30 -6.24 -5.62 29.62
N ALA A 31 -5.92 -4.60 28.85
CA ALA A 31 -6.25 -4.59 27.44
C ALA A 31 -5.71 -3.31 26.80
N ALA A 32 -4.54 -2.90 27.27
CA ALA A 32 -3.91 -1.69 26.75
C ALA A 32 -3.66 -1.86 25.25
N ASN A 33 -3.63 -3.11 24.83
CA ASN A 33 -3.40 -3.41 23.42
C ASN A 33 -4.63 -2.99 22.61
N VAL A 34 -5.79 -3.21 23.19
CA VAL A 34 -7.04 -2.85 22.53
C VAL A 34 -7.28 -1.35 22.68
N LEU A 35 -6.46 -0.73 23.52
CA LEU A 35 -6.57 0.70 23.75
C LEU A 35 -6.35 1.45 22.45
N ARG A 36 -5.55 0.85 21.59
CA ARG A 36 -5.25 1.45 20.30
C ARG A 36 -5.79 0.58 19.17
N GLU A 37 -5.93 -0.70 19.46
CA GLU A 37 -6.43 -1.65 18.48
C GLU A 37 -5.49 -1.73 17.28
N THR A 38 -4.20 -1.69 17.58
CA THR A 38 -3.18 -1.75 16.54
C THR A 38 -2.46 -3.09 16.59
N TRP A 39 -3.20 -4.12 16.93
CA TRP A 39 -2.64 -5.46 17.03
C TRP A 39 -3.70 -6.45 16.53
N LEU A 40 -4.75 -5.90 15.94
CA LEU A 40 -5.83 -6.73 15.43
C LEU A 40 -6.33 -6.13 14.11
N ILE A 41 -5.70 -5.03 13.71
CA ILE A 41 -6.07 -4.36 12.48
C ILE A 41 -5.01 -4.65 11.41
N TYR A 42 -3.75 -4.51 11.81
CA TYR A 42 -2.65 -4.75 10.90
C TYR A 42 -2.74 -3.84 9.68
N LYS A 43 -1.97 -2.76 9.71
CA LYS A 43 -1.95 -1.81 8.62
C LYS A 43 -1.94 -2.57 7.29
N ASN A 44 -1.20 -3.67 7.28
CA ASN A 44 -1.10 -4.49 6.08
C ASN A 44 -0.72 -5.92 6.47
N THR A 45 0.53 -6.06 6.89
CA THR A 45 1.04 -7.37 7.29
C THR A 45 1.40 -7.35 8.78
N LYS A 46 1.68 -8.55 9.30
CA LYS A 46 2.05 -8.68 10.70
C LYS A 46 3.56 -8.77 10.82
N LEU A 47 4.15 -7.68 11.29
CA LEU A 47 5.60 -7.63 11.46
C LEU A 47 5.99 -8.34 12.76
N VAL A 48 5.56 -9.58 12.85
CA VAL A 48 5.85 -10.38 14.04
C VAL A 48 6.10 -11.84 13.62
N LYS A 49 5.19 -12.33 12.79
CA LYS A 49 5.30 -13.70 12.31
C LYS A 49 4.90 -13.75 10.84
N LYS A 50 5.42 -14.75 10.14
CA LYS A 50 5.13 -14.92 8.74
C LYS A 50 3.61 -14.95 8.52
N ILE A 51 3.21 -14.69 7.29
CA ILE A 51 1.80 -14.68 6.95
C ILE A 51 1.10 -15.84 7.67
N ASP A 52 -0.20 -15.70 7.83
CA ASP A 52 -0.99 -16.72 8.49
C ASP A 52 -2.48 -16.46 8.25
N HIS A 53 -2.84 -15.18 8.37
CA HIS A 53 -4.22 -14.78 8.16
C HIS A 53 -4.51 -14.66 6.65
N ALA A 54 -3.52 -14.14 5.94
CA ALA A 54 -3.65 -13.98 4.51
C ALA A 54 -4.98 -13.28 4.19
N LYS A 55 -5.25 -13.15 2.91
CA LYS A 55 -6.48 -12.52 2.46
C LYS A 55 -7.56 -13.59 2.28
N VAL A 56 -7.74 -14.39 3.32
CA VAL A 56 -8.74 -15.45 3.29
C VAL A 56 -9.62 -15.35 4.54
N ARG A 57 -10.37 -14.26 4.59
CA ARG A 57 -11.26 -14.03 5.72
C ARG A 57 -12.66 -13.66 5.22
N LYS A 58 -13.35 -12.87 6.02
CA LYS A 58 -14.70 -12.43 5.67
C LYS A 58 -14.62 -11.47 4.49
N HIS A 59 -15.28 -11.86 3.41
CA HIS A 59 -15.30 -11.02 2.21
C HIS A 59 -16.60 -11.27 1.45
N GLN A 60 -17.70 -11.04 2.13
CA GLN A 60 -19.01 -11.23 1.52
C GLN A 60 -19.14 -12.66 0.99
N ARG A 61 -19.83 -13.49 1.77
CA ARG A 61 -20.04 -14.88 1.39
C ARG A 61 -20.68 -14.96 0.01
N LYS A 62 -20.71 -16.17 -0.53
CA LYS A 62 -21.30 -16.39 -1.84
C LYS A 62 -22.31 -17.54 -1.75
N PHE A 63 -23.00 -17.76 -2.86
CA PHE A 63 -24.01 -18.81 -2.91
C PHE A 63 -24.59 -18.93 -4.33
N LEU A 64 -25.51 -19.87 -4.47
CA LEU A 64 -26.16 -20.10 -5.75
C LEU A 64 -27.33 -19.12 -5.91
N GLN A 65 -28.14 -19.05 -4.87
CA GLN A 65 -29.29 -18.17 -4.87
C GLN A 65 -29.16 -17.10 -3.78
N ALA A 66 -28.78 -17.56 -2.59
CA ALA A 66 -28.61 -16.66 -1.47
C ALA A 66 -29.97 -16.41 -0.81
N ILE A 67 -30.19 -17.11 0.29
CA ILE A 67 -31.45 -16.97 1.02
C ILE A 67 -31.15 -16.78 2.51
N HIS A 68 -31.39 -17.84 3.27
CA HIS A 68 -31.15 -17.80 4.71
C HIS A 68 -30.90 -19.22 5.22
N GLN A 69 -30.35 -20.04 4.33
CA GLN A 69 -30.05 -21.43 4.68
C GLN A 69 -28.84 -21.93 3.89
N LEU A 70 -28.45 -23.16 4.19
CA LEU A 70 -27.31 -23.76 3.52
C LEU A 70 -27.55 -25.26 3.36
N ARG A 71 -26.58 -25.93 2.75
CA ARG A 71 -26.68 -27.36 2.53
C ARG A 71 -27.81 -27.68 1.56
N SER A 72 -27.76 -28.88 1.02
CA SER A 72 -28.77 -29.32 0.08
C SER A 72 -29.10 -30.80 0.31
N VAL A 73 -30.37 -31.13 0.14
CA VAL A 73 -30.83 -32.49 0.32
C VAL A 73 -30.64 -33.27 -0.98
N LYS A 74 -29.39 -33.34 -1.42
CA LYS A 74 -29.07 -34.05 -2.66
C LYS A 74 -29.69 -33.30 -3.84
N MET A 75 -28.82 -32.60 -4.56
CA MET A 75 -29.26 -31.85 -5.72
C MET A 75 -29.83 -32.77 -6.81
N GLU A 76 -30.39 -32.15 -7.83
CA GLU A 76 -30.96 -32.90 -8.93
C GLU A 76 -32.16 -33.74 -8.45
N GLN A 77 -33.30 -33.51 -9.07
CA GLN A 77 -34.50 -34.23 -8.72
C GLN A 77 -34.21 -35.73 -8.61
N ARG A 78 -35.22 -36.47 -8.15
CA ARG A 78 -35.09 -37.90 -7.99
C ARG A 78 -36.43 -38.59 -8.26
N LYS A 79 -36.36 -39.67 -9.01
CA LYS A 79 -37.56 -40.43 -9.35
C LYS A 79 -38.43 -40.57 -8.10
N LEU A 80 -39.70 -40.86 -8.34
CA LEU A 80 -40.65 -41.02 -7.24
C LEU A 80 -41.31 -42.40 -7.35
N ASN A 81 -42.43 -42.43 -8.05
CA ASN A 81 -43.17 -43.68 -8.22
C ASN A 81 -43.33 -44.36 -6.87
N ASP A 82 -43.29 -43.55 -5.82
CA ASP A 82 -43.44 -44.06 -4.48
C ASP A 82 -42.57 -45.32 -4.31
N GLN A 83 -41.34 -45.10 -3.85
CA GLN A 83 -40.42 -46.20 -3.66
C GLN A 83 -40.54 -47.22 -4.79
N ALA A 84 -39.95 -46.88 -5.92
CA ALA A 84 -39.99 -47.74 -7.08
C ALA A 84 -38.88 -48.79 -6.97
N ASN A 85 -39.17 -49.84 -6.20
CA ASN A 85 -38.21 -50.91 -6.00
C ASN A 85 -36.92 -50.33 -5.41
N THR A 86 -36.03 -49.92 -6.29
CA THR A 86 -34.77 -49.36 -5.87
C THR A 86 -34.19 -50.15 -4.69
N LEU A 87 -34.01 -51.44 -4.92
CA LEU A 87 -33.46 -52.31 -3.89
C LEU A 87 -32.02 -51.93 -3.61
N VAL A 88 -31.48 -51.08 -4.48
CA VAL A 88 -30.11 -50.62 -4.34
C VAL A 88 -29.23 -51.81 -3.92
N ASP A 89 -29.15 -52.79 -4.80
CA ASP A 89 -28.35 -53.97 -4.54
C ASP A 89 -27.38 -54.20 -5.70
N LEU A 90 -26.37 -53.36 -5.76
CA LEU A 90 -25.36 -53.45 -6.81
C LEU A 90 -24.24 -54.38 -6.35
N ALA A 91 -24.52 -55.13 -5.29
CA ALA A 91 -23.54 -56.05 -4.75
C ALA A 91 -22.44 -55.26 -4.03
N LYS A 92 -22.84 -54.55 -2.99
CA LYS A 92 -21.91 -53.75 -2.23
C LYS A 92 -21.24 -54.64 -1.17
N THR A 93 -21.93 -54.79 -0.05
CA THR A 93 -21.42 -55.60 1.04
C THR A 93 -19.95 -55.26 1.31
N GLN A 94 -19.72 -54.02 1.71
CA GLN A 94 -18.38 -53.56 2.00
C GLN A 94 -18.36 -52.73 3.28
#